data_6CBK
#
_entry.id   6CBK
#
_cell.length_a   62.726
_cell.length_b   82.705
_cell.length_c   100.860
_cell.angle_alpha   75.59
_cell.angle_beta   88.85
_cell.angle_gamma   70.60
#
_symmetry.space_group_name_H-M   'P 1'
#
loop_
_entity.id
_entity.type
_entity.pdbx_description
1 polymer 'Neamine transaminase NeoN'
2 non-polymer "4'-DEOXY-4'-AMINOPYRIDOXAL-5'-PHOSPHATE"
3 non-polymer 1,2-ETHANEDIOL
4 non-polymer 'SODIUM ION'
5 water water
#
_entity_poly.entity_id   1
_entity_poly.type   'polypeptide(L)'
_entity_poly.pdbx_seq_one_letter_code
;MTKNSSLLAEFPTCPRDEKDRPRVFTAASGAWLTDESGFRWIDFDNARGSILLGHGDPVVAEAVARAATGADGTATGWSR
RVDAVLERLHALCGGEVVGLFRSGTAAVRAAVLAVREATGRPLLLSAGYHGYDPMWYPSEAPLEPNADGVVDFFFDLGLL
RELLRAPERVAAVVVSPDHMHLSPGWYRELRRLCSAAGVVLVADEVKVGLRYAPGLSTAELLAPDVWVVAKGMANGHAVS
AVGGSRRLLKPLKEVSFTSFFEPTILAAADAALARVATGEPQRAVREAGDRFLRHARKALDDASLPVEIAGDGTFFQFVP
ATEELEEALYGAANAEGLLFYAGDNQGVSAAFDEAVLGEAERRFARVCERLAPYAGGEPVGDAARYRVAWNVMDGLRQAP
RDREETTGLLARLLDDLEHHHHHH
;
_entity_poly.pdbx_strand_id   A,B,C,D
#
loop_
_chem_comp.id
_chem_comp.type
_chem_comp.name
_chem_comp.formula
EDO non-polymer 1,2-ETHANEDIOL 'C2 H6 O2'
NA non-polymer 'SODIUM ION' 'Na 1'
PMP non-polymer 4'-DEOXY-4'-AMINOPYRIDOXAL-5'-PHOSPHATE 'C8 H13 N2 O5 P'
#
# COMPACT_ATOMS: atom_id res chain seq x y z
N SER A 6 -30.37 29.66 4.87
CA SER A 6 -30.90 29.99 6.22
C SER A 6 -30.36 29.09 7.33
N LEU A 7 -29.85 27.90 6.98
CA LEU A 7 -29.44 26.95 7.98
C LEU A 7 -28.14 27.37 8.67
N LEU A 8 -27.31 28.15 7.98
CA LEU A 8 -25.94 28.39 8.48
C LEU A 8 -25.93 29.31 9.70
N ALA A 9 -25.37 28.80 10.81
CA ALA A 9 -25.31 29.48 12.09
C ALA A 9 -24.20 30.53 12.10
N GLU A 10 -23.18 30.27 11.30
CA GLU A 10 -22.03 31.18 11.21
C GLU A 10 -22.25 32.29 10.15
N PHE A 11 -21.34 33.26 10.09
CA PHE A 11 -21.36 34.24 8.99
C PHE A 11 -19.96 34.27 8.36
N PRO A 12 -19.74 33.35 7.44
CA PRO A 12 -18.37 33.23 6.92
C PRO A 12 -17.95 34.39 6.01
N THR A 13 -16.70 34.83 6.14
CA THR A 13 -16.14 35.76 5.19
C THR A 13 -15.96 35.13 3.85
N CYS A 14 -16.55 35.75 2.82
CA CYS A 14 -16.49 35.26 1.46
C CYS A 14 -16.99 36.34 0.54
N PRO A 15 -16.78 36.15 -0.76
CA PRO A 15 -17.30 37.09 -1.73
C PRO A 15 -18.82 37.07 -1.72
N ARG A 16 -19.41 38.26 -1.70
CA ARG A 16 -20.85 38.42 -1.59
C ARG A 16 -21.28 39.45 -2.62
N ASP A 17 -22.52 39.31 -3.06
CA ASP A 17 -23.09 40.13 -4.09
C ASP A 17 -23.70 41.40 -3.50
N GLU A 18 -24.39 42.17 -4.35
CA GLU A 18 -24.97 43.45 -3.94
C GLU A 18 -26.02 43.33 -2.85
N LYS A 19 -26.63 42.14 -2.70
CA LYS A 19 -27.57 41.86 -1.61
C LYS A 19 -26.88 41.15 -0.43
N ASP A 20 -25.55 41.13 -0.42
CA ASP A 20 -24.77 40.46 0.64
C ASP A 20 -24.96 38.94 0.66
N ARG A 21 -25.45 38.38 -0.45
CA ARG A 21 -25.59 36.93 -0.58
C ARG A 21 -24.27 36.32 -1.09
N PRO A 22 -23.83 35.18 -0.53
CA PRO A 22 -22.56 34.63 -1.07
C PRO A 22 -22.59 34.33 -2.56
N ARG A 23 -21.52 34.73 -3.24
CA ARG A 23 -21.30 34.30 -4.60
C ARG A 23 -21.03 32.81 -4.62
N VAL A 24 -21.63 32.12 -5.58
CA VAL A 24 -21.47 30.67 -5.69
C VAL A 24 -20.50 30.34 -6.83
N PHE A 25 -19.37 29.70 -6.50
CA PHE A 25 -18.35 29.32 -7.49
C PHE A 25 -18.43 27.81 -7.73
N THR A 26 -18.61 27.42 -8.98
CA THR A 26 -18.68 26.02 -9.37
C THR A 26 -17.37 25.40 -9.83
N ALA A 27 -16.38 26.20 -10.20
CA ALA A 27 -15.12 25.63 -10.65
C ALA A 27 -14.01 26.63 -10.45
N ALA A 28 -12.78 26.12 -10.42
CA ALA A 28 -11.63 26.99 -10.27
C ALA A 28 -10.43 26.34 -10.85
N SER A 29 -9.58 27.14 -11.48
CA SER A 29 -8.35 26.61 -12.03
C SER A 29 -7.33 27.77 -12.15
N GLY A 30 -6.22 27.66 -11.40
CA GLY A 30 -5.15 28.65 -11.41
C GLY A 30 -5.68 29.96 -10.85
N ALA A 31 -5.74 30.97 -11.71
CA ALA A 31 -6.20 32.29 -11.30
C ALA A 31 -7.70 32.53 -11.52
N TRP A 32 -8.40 31.58 -12.13
CA TRP A 32 -9.72 31.78 -12.70
C TRP A 32 -10.73 31.04 -11.86
N LEU A 33 -11.85 31.71 -11.55
CA LEU A 33 -13.06 31.10 -11.02
C LEU A 33 -14.21 31.21 -12.00
N THR A 34 -15.11 30.23 -11.93
CA THR A 34 -16.40 30.27 -12.61
C THR A 34 -17.53 30.27 -11.61
N ASP A 35 -18.47 31.22 -11.76
CA ASP A 35 -19.59 31.31 -10.84
C ASP A 35 -20.76 30.59 -11.46
N GLU A 36 -21.84 30.51 -10.69
CA GLU A 36 -22.98 29.64 -10.99
C GLU A 36 -23.65 30.07 -12.29
N SER A 37 -23.61 31.36 -12.57
CA SER A 37 -24.13 31.90 -13.84
C SER A 37 -23.23 31.61 -15.01
N GLY A 38 -22.01 31.15 -14.77
CA GLY A 38 -21.04 30.92 -15.84
C GLY A 38 -20.03 32.05 -16.05
N PHE A 39 -20.15 33.12 -15.27
CA PHE A 39 -19.29 34.31 -15.41
C PHE A 39 -17.92 33.94 -14.84
N ARG A 40 -16.86 34.30 -15.57
CA ARG A 40 -15.49 33.94 -15.23
C ARG A 40 -14.74 35.12 -14.58
N TRP A 41 -14.10 34.84 -13.43
CA TRP A 41 -13.50 35.89 -12.61
C TRP A 41 -12.03 35.61 -12.44
N ILE A 42 -11.22 36.67 -12.40
CA ILE A 42 -9.82 36.61 -12.00
C ILE A 42 -9.74 36.87 -10.48
N ASP A 43 -9.16 35.92 -9.75
CA ASP A 43 -9.26 35.87 -8.27
C ASP A 43 -8.04 36.55 -7.64
N PHE A 44 -8.32 37.68 -6.98
CA PHE A 44 -7.30 38.40 -6.19
C PHE A 44 -7.49 38.14 -4.70
N ASP A 45 -8.55 37.41 -4.35
CA ASP A 45 -8.93 37.13 -2.96
C ASP A 45 -8.16 35.89 -2.49
N ASN A 46 -8.34 34.79 -3.24
CA ASN A 46 -7.55 33.55 -3.13
C ASN A 46 -7.59 33.04 -1.72
N ALA A 47 -8.83 32.84 -1.26
CA ALA A 47 -9.13 32.39 0.06
C ALA A 47 -8.35 33.23 1.09
N ARG A 48 -8.47 34.53 0.94
CA ARG A 48 -7.94 35.51 1.86
C ARG A 48 -6.44 35.43 1.93
N GLY A 49 -5.84 35.05 0.82
CA GLY A 49 -4.39 34.98 0.70
C GLY A 49 -3.79 33.65 1.12
N SER A 50 -4.59 32.59 1.15
CA SER A 50 -4.14 31.25 1.52
C SER A 50 -3.87 30.37 0.30
N ILE A 51 -4.19 30.88 -0.88
CA ILE A 51 -3.88 30.20 -2.15
C ILE A 51 -2.67 30.82 -2.85
N LEU A 52 -1.48 30.52 -2.34
CA LEU A 52 -0.25 31.05 -2.90
C LEU A 52 0.02 30.52 -4.28
N LEU A 53 -0.34 29.27 -4.52
CA LEU A 53 0.08 28.59 -5.73
C LEU A 53 -0.91 28.73 -6.88
N GLY A 54 -2.20 28.81 -6.57
CA GLY A 54 -3.22 28.79 -7.62
C GLY A 54 -4.23 27.70 -7.29
N HIS A 55 -5.45 27.86 -7.80
CA HIS A 55 -6.50 26.90 -7.51
C HIS A 55 -6.25 25.59 -8.30
N GLY A 56 -6.45 24.46 -7.63
CA GLY A 56 -6.27 23.18 -8.29
C GLY A 56 -4.84 22.99 -8.78
N ASP A 57 -3.86 23.45 -8.01
CA ASP A 57 -2.47 23.28 -8.41
C ASP A 57 -2.18 21.80 -8.69
N PRO A 58 -1.61 21.49 -9.85
CA PRO A 58 -1.56 20.06 -10.22
C PRO A 58 -0.68 19.20 -9.34
N VAL A 59 0.43 19.74 -8.88
CA VAL A 59 1.28 18.97 -8.02
C VAL A 59 0.64 18.71 -6.67
N VAL A 60 0.08 19.75 -6.06
CA VAL A 60 -0.65 19.52 -4.83
C VAL A 60 -1.81 18.59 -5.07
N ALA A 61 -2.49 18.78 -6.20
CA ALA A 61 -3.67 17.96 -6.46
C ALA A 61 -3.35 16.46 -6.52
N GLU A 62 -2.24 16.10 -7.16
CA GLU A 62 -1.78 14.70 -7.22
C GLU A 62 -1.34 14.19 -5.89
N ALA A 63 -0.67 15.02 -5.10
CA ALA A 63 -0.29 14.60 -3.77
C ALA A 63 -1.54 14.31 -2.95
N VAL A 64 -2.55 15.17 -3.04
CA VAL A 64 -3.79 14.95 -2.28
C VAL A 64 -4.53 13.71 -2.76
N ALA A 65 -4.65 13.57 -4.07
CA ALA A 65 -5.31 12.40 -4.64
C ALA A 65 -4.67 11.09 -4.17
N ARG A 66 -3.33 11.02 -4.21
CA ARG A 66 -2.58 9.84 -3.78
C ARG A 66 -2.87 9.59 -2.31
N ALA A 67 -2.73 10.63 -1.48
CA ALA A 67 -2.98 10.45 -0.05
C ALA A 67 -4.43 10.01 0.28
N ALA A 68 -5.37 10.41 -0.56
CA ALA A 68 -6.77 10.04 -0.36
C ALA A 68 -7.00 8.55 -0.49
N THR A 69 -6.13 7.88 -1.25
CA THR A 69 -6.23 6.43 -1.45
C THR A 69 -5.69 5.61 -0.32
N GLY A 70 -4.92 6.20 0.59
CA GLY A 70 -4.26 5.43 1.65
C GLY A 70 -2.80 5.11 1.39
N ALA A 71 -2.30 5.44 0.21
CA ALA A 71 -0.96 5.03 -0.22
C ALA A 71 0.19 5.75 0.50
N ASP A 72 -0.15 6.77 1.29
CA ASP A 72 0.84 7.48 2.07
C ASP A 72 0.64 7.30 3.56
N GLY A 73 -0.33 6.47 3.91
CA GLY A 73 -0.56 6.15 5.30
C GLY A 73 -1.98 6.48 5.69
N THR A 74 -2.19 6.50 6.97
CA THR A 74 -3.54 6.44 7.56
C THR A 74 -3.73 7.53 8.61
N ALA A 75 -4.98 7.96 8.79
CA ALA A 75 -5.35 8.84 9.87
C ALA A 75 -5.23 8.16 11.21
N THR A 76 -5.09 6.84 11.23
CA THR A 76 -4.91 6.15 12.47
C THR A 76 -3.62 6.55 13.22
N GLY A 77 -2.55 6.87 12.48
CA GLY A 77 -1.34 7.30 13.18
C GLY A 77 -0.20 7.76 12.31
N TRP A 78 0.99 7.72 12.89
CA TRP A 78 2.14 8.38 12.31
C TRP A 78 2.48 7.94 10.93
N SER A 79 2.95 8.89 10.12
CA SER A 79 3.52 8.62 8.83
C SER A 79 4.75 9.49 8.68
N ARG A 80 5.65 9.07 7.77
CA ARG A 80 6.87 9.84 7.51
C ARG A 80 6.55 11.24 6.96
N ARG A 81 5.39 11.43 6.38
CA ARG A 81 4.99 12.78 6.06
C ARG A 81 4.82 13.73 7.23
N VAL A 82 4.50 13.23 8.41
CA VAL A 82 4.49 14.07 9.59
C VAL A 82 5.87 14.64 9.84
N ASP A 83 6.87 13.79 9.77
CA ASP A 83 8.26 14.22 10.00
C ASP A 83 8.66 15.22 8.94
N ALA A 84 8.28 14.94 7.69
CA ALA A 84 8.59 15.82 6.58
C ALA A 84 8.06 17.24 6.80
N VAL A 85 6.80 17.33 7.24
CA VAL A 85 6.18 18.61 7.43
C VAL A 85 6.83 19.36 8.58
N LEU A 86 7.05 18.68 9.71
CA LEU A 86 7.62 19.34 10.86
C LEU A 86 9.05 19.83 10.52
N GLU A 87 9.81 18.97 9.83
CA GLU A 87 11.20 19.32 9.48
C GLU A 87 11.22 20.55 8.56
N ARG A 88 10.33 20.59 7.57
CA ARG A 88 10.29 21.70 6.62
C ARG A 88 9.94 23.01 7.36
N LEU A 89 8.96 22.96 8.26
CA LEU A 89 8.57 24.15 9.00
C LEU A 89 9.70 24.66 9.91
N HIS A 90 10.37 23.73 10.55
CA HIS A 90 11.48 24.06 11.44
C HIS A 90 12.64 24.68 10.68
N ALA A 91 12.93 24.13 9.51
CA ALA A 91 13.98 24.71 8.62
C ALA A 91 13.62 26.12 8.14
N LEU A 92 12.35 26.34 7.81
CA LEU A 92 11.90 27.61 7.27
C LEU A 92 11.76 28.72 8.32
N CYS A 93 11.25 28.38 9.49
CA CYS A 93 10.88 29.36 10.48
C CYS A 93 11.75 29.37 11.74
N GLY A 94 12.54 28.31 11.97
CA GLY A 94 13.39 28.23 13.17
C GLY A 94 12.62 27.91 14.43
N GLY A 95 13.28 28.15 15.56
CA GLY A 95 12.84 27.69 16.85
C GLY A 95 13.26 26.24 17.12
N GLU A 96 12.87 25.75 18.28
CA GLU A 96 13.22 24.43 18.75
C GLU A 96 12.16 23.38 18.44
N VAL A 97 10.89 23.74 18.59
CA VAL A 97 9.80 22.79 18.43
C VAL A 97 8.76 23.35 17.45
N VAL A 98 7.87 22.47 17.01
CA VAL A 98 6.84 22.87 16.05
C VAL A 98 5.58 22.13 16.46
N GLY A 99 4.43 22.78 16.44
CA GLY A 99 3.13 22.06 16.55
C GLY A 99 2.18 22.35 15.40
N LEU A 100 1.26 21.45 15.14
CA LEU A 100 0.34 21.60 14.02
C LEU A 100 -1.08 21.69 14.59
N PHE A 101 -1.89 22.48 13.90
CA PHE A 101 -3.27 22.78 14.34
C PHE A 101 -4.17 22.85 13.12
N ARG A 102 -5.48 22.96 13.38
CA ARG A 102 -6.47 22.89 12.31
C ARG A 102 -7.02 24.24 11.83
N SER A 103 -6.62 25.36 12.42
CA SER A 103 -6.98 26.69 11.91
C SER A 103 -5.97 27.65 12.50
N GLY A 104 -5.92 28.84 11.92
CA GLY A 104 -5.10 29.92 12.50
C GLY A 104 -5.60 30.26 13.89
N THR A 105 -6.93 30.24 14.03
CA THR A 105 -7.55 30.58 15.29
C THR A 105 -7.08 29.64 16.38
N ALA A 106 -7.18 28.33 16.10
CA ALA A 106 -6.75 27.34 17.10
C ALA A 106 -5.25 27.50 17.44
N ALA A 107 -4.45 27.76 16.42
CA ALA A 107 -2.98 27.84 16.62
C ALA A 107 -2.62 29.04 17.48
N VAL A 108 -3.18 30.20 17.20
CA VAL A 108 -2.78 31.40 17.94
C VAL A 108 -3.28 31.26 19.40
N ARG A 109 -4.50 30.76 19.60
CA ARG A 109 -5.00 30.57 20.94
C ARG A 109 -4.10 29.62 21.75
N ALA A 110 -3.76 28.48 21.17
CA ALA A 110 -2.92 27.51 21.86
C ALA A 110 -1.57 28.12 22.15
N ALA A 111 -1.04 28.85 21.19
CA ALA A 111 0.33 29.40 21.39
C ALA A 111 0.34 30.38 22.55
N VAL A 112 -0.67 31.28 22.59
CA VAL A 112 -0.63 32.33 23.61
C VAL A 112 -0.96 31.79 24.99
N LEU A 113 -1.91 30.84 25.08
CA LEU A 113 -2.17 30.17 26.35
C LEU A 113 -0.94 29.38 26.85
N ALA A 114 -0.19 28.78 25.92
CA ALA A 114 1.04 28.08 26.32
C ALA A 114 2.02 29.05 26.95
N VAL A 115 2.21 30.19 26.31
CA VAL A 115 3.14 31.22 26.82
C VAL A 115 2.66 31.76 28.15
N ARG A 116 1.36 31.98 28.29
CA ARG A 116 0.81 32.39 29.59
C ARG A 116 1.13 31.38 30.68
N GLU A 117 0.90 30.10 30.40
CA GLU A 117 1.24 29.04 31.36
C GLU A 117 2.75 29.00 31.64
N ALA A 118 3.59 29.09 30.59
CA ALA A 118 5.04 28.87 30.77
C ALA A 118 5.67 30.05 31.55
N THR A 119 5.14 31.26 31.35
CA THR A 119 5.68 32.45 32.06
C THR A 119 5.04 32.68 33.43
N GLY A 120 3.83 32.16 33.61
CA GLY A 120 2.99 32.33 34.79
C GLY A 120 2.49 33.76 34.93
N ARG A 121 2.41 34.49 33.83
CA ARG A 121 1.98 35.90 33.89
C ARG A 121 0.64 36.01 33.17
N PRO A 122 -0.29 36.87 33.64
CA PRO A 122 -1.70 36.85 33.22
C PRO A 122 -2.07 37.62 31.93
N LEU A 123 -1.30 38.63 31.56
CA LEU A 123 -1.77 39.55 30.51
C LEU A 123 -1.14 39.25 29.17
N LEU A 124 -1.94 39.42 28.11
CA LEU A 124 -1.42 39.42 26.75
C LEU A 124 -1.66 40.80 26.14
N LEU A 125 -0.62 41.42 25.60
CA LEU A 125 -0.79 42.70 24.95
C LEU A 125 -0.83 42.44 23.44
N SER A 126 -1.96 42.79 22.81
CA SER A 126 -2.25 42.35 21.46
C SER A 126 -2.35 43.49 20.46
N ALA A 127 -1.86 43.27 19.25
CA ALA A 127 -2.25 44.14 18.12
C ALA A 127 -2.60 43.24 16.94
N GLY A 128 -3.71 43.56 16.29
CA GLY A 128 -4.16 42.80 15.10
C GLY A 128 -5.19 41.73 15.39
N TYR A 129 -5.61 41.07 14.31
CA TYR A 129 -6.59 40.00 14.37
C TYR A 129 -5.88 38.68 14.59
N HIS A 130 -6.42 37.90 15.52
CA HIS A 130 -5.85 36.60 15.88
C HIS A 130 -6.79 35.44 15.69
N GLY A 131 -7.95 35.70 15.11
CA GLY A 131 -8.91 34.63 14.88
C GLY A 131 -10.24 34.86 15.54
N TYR A 132 -11.17 33.95 15.32
CA TYR A 132 -12.55 34.18 15.75
C TYR A 132 -12.84 33.92 17.19
N ASP A 133 -11.93 33.29 17.91
CA ASP A 133 -12.26 32.85 19.26
C ASP A 133 -12.66 34.03 20.17
N PRO A 134 -13.68 33.82 21.05
CA PRO A 134 -14.09 34.89 21.98
C PRO A 134 -13.02 35.45 22.92
N MET A 135 -11.90 34.73 23.11
CA MET A 135 -10.82 35.28 23.93
C MET A 135 -10.35 36.64 23.42
N TRP A 136 -10.57 36.91 22.14
CA TRP A 136 -10.07 38.12 21.52
C TRP A 136 -11.12 39.23 21.45
N TYR A 137 -12.31 39.01 22.01
CA TYR A 137 -13.37 40.00 21.91
C TYR A 137 -13.00 41.29 22.63
N PRO A 138 -13.47 42.43 22.11
CA PRO A 138 -13.14 43.72 22.72
C PRO A 138 -13.46 43.83 24.22
N SER A 139 -12.59 44.54 24.93
CA SER A 139 -12.84 44.86 26.35
C SER A 139 -13.93 45.92 26.40
N GLU A 140 -14.57 46.02 27.56
CA GLU A 140 -15.60 47.03 27.77
C GLU A 140 -15.07 48.47 27.75
N ALA A 141 -13.78 48.67 27.97
CA ALA A 141 -13.19 50.01 27.87
C ALA A 141 -11.74 49.91 27.40
N PRO A 142 -11.29 50.86 26.56
CA PRO A 142 -9.99 50.73 25.92
C PRO A 142 -8.84 50.78 26.92
N LEU A 143 -7.68 50.29 26.51
CA LEU A 143 -6.53 50.08 27.40
C LEU A 143 -6.79 49.23 28.65
N GLU A 144 -8.01 48.69 28.76
CA GLU A 144 -8.36 47.79 29.86
C GLU A 144 -8.36 46.32 29.36
N PRO A 145 -7.99 45.37 30.23
CA PRO A 145 -8.08 43.97 29.83
C PRO A 145 -9.50 43.51 29.58
N ASN A 146 -9.66 42.67 28.56
CA ASN A 146 -10.90 41.96 28.38
C ASN A 146 -11.00 40.81 29.39
N ALA A 147 -12.10 40.08 29.33
CA ALA A 147 -12.39 39.01 30.27
C ALA A 147 -11.40 37.85 30.23
N ASP A 148 -10.59 37.76 29.18
CA ASP A 148 -9.57 36.73 29.08
C ASP A 148 -8.15 37.30 29.22
N GLY A 149 -8.04 38.50 29.79
CA GLY A 149 -6.71 39.07 30.08
C GLY A 149 -5.97 39.63 28.90
N VAL A 150 -6.70 40.06 27.87
CA VAL A 150 -6.05 40.61 26.68
C VAL A 150 -6.27 42.12 26.64
N VAL A 151 -5.18 42.84 26.43
CA VAL A 151 -5.22 44.28 26.28
C VAL A 151 -4.78 44.60 24.86
N ASP A 152 -5.67 45.23 24.11
CA ASP A 152 -5.40 45.59 22.72
C ASP A 152 -4.69 46.94 22.68
N PHE A 153 -3.55 47.00 22.02
CA PHE A 153 -2.84 48.29 21.87
C PHE A 153 -2.92 48.93 20.45
N PHE A 154 -3.61 48.26 19.55
CA PHE A 154 -3.92 48.82 18.23
C PHE A 154 -2.72 49.28 17.39
N PHE A 155 -1.60 48.61 17.58
CA PHE A 155 -0.33 48.88 16.91
C PHE A 155 0.28 50.24 17.30
N ASP A 156 -0.28 50.91 18.29
CA ASP A 156 0.35 52.15 18.79
C ASP A 156 1.46 51.86 19.81
N LEU A 157 2.68 52.19 19.42
CA LEU A 157 3.82 51.92 20.29
C LEU A 157 3.89 52.84 21.52
N GLY A 158 3.21 53.98 21.45
CA GLY A 158 2.99 54.84 22.63
C GLY A 158 2.16 54.19 23.69
N LEU A 159 1.03 53.62 23.28
CA LEU A 159 0.17 52.86 24.18
C LEU A 159 0.88 51.61 24.65
N LEU A 160 1.69 50.97 23.78
CA LEU A 160 2.43 49.79 24.21
C LEU A 160 3.39 50.15 25.34
N ARG A 161 4.05 51.29 25.17
CA ARG A 161 4.97 51.78 26.22
C ARG A 161 4.27 51.94 27.55
N GLU A 162 3.10 52.56 27.55
CA GLU A 162 2.35 52.72 28.79
C GLU A 162 2.11 51.36 29.43
N LEU A 163 1.71 50.40 28.60
CA LEU A 163 1.36 49.09 29.10
C LEU A 163 2.56 48.31 29.61
N LEU A 164 3.73 48.57 29.05
CA LEU A 164 4.94 47.85 29.45
C LEU A 164 5.65 48.45 30.66
N ARG A 165 5.08 49.49 31.25
CA ARG A 165 5.70 50.11 32.45
C ARG A 165 5.58 49.15 33.62
N ALA A 166 4.54 48.31 33.58
CA ALA A 166 4.34 47.23 34.51
C ALA A 166 4.55 45.86 33.86
N PRO A 167 5.78 45.54 33.41
CA PRO A 167 5.91 44.33 32.59
C PRO A 167 5.84 42.98 33.34
N GLU A 168 5.90 43.00 34.67
CA GLU A 168 5.72 41.80 35.49
C GLU A 168 4.44 41.05 35.19
N ARG A 169 3.40 41.73 34.72
CA ARG A 169 2.11 41.06 34.52
C ARG A 169 1.91 40.63 33.06
N VAL A 170 2.89 40.90 32.22
CA VAL A 170 2.77 40.65 30.79
C VAL A 170 3.42 39.34 30.40
N ALA A 171 2.59 38.39 29.97
CA ALA A 171 3.12 37.12 29.43
C ALA A 171 3.74 37.28 28.06
N ALA A 172 3.06 38.03 27.21
CA ALA A 172 3.55 38.20 25.86
C ALA A 172 2.92 39.42 25.23
N VAL A 173 3.67 39.95 24.27
CA VAL A 173 3.15 40.85 23.27
C VAL A 173 2.89 39.98 22.04
N VAL A 174 1.70 40.13 21.47
CA VAL A 174 1.31 39.26 20.34
CA VAL A 174 1.25 39.26 20.36
C VAL A 174 0.80 40.13 19.18
N VAL A 175 1.50 40.04 18.06
CA VAL A 175 1.33 40.99 16.95
C VAL A 175 1.10 40.27 15.62
N SER A 176 0.06 40.70 14.91
CA SER A 176 -0.14 40.30 13.53
C SER A 176 0.44 41.33 12.57
N PRO A 177 1.57 41.01 11.93
CA PRO A 177 2.20 42.00 11.07
C PRO A 177 1.35 42.49 9.92
N ASP A 178 1.56 43.74 9.55
CA ASP A 178 1.07 44.24 8.29
C ASP A 178 2.23 44.98 7.66
N HIS A 179 2.57 44.64 6.44
CA HIS A 179 3.70 45.24 5.75
C HIS A 179 3.30 46.29 4.75
N MET A 180 2.01 46.58 4.67
CA MET A 180 1.50 47.70 3.84
C MET A 180 1.48 48.99 4.67
N HIS A 181 1.24 48.86 5.96
CA HIS A 181 0.88 50.01 6.79
C HIS A 181 1.83 50.27 7.96
N LEU A 182 2.76 49.38 8.17
CA LEU A 182 3.80 49.54 9.19
C LEU A 182 5.15 49.39 8.51
N SER A 183 6.10 50.25 8.86
CA SER A 183 7.38 50.20 8.19
C SER A 183 8.36 49.29 8.95
N PRO A 184 9.50 49.00 8.33
CA PRO A 184 10.52 48.24 9.05
C PRO A 184 10.91 48.85 10.40
N GLY A 185 11.03 50.17 10.46
CA GLY A 185 11.30 50.89 11.70
C GLY A 185 10.33 50.64 12.83
N TRP A 186 9.04 50.45 12.48
CA TRP A 186 8.01 50.15 13.48
C TRP A 186 8.36 48.83 14.13
N TYR A 187 8.80 47.86 13.30
CA TYR A 187 9.12 46.54 13.82
C TYR A 187 10.36 46.58 14.71
N ARG A 188 11.39 47.29 14.24
CA ARG A 188 12.59 47.44 15.06
C ARG A 188 12.29 48.03 16.41
N GLU A 189 11.40 49.02 16.46
CA GLU A 189 11.05 49.65 17.70
C GLU A 189 10.25 48.71 18.60
N LEU A 190 9.32 47.94 18.01
CA LEU A 190 8.58 46.94 18.78
C LEU A 190 9.54 45.92 19.42
N ARG A 191 10.50 45.45 18.62
CA ARG A 191 11.50 44.48 19.09
C ARG A 191 12.23 45.12 20.29
N ARG A 192 12.68 46.35 20.08
CA ARG A 192 13.47 47.07 21.11
C ARG A 192 12.71 47.19 22.41
N LEU A 193 11.43 47.55 22.33
CA LEU A 193 10.57 47.71 23.50
C LEU A 193 10.29 46.41 24.22
N CYS A 194 9.99 45.35 23.47
CA CYS A 194 9.84 44.04 24.05
C CYS A 194 11.11 43.57 24.80
N SER A 195 12.27 43.73 24.18
CA SER A 195 13.54 43.29 24.77
C SER A 195 13.81 44.07 26.07
N ALA A 196 13.68 45.39 26.01
CA ALA A 196 13.88 46.24 27.20
C ALA A 196 12.96 45.85 28.36
N ALA A 197 11.72 45.48 28.06
CA ALA A 197 10.80 45.09 29.10
C ALA A 197 10.97 43.63 29.57
N GLY A 198 11.75 42.83 28.83
CA GLY A 198 11.93 41.40 29.16
C GLY A 198 10.67 40.57 28.92
N VAL A 199 9.95 40.90 27.85
CA VAL A 199 8.64 40.23 27.61
C VAL A 199 8.78 39.43 26.31
N VAL A 200 8.15 38.26 26.32
CA VAL A 200 8.00 37.41 25.13
C VAL A 200 7.23 38.10 23.99
N LEU A 201 7.70 37.87 22.77
CA LEU A 201 7.12 38.41 21.55
C LEU A 201 6.64 37.23 20.68
N VAL A 202 5.35 37.23 20.38
CA VAL A 202 4.76 36.18 19.57
C VAL A 202 4.38 36.89 18.26
N ALA A 203 4.85 36.37 17.13
CA ALA A 203 4.51 36.89 15.79
C ALA A 203 3.39 36.02 15.27
N ASP A 204 2.17 36.56 15.22
CA ASP A 204 1.06 35.87 14.55
C ASP A 204 1.17 36.13 13.07
N GLU A 205 1.90 35.24 12.40
CA GLU A 205 2.17 35.33 10.97
C GLU A 205 1.22 34.35 10.24
N VAL A 206 0.04 34.09 10.80
CA VAL A 206 -0.92 33.30 10.05
C VAL A 206 -1.07 33.79 8.61
N LYS A 207 -1.25 35.09 8.43
CA LYS A 207 -1.42 35.60 7.06
C LYS A 207 -0.11 35.77 6.29
N VAL A 208 0.86 36.42 6.94
CA VAL A 208 2.06 36.87 6.25
C VAL A 208 3.19 35.83 6.22
N GLY A 209 3.12 34.80 7.05
CA GLY A 209 4.18 33.81 7.15
C GLY A 209 4.33 33.02 5.87
N LEU A 210 5.57 32.87 5.42
CA LEU A 210 5.90 32.11 4.24
C LEU A 210 5.56 32.73 2.87
N ARG A 211 4.95 33.91 2.89
CA ARG A 211 4.50 34.58 1.70
C ARG A 211 5.46 35.64 1.15
N TYR A 212 6.16 36.34 2.04
CA TYR A 212 7.11 37.38 1.64
C TYR A 212 8.46 36.77 1.29
N ALA A 213 8.77 35.64 1.92
CA ALA A 213 10.03 34.95 1.81
C ALA A 213 9.75 33.49 2.18
N PRO A 214 10.74 32.61 1.99
CA PRO A 214 10.63 31.25 2.49
C PRO A 214 10.99 31.28 3.96
N GLY A 215 10.12 31.90 4.75
CA GLY A 215 10.28 31.94 6.18
C GLY A 215 9.37 33.01 6.73
N LEU A 216 9.67 33.44 7.95
CA LEU A 216 8.83 34.44 8.61
C LEU A 216 9.12 35.80 8.00
N SER A 217 8.07 36.58 7.75
CA SER A 217 8.21 37.96 7.29
C SER A 217 9.03 38.83 8.26
N THR A 218 8.99 38.47 9.55
CA THR A 218 9.64 39.25 10.62
C THR A 218 10.83 38.54 11.28
N ALA A 219 11.37 37.53 10.61
CA ALA A 219 12.49 36.73 11.17
C ALA A 219 13.59 37.67 11.65
N GLU A 220 13.93 38.61 10.80
CA GLU A 220 15.05 39.52 11.11
C GLU A 220 14.58 40.75 11.89
N LEU A 221 13.45 41.34 11.50
CA LEU A 221 12.92 42.53 12.23
C LEU A 221 12.57 42.26 13.71
N LEU A 222 11.93 41.12 13.97
CA LEU A 222 11.40 40.82 15.30
C LEU A 222 12.08 39.66 16.02
N ALA A 223 12.57 38.66 15.31
CA ALA A 223 13.22 37.50 15.94
C ALA A 223 12.32 36.96 17.03
N PRO A 224 11.06 36.66 16.68
CA PRO A 224 10.07 36.37 17.71
C PRO A 224 10.43 35.10 18.44
N ASP A 225 9.98 35.02 19.68
CA ASP A 225 10.21 33.88 20.51
C ASP A 225 9.35 32.71 20.04
N VAL A 226 8.16 33.07 19.55
CA VAL A 226 7.16 32.08 19.15
C VAL A 226 6.60 32.65 17.85
N TRP A 227 6.31 31.78 16.88
CA TRP A 227 5.70 32.17 15.65
C TRP A 227 4.50 31.26 15.36
N VAL A 228 3.62 31.82 14.55
CA VAL A 228 2.46 31.08 14.08
C VAL A 228 2.40 31.37 12.58
N VAL A 229 2.17 30.31 11.77
CA VAL A 229 1.92 30.44 10.34
C VAL A 229 0.69 29.56 9.98
N ALA A 230 0.14 29.81 8.80
CA ALA A 230 -1.00 29.00 8.33
C ALA A 230 -1.32 29.16 6.87
N LYS A 231 -1.61 30.38 6.49
CA LYS A 231 -2.17 30.63 5.15
C LYS A 231 -1.14 30.31 4.06
N GLY A 232 0.13 30.40 4.40
CA GLY A 232 1.15 30.14 3.39
C GLY A 232 1.60 28.68 3.24
N MET A 233 1.15 27.76 4.10
CA MET A 233 1.77 26.44 4.25
C MET A 233 1.18 25.25 3.48
N ALA A 234 -0.03 25.38 2.91
CA ALA A 234 -0.70 24.23 2.31
C ALA A 234 -1.65 24.56 1.17
N ASN A 235 -1.39 25.65 0.44
CA ASN A 235 -2.28 26.10 -0.62
C ASN A 235 -3.78 26.03 -0.30
N GLY A 236 -4.12 26.44 0.93
CA GLY A 236 -5.51 26.53 1.34
C GLY A 236 -6.05 25.42 2.21
N HIS A 237 -5.31 24.32 2.31
CA HIS A 237 -5.76 23.20 3.09
C HIS A 237 -5.75 23.47 4.59
N ALA A 238 -6.49 22.67 5.35
CA ALA A 238 -6.82 23.01 6.73
C ALA A 238 -5.76 22.69 7.79
N VAL A 239 -4.72 23.52 7.79
CA VAL A 239 -3.60 23.31 8.73
C VAL A 239 -2.94 24.67 9.01
N SER A 240 -2.38 24.73 10.20
CA SER A 240 -1.64 25.86 10.76
C SER A 240 -0.51 25.29 11.63
N ALA A 241 0.45 26.14 12.01
CA ALA A 241 1.60 25.66 12.73
C ALA A 241 2.10 26.73 13.69
N VAL A 242 2.64 26.27 14.80
CA VAL A 242 3.26 27.13 15.79
CA VAL A 242 3.24 27.11 15.83
C VAL A 242 4.65 26.61 16.04
N GLY A 243 5.59 27.51 16.28
CA GLY A 243 6.89 27.03 16.71
C GLY A 243 7.65 28.08 17.52
N GLY A 244 8.79 27.66 18.01
CA GLY A 244 9.61 28.52 18.88
C GLY A 244 10.21 27.71 19.98
N SER A 245 10.42 28.34 21.13
CA SER A 245 11.18 27.65 22.16
C SER A 245 10.43 26.52 22.87
N ARG A 246 11.17 25.47 23.12
CA ARG A 246 10.67 24.32 23.86
CA ARG A 246 10.72 24.31 23.88
C ARG A 246 10.09 24.75 25.18
N ARG A 247 10.80 25.62 25.88
CA ARG A 247 10.31 26.08 27.16
C ARG A 247 8.96 26.78 27.05
N LEU A 248 8.83 27.73 26.13
CA LEU A 248 7.64 28.56 26.05
C LEU A 248 6.44 27.71 25.54
N LEU A 249 6.75 26.73 24.73
CA LEU A 249 5.68 25.90 24.15
C LEU A 249 5.53 24.52 24.82
N LYS A 250 6.18 24.29 25.95
CA LYS A 250 6.04 23.02 26.64
C LYS A 250 4.56 22.68 26.93
N PRO A 251 3.72 23.69 27.22
CA PRO A 251 2.33 23.33 27.51
C PRO A 251 1.56 22.75 26.33
N LEU A 252 2.11 22.84 25.11
CA LEU A 252 1.44 22.22 23.93
C LEU A 252 1.50 20.71 24.00
N LYS A 253 2.27 20.18 24.95
CA LYS A 253 2.32 18.74 25.12
C LYS A 253 0.89 18.23 25.46
N GLU A 254 0.05 19.07 26.01
CA GLU A 254 -1.35 18.63 26.29
C GLU A 254 -2.30 18.59 25.08
N VAL A 255 -1.82 18.98 23.91
CA VAL A 255 -2.66 19.05 22.71
C VAL A 255 -2.59 17.71 21.96
N SER A 256 -3.78 17.22 21.65
CA SER A 256 -3.98 16.14 20.70
C SER A 256 -5.36 16.36 20.12
N PHE A 257 -5.50 15.99 18.87
CA PHE A 257 -6.82 16.05 18.23
C PHE A 257 -6.96 14.94 17.21
N THR A 258 -8.21 14.50 17.05
CA THR A 258 -8.51 13.28 16.36
C THR A 258 -7.92 13.21 14.94
N SER A 259 -8.00 14.29 14.17
CA SER A 259 -7.67 14.24 12.76
C SER A 259 -6.21 14.59 12.53
N PHE A 260 -5.40 14.55 13.58
CA PHE A 260 -4.00 14.96 13.48
C PHE A 260 -3.20 14.34 12.32
N PHE A 261 -3.44 13.05 12.05
CA PHE A 261 -2.67 12.26 11.07
C PHE A 261 -3.37 12.16 9.72
N GLU A 262 -4.43 12.95 9.53
CA GLU A 262 -5.21 12.89 8.26
C GLU A 262 -4.25 13.12 7.06
N PRO A 263 -4.20 12.15 6.14
CA PRO A 263 -3.04 12.20 5.22
C PRO A 263 -3.16 13.23 4.09
N THR A 264 -4.38 13.58 3.68
CA THR A 264 -4.50 14.58 2.62
C THR A 264 -3.95 15.97 2.97
N ILE A 265 -4.19 16.42 4.19
CA ILE A 265 -3.66 17.71 4.64
C ILE A 265 -2.15 17.69 4.73
N LEU A 266 -1.59 16.60 5.27
CA LEU A 266 -0.11 16.46 5.34
C LEU A 266 0.46 16.47 3.96
N ALA A 267 -0.21 15.80 3.03
CA ALA A 267 0.29 15.76 1.65
C ALA A 267 0.32 17.15 1.00
N ALA A 268 -0.75 17.90 1.18
CA ALA A 268 -0.88 19.25 0.66
C ALA A 268 0.19 20.15 1.28
N ALA A 269 0.37 20.03 2.59
CA ALA A 269 1.40 20.86 3.28
C ALA A 269 2.81 20.53 2.77
N ASP A 270 3.12 19.24 2.69
CA ASP A 270 4.43 18.82 2.22
C ASP A 270 4.67 19.35 0.82
N ALA A 271 3.69 19.21 -0.07
CA ALA A 271 3.91 19.67 -1.43
C ALA A 271 4.04 21.20 -1.51
N ALA A 272 3.19 21.91 -0.79
CA ALA A 272 3.19 23.37 -0.88
C ALA A 272 4.48 23.88 -0.25
N LEU A 273 4.88 23.26 0.87
CA LEU A 273 6.06 23.74 1.58
C LEU A 273 7.34 23.52 0.74
N ALA A 274 7.35 22.46 -0.04
CA ALA A 274 8.51 22.16 -0.91
C ALA A 274 8.72 23.33 -1.87
N ARG A 275 7.60 23.80 -2.43
CA ARG A 275 7.65 24.92 -3.35
CA ARG A 275 7.63 24.92 -3.36
C ARG A 275 7.94 26.23 -2.61
N VAL A 276 7.27 26.45 -1.47
CA VAL A 276 7.56 27.62 -0.63
C VAL A 276 9.06 27.73 -0.32
N ALA A 277 9.69 26.61 -0.06
CA ALA A 277 11.08 26.62 0.37
C ALA A 277 12.02 27.13 -0.72
N THR A 278 11.64 27.01 -1.98
CA THR A 278 12.51 27.50 -3.08
C THR A 278 12.56 29.02 -3.20
N GLY A 279 11.55 29.69 -2.66
CA GLY A 279 11.37 31.11 -2.80
C GLY A 279 10.75 31.56 -4.09
N GLU A 280 10.54 30.61 -5.02
CA GLU A 280 9.99 30.88 -6.35
C GLU A 280 8.53 31.39 -6.39
N PRO A 281 7.60 30.75 -5.68
CA PRO A 281 6.25 31.33 -5.75
C PRO A 281 6.10 32.72 -5.10
N GLN A 282 6.84 32.97 -4.02
CA GLN A 282 6.81 34.28 -3.40
C GLN A 282 7.36 35.35 -4.33
N ARG A 283 8.40 35.00 -5.08
CA ARG A 283 8.95 35.94 -6.06
C ARG A 283 7.99 36.14 -7.23
N ALA A 284 7.35 35.07 -7.67
CA ALA A 284 6.44 35.15 -8.80
C ALA A 284 5.25 36.02 -8.43
N VAL A 285 4.78 35.87 -7.19
CA VAL A 285 3.63 36.64 -6.70
C VAL A 285 3.99 38.11 -6.55
N ARG A 286 5.14 38.39 -5.97
CA ARG A 286 5.56 39.77 -5.87
C ARG A 286 5.66 40.41 -7.27
N GLU A 287 6.30 39.73 -8.20
CA GLU A 287 6.51 40.28 -9.56
C GLU A 287 5.22 40.49 -10.33
N ALA A 288 4.32 39.53 -10.26
CA ALA A 288 3.02 39.62 -10.92
C ALA A 288 2.14 40.71 -10.29
N GLY A 289 2.05 40.71 -8.97
CA GLY A 289 1.39 41.79 -8.28
C GLY A 289 1.94 43.19 -8.56
N ASP A 290 3.27 43.33 -8.61
CA ASP A 290 3.89 44.62 -8.82
C ASP A 290 3.55 45.09 -10.23
N ARG A 291 3.56 44.18 -11.21
CA ARG A 291 3.23 44.56 -12.58
C ARG A 291 1.79 45.03 -12.60
N PHE A 292 0.92 44.26 -11.94
CA PHE A 292 -0.48 44.66 -11.95
C PHE A 292 -0.60 46.05 -11.30
N LEU A 293 0.16 46.27 -10.24
CA LEU A 293 0.13 47.57 -9.57
C LEU A 293 0.65 48.73 -10.42
N ARG A 294 1.71 48.50 -11.20
CA ARG A 294 2.19 49.57 -12.10
C ARG A 294 1.04 49.96 -13.02
N HIS A 295 0.33 48.97 -13.53
CA HIS A 295 -0.74 49.29 -14.45
C HIS A 295 -1.88 50.01 -13.73
N ALA A 296 -2.29 49.49 -12.57
CA ALA A 296 -3.45 50.04 -11.85
C ALA A 296 -3.21 51.47 -11.41
N ARG A 297 -2.01 51.74 -10.91
CA ARG A 297 -1.68 53.08 -10.46
C ARG A 297 -1.77 54.09 -11.59
N LYS A 298 -1.19 53.74 -12.74
CA LYS A 298 -1.27 54.57 -13.93
C LYS A 298 -2.71 54.76 -14.38
N ALA A 299 -3.51 53.70 -14.34
CA ALA A 299 -4.86 53.81 -14.83
C ALA A 299 -5.70 54.76 -13.97
N LEU A 300 -5.54 54.67 -12.66
CA LEU A 300 -6.28 55.52 -11.73
C LEU A 300 -5.83 56.97 -11.91
N ASP A 301 -4.54 57.17 -12.11
CA ASP A 301 -3.97 58.50 -12.26
C ASP A 301 -4.43 59.13 -13.58
N ASP A 302 -4.39 58.38 -14.67
CA ASP A 302 -4.88 58.88 -15.96
C ASP A 302 -6.38 59.17 -15.97
N ALA A 303 -7.13 58.46 -15.13
CA ALA A 303 -8.56 58.68 -14.95
C ALA A 303 -8.88 59.78 -13.90
N SER A 304 -7.84 60.31 -13.25
CA SER A 304 -7.97 61.35 -12.23
C SER A 304 -8.79 60.84 -11.03
N LEU A 305 -8.62 59.56 -10.71
CA LEU A 305 -9.42 58.94 -9.65
C LEU A 305 -8.67 59.00 -8.32
N PRO A 306 -9.28 59.59 -7.28
CA PRO A 306 -8.61 59.72 -5.99
C PRO A 306 -8.62 58.39 -5.22
N VAL A 307 -7.77 57.46 -5.65
CA VAL A 307 -7.64 56.16 -5.01
C VAL A 307 -6.16 55.90 -4.96
N GLU A 308 -5.62 55.76 -3.76
CA GLU A 308 -4.23 55.39 -3.58
C GLU A 308 -4.16 53.86 -3.41
N ILE A 309 -2.97 53.31 -3.56
CA ILE A 309 -2.79 51.88 -3.36
C ILE A 309 -1.68 51.67 -2.35
N ALA A 310 -1.97 51.04 -1.23
CA ALA A 310 -0.96 50.76 -0.23
C ALA A 310 -0.41 49.35 -0.48
N GLY A 311 0.84 49.13 -0.05
CA GLY A 311 1.44 47.80 -0.07
C GLY A 311 2.17 47.55 -1.37
N ASP A 312 2.24 46.29 -1.78
CA ASP A 312 3.03 45.89 -2.96
C ASP A 312 2.48 44.61 -3.53
N GLY A 313 3.27 43.93 -4.39
CA GLY A 313 2.70 42.85 -5.18
C GLY A 313 2.30 41.63 -4.32
N THR A 314 2.96 41.49 -3.19
CA THR A 314 2.67 40.40 -2.25
C THR A 314 1.30 40.62 -1.62
N PHE A 315 1.04 41.83 -1.13
CA PHE A 315 -0.29 42.20 -0.61
C PHE A 315 -0.48 43.71 -0.82
N PHE A 316 -1.53 44.08 -1.52
CA PHE A 316 -1.87 45.50 -1.74
C PHE A 316 -3.30 45.80 -1.35
N GLN A 317 -3.58 47.08 -1.09
CA GLN A 317 -4.95 47.48 -0.77
C GLN A 317 -5.30 48.82 -1.43
N PHE A 318 -6.47 48.88 -2.04
CA PHE A 318 -7.03 50.13 -2.56
C PHE A 318 -7.41 51.04 -1.41
N VAL A 319 -7.05 52.31 -1.48
CA VAL A 319 -7.43 53.27 -0.46
C VAL A 319 -8.19 54.39 -1.14
N PRO A 320 -9.51 54.25 -1.30
CA PRO A 320 -10.29 55.30 -1.96
C PRO A 320 -10.57 56.49 -1.06
N ALA A 321 -10.72 57.69 -1.62
CA ALA A 321 -11.01 58.88 -0.83
C ALA A 321 -12.31 58.83 -0.02
N THR A 322 -13.32 58.12 -0.48
CA THR A 322 -14.59 58.10 0.23
C THR A 322 -15.17 56.71 0.19
N GLU A 323 -16.10 56.44 1.11
CA GLU A 323 -16.76 55.13 1.10
C GLU A 323 -17.62 54.97 -0.12
N GLU A 324 -18.18 56.06 -0.61
CA GLU A 324 -18.99 55.97 -1.83
C GLU A 324 -18.13 55.42 -3.00
N LEU A 325 -16.95 55.98 -3.13
CA LEU A 325 -16.05 55.59 -4.22
C LEU A 325 -15.50 54.20 -4.00
N GLU A 326 -15.19 53.85 -2.77
CA GLU A 326 -14.89 52.46 -2.46
C GLU A 326 -15.94 51.49 -2.94
N GLU A 327 -17.19 51.70 -2.56
CA GLU A 327 -18.25 50.85 -3.03
C GLU A 327 -18.39 50.87 -4.53
N ALA A 328 -18.20 52.02 -5.16
CA ALA A 328 -18.31 52.08 -6.62
C ALA A 328 -17.14 51.34 -7.29
N LEU A 329 -15.96 51.42 -6.67
CA LEU A 329 -14.79 50.70 -7.19
C LEU A 329 -15.00 49.18 -7.23
N TYR A 330 -15.51 48.60 -6.14
CA TYR A 330 -15.74 47.16 -6.11
C TYR A 330 -16.94 46.78 -6.95
N GLY A 331 -17.91 47.67 -7.08
CA GLY A 331 -19.05 47.40 -7.97
C GLY A 331 -18.56 47.25 -9.40
N ALA A 332 -17.70 48.16 -9.79
CA ALA A 332 -17.14 48.20 -11.14
C ALA A 332 -16.20 47.01 -11.39
N ALA A 333 -15.33 46.72 -10.42
CA ALA A 333 -14.51 45.51 -10.48
C ALA A 333 -15.36 44.26 -10.62
N ASN A 334 -16.45 44.17 -9.86
CA ASN A 334 -17.36 43.04 -9.97
C ASN A 334 -17.98 42.89 -11.36
N ALA A 335 -18.36 44.00 -11.96
CA ALA A 335 -18.98 43.99 -13.28
C ALA A 335 -17.98 43.54 -14.34
N GLU A 336 -16.70 43.82 -14.11
CA GLU A 336 -15.65 43.37 -15.00
C GLU A 336 -14.97 42.04 -14.66
N GLY A 337 -15.48 41.30 -13.68
CA GLY A 337 -14.88 39.99 -13.35
C GLY A 337 -13.52 40.04 -12.71
N LEU A 338 -13.26 41.09 -11.94
CA LEU A 338 -12.06 41.11 -11.14
C LEU A 338 -12.55 40.92 -9.71
N LEU A 339 -12.18 39.79 -9.09
CA LEU A 339 -12.66 39.48 -7.74
C LEU A 339 -11.60 39.96 -6.76
N PHE A 340 -11.86 41.13 -6.21
CA PHE A 340 -11.08 41.65 -5.10
C PHE A 340 -11.70 41.25 -3.75
N TYR A 341 -10.86 41.09 -2.76
CA TYR A 341 -11.29 40.91 -1.39
C TYR A 341 -11.69 42.32 -0.92
N ALA A 342 -12.99 42.55 -0.85
CA ALA A 342 -13.53 43.90 -0.75
C ALA A 342 -13.05 44.62 0.49
N GLY A 343 -12.41 45.77 0.26
CA GLY A 343 -11.95 46.64 1.34
C GLY A 343 -10.66 46.19 2.05
N ASP A 344 -10.14 45.02 1.68
CA ASP A 344 -9.07 44.36 2.41
C ASP A 344 -7.82 44.24 1.50
N ASN A 345 -6.95 43.28 1.78
CA ASN A 345 -5.75 43.11 0.94
C ASN A 345 -5.93 42.12 -0.21
N GLN A 346 -5.36 42.52 -1.35
CA GLN A 346 -5.35 41.69 -2.53
C GLN A 346 -4.07 40.89 -2.55
N GLY A 347 -4.24 39.59 -2.79
CA GLY A 347 -3.17 38.61 -2.73
C GLY A 347 -3.12 37.72 -3.93
N VAL A 348 -2.40 38.12 -4.97
CA VAL A 348 -2.35 37.28 -6.15
C VAL A 348 -1.62 35.95 -5.89
N SER A 349 -1.81 34.97 -6.79
CA SER A 349 -1.17 33.64 -6.73
C SER A 349 -0.08 33.52 -7.78
N ALA A 350 0.71 32.46 -7.66
CA ALA A 350 1.75 32.16 -8.66
C ALA A 350 1.19 31.73 -10.01
N ALA A 351 -0.12 31.53 -10.07
CA ALA A 351 -0.80 31.24 -11.30
C ALA A 351 -1.07 32.49 -12.12
N PHE A 352 -0.68 33.67 -11.65
CA PHE A 352 -0.90 34.92 -12.39
C PHE A 352 0.21 35.03 -13.43
N ASP A 353 -0.01 34.39 -14.57
CA ASP A 353 1.03 34.37 -15.61
C ASP A 353 0.77 35.55 -16.54
N GLU A 354 1.56 35.64 -17.60
CA GLU A 354 1.38 36.72 -18.55
C GLU A 354 -0.03 36.85 -19.09
N ALA A 355 -0.70 35.77 -19.43
CA ALA A 355 -2.05 35.84 -19.98
C ALA A 355 -3.11 36.33 -18.98
N VAL A 356 -3.04 35.84 -17.75
CA VAL A 356 -3.89 36.36 -16.66
C VAL A 356 -3.65 37.85 -16.44
N LEU A 357 -2.39 38.26 -16.35
CA LEU A 357 -2.04 39.63 -16.13
C LEU A 357 -2.53 40.57 -17.23
N GLY A 358 -2.32 40.21 -18.49
CA GLY A 358 -2.86 41.01 -19.59
C GLY A 358 -4.38 41.22 -19.49
N GLU A 359 -5.11 40.15 -19.20
CA GLU A 359 -6.55 40.20 -19.09
C GLU A 359 -6.97 41.02 -17.88
N ALA A 360 -6.28 40.87 -16.75
CA ALA A 360 -6.61 41.64 -15.56
C ALA A 360 -6.41 43.14 -15.78
N GLU A 361 -5.29 43.49 -16.41
CA GLU A 361 -4.99 44.85 -16.84
C GLU A 361 -6.06 45.44 -17.73
N ARG A 362 -6.52 44.67 -18.70
CA ARG A 362 -7.59 45.11 -19.59
C ARG A 362 -8.90 45.32 -18.83
N ARG A 363 -9.20 44.42 -17.92
CA ARG A 363 -10.39 44.55 -17.09
C ARG A 363 -10.31 45.78 -16.17
N PHE A 364 -9.15 46.04 -15.61
CA PHE A 364 -9.04 47.15 -14.67
C PHE A 364 -9.11 48.49 -15.41
N ALA A 365 -8.60 48.50 -16.64
CA ALA A 365 -8.75 49.71 -17.42
C ALA A 365 -10.23 50.04 -17.61
N ARG A 366 -11.02 49.01 -17.86
CA ARG A 366 -12.46 49.13 -17.97
C ARG A 366 -13.12 49.56 -16.66
N VAL A 367 -12.60 49.06 -15.53
CA VAL A 367 -13.08 49.58 -14.24
C VAL A 367 -12.92 51.10 -14.13
N CYS A 368 -11.74 51.59 -14.51
CA CYS A 368 -11.43 52.99 -14.41
C CYS A 368 -12.32 53.81 -15.34
N GLU A 369 -12.64 53.29 -16.52
CA GLU A 369 -13.69 53.91 -17.36
C GLU A 369 -15.07 54.01 -16.69
N ARG A 370 -15.53 52.92 -16.06
CA ARG A 370 -16.82 52.92 -15.34
C ARG A 370 -16.92 53.94 -14.20
N LEU A 371 -15.77 54.25 -13.63
CA LEU A 371 -15.65 55.19 -12.52
C LEU A 371 -15.47 56.65 -12.95
N ALA A 372 -15.66 56.96 -14.23
CA ALA A 372 -15.43 58.32 -14.71
C ALA A 372 -16.24 59.37 -13.93
N PRO A 373 -17.46 59.02 -13.48
CA PRO A 373 -18.10 60.03 -12.63
C PRO A 373 -17.30 60.56 -11.44
N TYR A 374 -16.37 59.79 -10.89
CA TYR A 374 -15.60 60.21 -9.73
C TYR A 374 -14.30 60.92 -10.05
N ALA A 375 -14.03 61.10 -11.34
CA ALA A 375 -12.86 61.82 -11.80
C ALA A 375 -12.79 63.22 -11.19
N GLY A 376 -11.59 63.60 -10.75
CA GLY A 376 -11.29 64.92 -10.19
C GLY A 376 -11.79 65.14 -8.77
N GLY A 377 -12.38 64.10 -8.17
CA GLY A 377 -12.90 64.22 -6.81
C GLY A 377 -11.78 64.54 -5.83
N GLU A 378 -12.17 64.99 -4.64
CA GLU A 378 -11.20 65.43 -3.63
C GLU A 378 -10.29 64.26 -3.27
N PRO A 379 -8.99 64.53 -3.16
CA PRO A 379 -8.05 63.48 -2.96
C PRO A 379 -8.17 62.79 -1.61
N VAL A 380 -7.58 61.60 -1.59
CA VAL A 380 -7.43 60.84 -0.36
C VAL A 380 -6.83 61.62 0.81
N GLY A 381 -7.54 61.58 1.93
CA GLY A 381 -7.05 62.21 3.16
C GLY A 381 -6.74 61.20 4.26
N ASP A 382 -6.21 61.70 5.37
CA ASP A 382 -5.80 60.80 6.45
C ASP A 382 -6.94 60.04 7.09
N ALA A 383 -8.13 60.64 7.16
CA ALA A 383 -9.25 59.94 7.78
C ALA A 383 -9.56 58.66 7.00
N ALA A 384 -9.63 58.78 5.67
CA ALA A 384 -9.72 57.63 4.75
C ALA A 384 -8.58 56.60 4.93
N ARG A 385 -7.35 57.06 4.99
CA ARG A 385 -6.25 56.15 5.17
C ARG A 385 -6.38 55.36 6.47
N TYR A 386 -6.73 56.01 7.57
CA TYR A 386 -6.96 55.29 8.84
C TYR A 386 -8.12 54.31 8.75
N ARG A 387 -9.21 54.72 8.14
CA ARG A 387 -10.41 53.89 8.08
C ARG A 387 -10.13 52.58 7.28
N VAL A 388 -9.53 52.74 6.10
CA VAL A 388 -9.25 51.62 5.20
C VAL A 388 -8.19 50.71 5.84
N ALA A 389 -7.13 51.29 6.43
CA ALA A 389 -6.14 50.47 7.10
C ALA A 389 -6.74 49.68 8.27
N TRP A 390 -7.69 50.26 8.99
CA TRP A 390 -8.33 49.55 10.10
C TRP A 390 -9.01 48.31 9.56
N ASN A 391 -9.59 48.43 8.36
CA ASN A 391 -10.32 47.30 7.80
C ASN A 391 -9.41 46.11 7.53
N VAL A 392 -8.13 46.35 7.28
CA VAL A 392 -7.24 45.22 7.04
C VAL A 392 -6.52 44.77 8.30
N MET A 393 -6.20 45.70 9.21
CA MET A 393 -5.33 45.35 10.34
C MET A 393 -6.00 45.40 11.71
N ASP A 394 -7.23 45.89 11.82
CA ASP A 394 -7.91 46.02 13.12
C ASP A 394 -7.12 46.84 14.14
N GLY A 395 -6.46 47.87 13.63
CA GLY A 395 -5.78 48.83 14.46
C GLY A 395 -5.26 49.93 13.57
N LEU A 396 -4.30 50.67 14.11
CA LEU A 396 -3.83 51.91 13.49
C LEU A 396 -2.59 51.75 12.65
N ARG A 397 -2.70 52.27 11.43
CA ARG A 397 -1.59 52.36 10.53
C ARG A 397 -0.55 53.25 11.18
N GLN A 398 0.69 53.14 10.73
CA GLN A 398 1.78 53.93 11.36
C GLN A 398 1.72 55.36 10.84
N ALA A 399 1.72 56.31 11.77
CA ALA A 399 1.80 57.75 11.41
C ALA A 399 2.13 58.52 12.68
N PRO A 400 2.88 59.64 12.54
CA PRO A 400 3.23 60.33 13.77
C PRO A 400 1.96 60.77 14.50
N ARG A 401 1.86 60.44 15.79
CA ARG A 401 0.70 60.82 16.60
C ARG A 401 1.14 61.18 18.02
N ASP A 402 0.43 62.14 18.62
CA ASP A 402 0.53 62.35 20.05
C ASP A 402 -0.64 61.58 20.70
N ARG A 403 -0.56 61.37 22.00
CA ARG A 403 -1.53 60.49 22.66
C ARG A 403 -2.98 60.88 22.38
N GLU A 404 -3.29 62.18 22.44
CA GLU A 404 -4.65 62.64 22.17
C GLU A 404 -5.11 62.33 20.75
N GLU A 405 -4.23 62.42 19.76
CA GLU A 405 -4.66 62.00 18.42
C GLU A 405 -4.99 60.48 18.38
N THR A 406 -4.17 59.69 19.04
CA THR A 406 -4.42 58.23 19.12
C THR A 406 -5.77 57.91 19.78
N THR A 407 -5.98 58.50 20.96
CA THR A 407 -7.22 58.35 21.71
C THR A 407 -8.46 58.67 20.89
N GLY A 408 -8.42 59.79 20.18
CA GLY A 408 -9.51 60.23 19.32
C GLY A 408 -9.74 59.39 18.09
N LEU A 409 -8.67 58.95 17.44
CA LEU A 409 -8.78 57.96 16.37
C LEU A 409 -9.42 56.67 16.85
N LEU A 410 -9.02 56.18 18.03
CA LEU A 410 -9.64 54.95 18.54
C LEU A 410 -11.13 55.10 18.80
N ALA A 411 -11.53 56.20 19.45
CA ALA A 411 -12.95 56.54 19.62
C ALA A 411 -13.71 56.61 18.28
N ARG A 412 -13.18 57.37 17.34
CA ARG A 412 -13.84 57.51 16.03
C ARG A 412 -13.96 56.14 15.35
N LEU A 413 -12.85 55.39 15.32
CA LEU A 413 -12.80 54.18 14.50
C LEU A 413 -13.57 53.05 15.19
N LEU A 414 -13.51 52.96 16.52
CA LEU A 414 -14.43 52.08 17.25
C LEU A 414 -15.77 52.80 17.40
N SER B 6 11.80 14.64 18.34
CA SER B 6 11.85 15.76 19.35
C SER B 6 11.38 17.14 18.85
N LEU B 7 11.16 17.31 17.55
CA LEU B 7 10.62 18.58 17.05
C LEU B 7 9.16 18.79 17.50
N LEU B 8 8.39 17.71 17.59
CA LEU B 8 6.96 17.90 17.82
C LEU B 8 6.65 18.40 19.22
N ALA B 9 5.95 19.53 19.32
CA ALA B 9 5.64 20.14 20.59
C ALA B 9 4.41 19.52 21.25
N GLU B 10 3.58 18.88 20.44
CA GLU B 10 2.34 18.26 20.96
C GLU B 10 2.61 16.82 21.34
N PHE B 11 1.63 16.16 21.96
CA PHE B 11 1.72 14.75 22.20
C PHE B 11 0.48 14.03 21.68
N PRO B 12 0.45 13.71 20.39
CA PRO B 12 -0.75 13.18 19.77
C PRO B 12 -1.03 11.76 20.21
N THR B 13 -2.31 11.49 20.46
CA THR B 13 -2.73 10.13 20.65
C THR B 13 -2.60 9.36 19.34
N CYS B 14 -1.90 8.23 19.40
CA CYS B 14 -1.68 7.35 18.26
C CYS B 14 -1.18 6.00 18.75
N PRO B 15 -1.21 4.96 17.87
CA PRO B 15 -0.63 3.69 18.25
C PRO B 15 0.84 3.86 18.51
N ARG B 16 1.28 3.31 19.63
CA ARG B 16 2.70 3.40 20.02
C ARG B 16 3.23 2.01 20.35
N ASP B 17 4.54 1.81 20.10
CA ASP B 17 5.15 0.53 20.25
C ASP B 17 5.60 0.33 21.71
N GLU B 18 6.34 -0.76 21.95
CA GLU B 18 6.81 -1.11 23.29
C GLU B 18 7.71 -0.03 23.89
N LYS B 19 8.36 0.80 23.07
CA LYS B 19 9.14 1.95 23.59
C LYS B 19 8.35 3.26 23.65
N ASP B 20 7.03 3.20 23.49
CA ASP B 20 6.20 4.39 23.43
C ASP B 20 6.47 5.31 22.21
N ARG B 21 7.10 4.78 21.17
CA ARG B 21 7.30 5.50 19.94
C ARG B 21 6.08 5.28 19.03
N PRO B 22 5.65 6.31 18.32
CA PRO B 22 4.57 6.07 17.34
C PRO B 22 4.91 5.00 16.34
N ARG B 23 3.93 4.15 16.09
CA ARG B 23 4.03 3.20 14.99
C ARG B 23 3.94 3.96 13.70
N VAL B 24 4.78 3.59 12.72
CA VAL B 24 4.81 4.33 11.49
C VAL B 24 4.07 3.48 10.47
N PHE B 25 2.99 4.01 9.93
CA PHE B 25 2.25 3.29 8.88
C PHE B 25 2.52 3.91 7.53
N THR B 26 2.80 3.06 6.55
CA THR B 26 3.16 3.52 5.20
C THR B 26 2.03 3.36 4.22
N ALA B 27 1.01 2.61 4.56
CA ALA B 27 -0.09 2.42 3.62
C ALA B 27 -1.31 1.90 4.38
N ALA B 28 -2.48 2.03 3.75
CA ALA B 28 -3.72 1.68 4.39
C ALA B 28 -4.75 1.47 3.32
N SER B 29 -5.58 0.46 3.49
CA SER B 29 -6.69 0.21 2.57
C SER B 29 -7.76 -0.62 3.28
N GLY B 30 -8.95 -0.07 3.38
CA GLY B 30 -10.06 -0.74 4.06
C GLY B 30 -9.85 -0.91 5.54
N ALA B 31 -9.74 -2.17 5.95
CA ALA B 31 -9.44 -2.53 7.35
C ALA B 31 -7.94 -2.72 7.61
N TRP B 32 -7.11 -2.67 6.55
CA TRP B 32 -5.72 -3.14 6.66
C TRP B 32 -4.71 -2.00 6.62
N LEU B 33 -3.80 -1.99 7.59
CA LEU B 33 -2.69 -1.06 7.59
C LEU B 33 -1.41 -1.82 7.36
N THR B 34 -0.44 -1.17 6.74
CA THR B 34 0.90 -1.76 6.64
C THR B 34 1.85 -0.82 7.34
N ASP B 35 2.69 -1.37 8.22
CA ASP B 35 3.66 -0.56 8.92
C ASP B 35 4.97 -0.52 8.15
N GLU B 36 5.89 0.31 8.62
CA GLU B 36 7.11 0.52 7.87
C GLU B 36 7.92 -0.73 7.71
N SER B 37 7.77 -1.71 8.60
CA SER B 37 8.53 -2.95 8.43
C SER B 37 7.87 -3.93 7.46
N GLY B 38 6.67 -3.58 7.03
CA GLY B 38 5.93 -4.46 6.12
C GLY B 38 4.85 -5.30 6.77
N PHE B 39 4.64 -5.12 8.06
CA PHE B 39 3.69 -5.95 8.79
C PHE B 39 2.28 -5.43 8.61
N ARG B 40 1.33 -6.34 8.36
CA ARG B 40 -0.04 -5.96 8.11
C ARG B 40 -0.85 -6.09 9.38
N TRP B 41 -1.63 -5.06 9.65
CA TRP B 41 -2.50 -4.97 10.81
C TRP B 41 -3.95 -4.85 10.37
N ILE B 42 -4.84 -5.46 11.17
CA ILE B 42 -6.25 -5.15 11.12
C ILE B 42 -6.58 -4.03 12.13
N ASP B 43 -7.17 -2.95 11.64
CA ASP B 43 -7.35 -1.72 12.37
C ASP B 43 -8.73 -1.71 13.07
N PHE B 44 -8.70 -1.79 14.39
CA PHE B 44 -9.89 -1.54 15.25
C PHE B 44 -9.92 -0.14 15.90
N ASP B 45 -8.84 0.63 15.67
CA ASP B 45 -8.71 1.97 16.19
C ASP B 45 -9.41 2.94 15.26
N ASN B 46 -8.97 2.94 14.00
CA ASN B 46 -9.63 3.66 12.93
C ASN B 46 -9.75 5.14 13.26
N ALA B 47 -8.58 5.73 13.55
CA ALA B 47 -8.52 7.11 14.01
C ALA B 47 -9.57 7.39 15.08
N ARG B 48 -9.56 6.53 16.11
CA ARG B 48 -10.35 6.74 17.32
C ARG B 48 -11.81 6.76 16.95
N GLY B 49 -12.16 5.93 15.97
CA GLY B 49 -13.55 5.75 15.54
C GLY B 49 -14.06 6.82 14.61
N SER B 50 -13.17 7.53 13.92
CA SER B 50 -13.55 8.50 12.91
C SER B 50 -13.53 7.94 11.50
N ILE B 51 -13.11 6.69 11.34
CA ILE B 51 -13.05 6.09 10.02
C ILE B 51 -14.14 5.04 10.01
N LEU B 52 -15.36 5.46 9.71
CA LEU B 52 -16.52 4.58 9.68
C LEU B 52 -16.56 3.70 8.44
N LEU B 53 -16.02 4.21 7.31
CA LEU B 53 -16.16 3.54 6.04
C LEU B 53 -14.98 2.67 5.69
N GLY B 54 -13.78 2.98 6.18
CA GLY B 54 -12.59 2.23 5.79
C GLY B 54 -11.53 3.19 5.25
N HIS B 55 -10.28 2.79 5.39
CA HIS B 55 -9.18 3.63 4.92
C HIS B 55 -9.20 3.67 3.40
N GLY B 56 -9.03 4.89 2.88
CA GLY B 56 -8.89 5.08 1.44
C GLY B 56 -10.17 4.67 0.77
N ASP B 57 -11.30 4.85 1.44
CA ASP B 57 -12.62 4.48 0.83
C ASP B 57 -12.69 5.04 -0.59
N PRO B 58 -12.96 4.19 -1.59
CA PRO B 58 -12.80 4.70 -2.95
C PRO B 58 -13.70 5.82 -3.41
N VAL B 59 -14.97 5.80 -2.99
CA VAL B 59 -15.87 6.88 -3.37
C VAL B 59 -15.46 8.21 -2.70
N VAL B 60 -15.16 8.18 -1.40
CA VAL B 60 -14.69 9.37 -0.71
C VAL B 60 -13.38 9.85 -1.34
N ALA B 61 -12.46 8.92 -1.60
CA ALA B 61 -11.17 9.30 -2.17
C ALA B 61 -11.30 9.92 -3.54
N GLU B 62 -12.17 9.39 -4.38
CA GLU B 62 -12.39 9.98 -5.71
C GLU B 62 -13.06 11.38 -5.63
N ALA B 63 -13.99 11.56 -4.70
CA ALA B 63 -14.59 12.86 -4.43
C ALA B 63 -13.53 13.86 -4.01
N VAL B 64 -12.69 13.42 -3.12
CA VAL B 64 -11.57 14.27 -2.71
C VAL B 64 -10.57 14.56 -3.84
N ALA B 65 -10.15 13.53 -4.57
CA ALA B 65 -9.28 13.73 -5.70
C ALA B 65 -9.87 14.71 -6.71
N ARG B 66 -11.14 14.53 -7.06
CA ARG B 66 -11.73 15.46 -8.00
C ARG B 66 -11.78 16.90 -7.46
N ALA B 67 -12.13 17.05 -6.18
CA ALA B 67 -12.25 18.39 -5.61
C ALA B 67 -10.89 19.09 -5.53
N ALA B 68 -9.82 18.31 -5.41
CA ALA B 68 -8.45 18.85 -5.39
C ALA B 68 -8.04 19.51 -6.71
N THR B 69 -8.76 19.20 -7.80
CA THR B 69 -8.47 19.77 -9.11
C THR B 69 -9.14 21.12 -9.29
N GLY B 70 -10.05 21.52 -8.39
CA GLY B 70 -10.84 22.71 -8.59
C GLY B 70 -12.21 22.48 -9.23
N ALA B 71 -12.48 21.27 -9.69
CA ALA B 71 -13.73 21.01 -10.43
C ALA B 71 -15.03 21.13 -9.66
N ASP B 72 -14.97 21.19 -8.34
CA ASP B 72 -16.15 21.35 -7.51
C ASP B 72 -16.26 22.69 -6.79
N GLY B 73 -15.33 23.57 -7.12
CA GLY B 73 -15.31 24.90 -6.52
C GLY B 73 -13.98 25.22 -5.90
N THR B 74 -14.03 26.26 -5.09
CA THR B 74 -12.84 26.94 -4.60
C THR B 74 -12.91 27.27 -3.11
N ALA B 75 -11.75 27.26 -2.46
CA ALA B 75 -11.64 27.75 -1.08
C ALA B 75 -11.96 29.25 -0.99
N THR B 76 -11.96 29.94 -2.12
CA THR B 76 -12.33 31.36 -2.15
C THR B 76 -13.73 31.64 -1.67
N GLY B 77 -14.68 30.76 -1.94
CA GLY B 77 -16.03 31.02 -1.42
C GLY B 77 -17.03 29.92 -1.66
N TRP B 78 -18.30 30.29 -1.58
CA TRP B 78 -19.39 29.36 -1.45
C TRP B 78 -19.48 28.40 -2.66
N SER B 79 -19.86 27.16 -2.38
CA SER B 79 -20.24 26.21 -3.42
C SER B 79 -21.51 25.56 -2.98
N ARG B 80 -22.19 24.91 -3.92
CA ARG B 80 -23.42 24.22 -3.58
C ARG B 80 -23.17 23.03 -2.65
N ARG B 81 -21.95 22.53 -2.57
CA ARG B 81 -21.65 21.51 -1.59
C ARG B 81 -21.75 21.97 -0.14
N VAL B 82 -21.58 23.26 0.10
CA VAL B 82 -21.80 23.80 1.44
C VAL B 82 -23.27 23.58 1.83
N ASP B 83 -24.19 23.97 0.95
CA ASP B 83 -25.62 23.70 1.19
C ASP B 83 -25.93 22.24 1.42
N ALA B 84 -25.34 21.39 0.59
CA ALA B 84 -25.55 19.94 0.65
C ALA B 84 -25.17 19.40 2.01
N VAL B 85 -24.01 19.83 2.53
CA VAL B 85 -23.55 19.36 3.81
C VAL B 85 -24.42 19.88 4.93
N LEU B 86 -24.78 21.15 4.88
CA LEU B 86 -25.61 21.71 5.92
C LEU B 86 -26.97 21.05 5.95
N GLU B 87 -27.53 20.88 4.76
CA GLU B 87 -28.88 20.31 4.64
C GLU B 87 -28.91 18.86 5.19
N ARG B 88 -27.89 18.09 4.82
CA ARG B 88 -27.75 16.72 5.30
C ARG B 88 -27.64 16.66 6.81
N LEU B 89 -26.79 17.49 7.42
CA LEU B 89 -26.67 17.51 8.85
C LEU B 89 -28.01 17.84 9.53
N HIS B 90 -28.68 18.87 9.03
CA HIS B 90 -29.93 19.39 9.60
C HIS B 90 -31.03 18.30 9.51
N ALA B 91 -31.02 17.57 8.40
CA ALA B 91 -31.97 16.46 8.20
C ALA B 91 -31.66 15.33 9.18
N LEU B 92 -30.39 14.97 9.35
CA LEU B 92 -30.03 13.89 10.26
C LEU B 92 -30.19 14.20 11.74
N CYS B 93 -29.80 15.42 12.17
CA CYS B 93 -29.65 15.68 13.58
C CYS B 93 -30.67 16.64 14.16
N GLY B 94 -31.37 17.36 13.29
CA GLY B 94 -32.43 18.29 13.68
C GLY B 94 -31.86 19.60 14.20
N GLY B 95 -32.72 20.37 14.86
CA GLY B 95 -32.40 21.75 15.22
C GLY B 95 -32.70 22.71 14.10
N GLU B 96 -32.52 24.00 14.34
CA GLU B 96 -32.89 25.03 13.36
C GLU B 96 -31.69 25.47 12.52
N VAL B 97 -30.50 25.50 13.13
CA VAL B 97 -29.29 25.93 12.41
C VAL B 97 -28.15 24.95 12.61
N VAL B 98 -27.11 25.12 11.76
CA VAL B 98 -25.95 24.24 11.80
C VAL B 98 -24.71 25.09 11.57
N GLY B 99 -23.65 24.82 12.34
CA GLY B 99 -22.33 25.43 12.06
C GLY B 99 -21.29 24.35 11.82
N LEU B 100 -20.25 24.70 11.06
CA LEU B 100 -19.17 23.81 10.72
C LEU B 100 -17.87 24.32 11.33
N PHE B 101 -17.05 23.41 11.84
CA PHE B 101 -15.78 23.78 12.51
C PHE B 101 -14.67 22.82 12.04
N ARG B 102 -13.44 23.03 12.50
CA ARG B 102 -12.32 22.26 12.01
C ARG B 102 -11.82 21.14 12.94
N SER B 103 -12.40 20.99 14.13
CA SER B 103 -12.07 19.91 15.05
C SER B 103 -13.25 19.76 16.00
N GLY B 104 -13.29 18.67 16.72
CA GLY B 104 -14.30 18.49 17.77
C GLY B 104 -14.11 19.49 18.87
N THR B 105 -12.85 19.68 19.22
CA THR B 105 -12.49 20.64 20.24
C THR B 105 -13.04 22.00 19.94
N ALA B 106 -12.81 22.47 18.71
CA ALA B 106 -13.26 23.80 18.34
C ALA B 106 -14.80 23.86 18.42
N ALA B 107 -15.45 22.80 17.96
CA ALA B 107 -16.91 22.84 17.87
C ALA B 107 -17.56 22.86 19.25
N VAL B 108 -17.09 22.04 20.16
CA VAL B 108 -17.71 22.01 21.49
C VAL B 108 -17.47 23.29 22.27
N ARG B 109 -16.26 23.83 22.18
CA ARG B 109 -15.96 25.09 22.80
C ARG B 109 -16.88 26.17 22.25
N ALA B 110 -17.02 26.25 20.93
CA ALA B 110 -17.83 27.29 20.36
C ALA B 110 -19.30 27.14 20.79
N ALA B 111 -19.75 25.90 20.80
CA ALA B 111 -21.15 25.59 21.19
C ALA B 111 -21.46 26.03 22.61
N VAL B 112 -20.63 25.60 23.57
CA VAL B 112 -20.88 25.96 24.95
C VAL B 112 -20.73 27.47 25.28
N LEU B 113 -19.73 28.14 24.69
CA LEU B 113 -19.62 29.60 24.81
C LEU B 113 -20.86 30.33 24.24
N ALA B 114 -21.40 29.82 23.14
CA ALA B 114 -22.56 30.40 22.55
C ALA B 114 -23.74 30.27 23.53
N VAL B 115 -23.91 29.09 24.09
CA VAL B 115 -24.98 28.89 25.11
C VAL B 115 -24.77 29.78 26.33
N ARG B 116 -23.54 29.88 26.80
CA ARG B 116 -23.28 30.79 27.92
C ARG B 116 -23.70 32.24 27.60
N GLU B 117 -23.36 32.69 26.38
CA GLU B 117 -23.73 34.04 25.93
C GLU B 117 -25.24 34.20 25.83
N ALA B 118 -25.89 33.24 25.21
CA ALA B 118 -27.31 33.34 24.91
C ALA B 118 -28.16 33.28 26.18
N THR B 119 -27.74 32.48 27.17
CA THR B 119 -28.47 32.36 28.45
C THR B 119 -28.08 33.42 29.47
N GLY B 120 -26.90 34.03 29.27
CA GLY B 120 -26.32 34.93 30.26
C GLY B 120 -25.90 34.31 31.58
N ARG B 121 -25.72 32.98 31.63
CA ARG B 121 -25.31 32.29 32.85
C ARG B 121 -23.87 31.78 32.78
N PRO B 122 -23.16 31.77 33.92
CA PRO B 122 -21.73 31.54 33.89
C PRO B 122 -21.29 30.07 33.92
N LEU B 123 -22.08 29.15 34.50
CA LEU B 123 -21.55 27.83 34.80
C LEU B 123 -21.88 26.81 33.73
N LEU B 124 -20.93 25.90 33.49
CA LEU B 124 -21.19 24.68 32.71
C LEU B 124 -20.97 23.44 33.60
N LEU B 125 -21.96 22.56 33.62
CA LEU B 125 -21.87 21.31 34.32
C LEU B 125 -21.55 20.24 33.29
N SER B 126 -20.45 19.52 33.47
CA SER B 126 -19.92 18.68 32.41
C SER B 126 -19.72 17.24 32.81
N ALA B 127 -19.97 16.32 31.88
CA ALA B 127 -19.48 14.95 32.04
C ALA B 127 -18.84 14.52 30.72
N GLY B 128 -17.70 13.85 30.84
CA GLY B 128 -16.98 13.35 29.67
C GLY B 128 -15.90 14.29 29.12
N TYR B 129 -15.22 13.79 28.09
CA TYR B 129 -14.17 14.55 27.40
C TYR B 129 -14.75 15.42 26.29
N HIS B 130 -14.30 16.67 26.23
CA HIS B 130 -14.84 17.62 25.28
C HIS B 130 -13.77 18.19 24.33
N GLY B 131 -12.54 17.69 24.43
CA GLY B 131 -11.46 18.17 23.57
C GLY B 131 -10.27 18.69 24.36
N TYR B 132 -9.24 19.12 23.63
CA TYR B 132 -7.97 19.45 24.27
C TYR B 132 -7.90 20.85 24.88
N ASP B 133 -8.86 21.71 24.62
CA ASP B 133 -8.74 23.14 25.01
C ASP B 133 -8.60 23.33 26.51
N PRO B 134 -7.75 24.28 26.94
CA PRO B 134 -7.57 24.48 28.38
C PRO B 134 -8.83 24.81 29.17
N MET B 135 -9.92 25.18 28.50
CA MET B 135 -11.13 25.52 29.21
C MET B 135 -11.65 24.35 30.05
N TRP B 136 -11.25 23.12 29.72
CA TRP B 136 -11.78 21.90 30.32
C TRP B 136 -10.82 21.33 31.32
N TYR B 137 -9.72 22.04 31.57
CA TYR B 137 -8.72 21.52 32.50
C TYR B 137 -9.36 21.39 33.88
N PRO B 138 -8.93 20.39 34.64
CA PRO B 138 -9.68 20.12 35.87
C PRO B 138 -9.57 21.21 36.95
N SER B 139 -10.57 21.26 37.82
CA SER B 139 -10.51 22.21 38.91
C SER B 139 -9.56 21.74 40.02
N GLU B 140 -9.21 22.68 40.89
CA GLU B 140 -8.31 22.41 42.01
C GLU B 140 -8.94 21.37 42.94
N ALA B 141 -10.20 21.59 43.29
CA ALA B 141 -10.97 20.68 44.15
C ALA B 141 -12.16 20.18 43.35
N PRO B 142 -12.42 18.85 43.32
CA PRO B 142 -13.66 18.37 42.69
C PRO B 142 -14.96 18.99 43.23
N LEU B 143 -15.96 19.05 42.34
CA LEU B 143 -17.21 19.78 42.53
C LEU B 143 -17.10 21.30 42.67
N GLU B 144 -15.90 21.83 42.43
CA GLU B 144 -15.68 23.27 42.33
C GLU B 144 -15.51 23.60 40.85
N PRO B 145 -15.99 24.77 40.43
CA PRO B 145 -15.71 25.27 39.08
C PRO B 145 -14.24 25.44 38.85
N ASN B 146 -13.77 25.03 37.68
CA ASN B 146 -12.46 25.43 37.24
C ASN B 146 -12.44 26.90 36.86
N ALA B 147 -11.29 27.33 36.34
CA ALA B 147 -11.04 28.73 35.98
C ALA B 147 -11.94 29.27 34.87
N ASP B 148 -12.58 28.39 34.08
CA ASP B 148 -13.47 28.77 32.99
C ASP B 148 -14.93 28.44 33.29
N GLY B 149 -15.24 28.21 34.56
CA GLY B 149 -16.63 28.09 34.99
C GLY B 149 -17.21 26.71 34.72
N VAL B 150 -16.37 25.71 34.59
CA VAL B 150 -16.82 24.34 34.36
C VAL B 150 -16.71 23.51 35.65
N VAL B 151 -17.84 22.85 35.96
CA VAL B 151 -17.93 21.88 37.02
C VAL B 151 -18.25 20.49 36.45
N ASP B 152 -17.31 19.59 36.72
CA ASP B 152 -17.32 18.20 36.29
C ASP B 152 -18.08 17.38 37.32
N PHE B 153 -19.10 16.69 36.87
CA PHE B 153 -19.89 15.79 37.70
C PHE B 153 -19.65 14.33 37.41
N PHE B 154 -18.73 13.97 36.49
CA PHE B 154 -18.28 12.57 36.36
C PHE B 154 -19.38 11.52 36.10
N PHE B 155 -20.43 11.94 35.43
CA PHE B 155 -21.56 11.15 35.05
C PHE B 155 -22.38 10.70 36.27
N ASP B 156 -22.11 11.25 37.45
CA ASP B 156 -22.90 10.84 38.67
C ASP B 156 -24.09 11.76 38.81
N LEU B 157 -25.29 11.20 38.58
CA LEU B 157 -26.51 12.00 38.64
C LEU B 157 -26.87 12.39 40.09
N GLY B 158 -26.33 11.68 41.07
CA GLY B 158 -26.39 12.16 42.46
C GLY B 158 -25.69 13.51 42.62
N LEU B 159 -24.44 13.57 42.16
CA LEU B 159 -23.69 14.82 42.12
C LEU B 159 -24.39 15.87 41.28
N LEU B 160 -24.96 15.48 40.15
CA LEU B 160 -25.64 16.41 39.29
C LEU B 160 -26.85 17.02 40.02
N ARG B 161 -27.61 16.17 40.72
CA ARG B 161 -28.78 16.66 41.48
C ARG B 161 -28.36 17.72 42.49
N GLU B 162 -27.27 17.48 43.22
CA GLU B 162 -26.68 18.48 44.12
C GLU B 162 -26.35 19.79 43.42
N LEU B 163 -25.65 19.71 42.29
CA LEU B 163 -25.31 20.91 41.52
C LEU B 163 -26.54 21.67 41.01
N LEU B 164 -27.62 20.95 40.66
CA LEU B 164 -28.78 21.61 40.09
C LEU B 164 -29.82 22.08 41.17
N ARG B 165 -29.52 21.93 42.45
CA ARG B 165 -30.41 22.48 43.50
C ARG B 165 -30.57 24.01 43.34
N ALA B 166 -29.43 24.69 43.17
CA ALA B 166 -29.38 26.08 42.74
C ALA B 166 -29.03 26.17 41.25
N PRO B 167 -30.03 26.10 40.35
CA PRO B 167 -29.71 25.96 38.93
C PRO B 167 -29.58 27.28 38.17
N GLU B 168 -29.77 28.40 38.86
CA GLU B 168 -29.99 29.67 38.16
C GLU B 168 -28.68 30.17 37.49
N ARG B 169 -27.53 29.69 37.99
CA ARG B 169 -26.22 30.06 37.45
C ARG B 169 -25.72 29.09 36.36
N VAL B 170 -26.55 28.11 36.01
CA VAL B 170 -26.09 27.03 35.13
C VAL B 170 -26.60 27.31 33.73
N ALA B 171 -25.64 27.60 32.85
CA ALA B 171 -25.88 27.81 31.43
C ALA B 171 -26.23 26.52 30.67
N ALA B 172 -25.52 25.44 30.96
CA ALA B 172 -25.84 24.18 30.31
C ALA B 172 -25.21 23.05 31.06
N VAL B 173 -25.81 21.89 30.85
CA VAL B 173 -25.24 20.61 31.19
C VAL B 173 -24.71 20.08 29.85
N VAL B 174 -23.43 19.69 29.85
CA VAL B 174 -22.75 19.28 28.60
C VAL B 174 -22.19 17.88 28.81
N VAL B 175 -22.68 16.94 28.03
CA VAL B 175 -22.41 15.52 28.27
CA VAL B 175 -22.41 15.51 28.26
C VAL B 175 -21.96 14.80 26.99
N SER B 176 -20.86 14.07 27.10
CA SER B 176 -20.36 13.14 26.07
C SER B 176 -20.89 11.74 26.32
N PRO B 177 -21.83 11.30 25.50
CA PRO B 177 -22.43 9.98 25.78
C PRO B 177 -21.48 8.81 25.69
N ASP B 178 -21.73 7.80 26.49
CA ASP B 178 -21.07 6.52 26.32
C ASP B 178 -22.17 5.49 26.43
N HIS B 179 -22.32 4.68 25.41
CA HIS B 179 -23.37 3.68 25.35
C HIS B 179 -22.93 2.27 25.73
N MET B 180 -21.68 2.14 26.16
CA MET B 180 -21.19 0.88 26.71
C MET B 180 -21.43 0.89 28.20
N HIS B 181 -21.33 2.06 28.84
CA HIS B 181 -21.27 2.12 30.29
C HIS B 181 -22.46 2.82 30.97
N LEU B 182 -23.32 3.41 30.18
CA LEU B 182 -24.50 4.09 30.70
C LEU B 182 -25.69 3.51 29.99
N SER B 183 -26.75 3.20 30.74
CA SER B 183 -27.94 2.62 30.11
C SER B 183 -28.87 3.69 29.56
N PRO B 184 -29.80 3.31 28.67
CA PRO B 184 -30.85 4.21 28.28
C PRO B 184 -31.47 4.99 29.44
N GLY B 185 -31.70 4.35 30.59
CA GLY B 185 -32.40 4.99 31.71
C GLY B 185 -31.57 6.06 32.45
N TRP B 186 -30.25 5.90 32.40
CA TRP B 186 -29.36 6.97 32.81
C TRP B 186 -29.67 8.23 32.01
N TYR B 187 -29.86 8.08 30.69
CA TYR B 187 -30.13 9.22 29.82
C TYR B 187 -31.50 9.82 30.15
N ARG B 188 -32.50 8.97 30.30
CA ARG B 188 -33.81 9.50 30.73
C ARG B 188 -33.75 10.31 32.03
N GLU B 189 -33.08 9.80 33.04
CA GLU B 189 -32.89 10.54 34.26
C GLU B 189 -32.10 11.86 34.09
N LEU B 190 -31.03 11.85 33.29
CA LEU B 190 -30.33 13.11 33.01
C LEU B 190 -31.26 14.14 32.37
N ARG B 191 -32.02 13.69 31.38
CA ARG B 191 -32.93 14.59 30.70
C ARG B 191 -33.90 15.22 31.69
N ARG B 192 -34.45 14.43 32.60
CA ARG B 192 -35.52 14.98 33.43
C ARG B 192 -34.90 15.80 34.57
N LEU B 193 -33.65 15.53 34.94
CA LEU B 193 -32.98 16.42 35.85
C LEU B 193 -32.76 17.81 35.23
N CYS B 194 -32.32 17.85 33.96
CA CYS B 194 -32.22 19.09 33.20
C CYS B 194 -33.57 19.81 32.99
N SER B 195 -34.61 19.04 32.67
CA SER B 195 -35.96 19.62 32.58
C SER B 195 -36.48 20.27 33.84
N ALA B 196 -36.41 19.55 34.96
CA ALA B 196 -36.85 20.03 36.28
C ALA B 196 -36.11 21.29 36.69
N ALA B 197 -34.81 21.32 36.42
CA ALA B 197 -33.98 22.47 36.70
C ALA B 197 -34.13 23.63 35.73
N GLY B 198 -34.75 23.39 34.59
CA GLY B 198 -34.89 24.40 33.55
C GLY B 198 -33.55 24.79 32.92
N VAL B 199 -32.67 23.81 32.74
CA VAL B 199 -31.35 24.13 32.13
C VAL B 199 -31.16 23.53 30.73
N VAL B 200 -30.33 24.20 29.93
CA VAL B 200 -30.01 23.77 28.56
C VAL B 200 -29.19 22.49 28.63
N LEU B 201 -29.47 21.58 27.70
CA LEU B 201 -28.71 20.32 27.58
C LEU B 201 -27.95 20.25 26.23
N VAL B 202 -26.63 20.15 26.31
CA VAL B 202 -25.76 20.05 25.13
C VAL B 202 -25.24 18.62 25.06
N ALA B 203 -25.55 17.91 23.97
CA ALA B 203 -25.05 16.58 23.71
C ALA B 203 -23.74 16.68 22.87
N ASP B 204 -22.61 16.43 23.51
CA ASP B 204 -21.32 16.33 22.78
C ASP B 204 -21.22 14.95 22.14
N GLU B 205 -21.75 14.86 20.91
CA GLU B 205 -21.74 13.63 20.15
C GLU B 205 -20.58 13.59 19.15
N VAL B 206 -19.49 14.26 19.49
CA VAL B 206 -18.33 14.21 18.60
C VAL B 206 -17.95 12.78 18.24
N LYS B 207 -17.94 11.87 19.22
CA LYS B 207 -17.57 10.46 18.95
C LYS B 207 -18.77 9.63 18.45
N VAL B 208 -19.88 9.71 19.19
CA VAL B 208 -20.99 8.80 18.93
C VAL B 208 -21.99 9.28 17.91
N GLY B 209 -21.96 10.58 17.60
CA GLY B 209 -22.90 11.09 16.59
C GLY B 209 -22.79 10.48 15.22
N LEU B 210 -23.92 10.11 14.61
CA LEU B 210 -23.95 9.46 13.27
C LEU B 210 -23.44 8.01 13.17
N ARG B 211 -23.03 7.41 14.28
CA ARG B 211 -22.41 6.09 14.23
C ARG B 211 -23.34 4.93 14.63
N TYR B 212 -24.25 5.21 15.55
CA TYR B 212 -25.21 4.21 16.08
C TYR B 212 -26.42 4.15 15.17
N ALA B 213 -26.66 5.23 14.44
CA ALA B 213 -27.85 5.42 13.60
C ALA B 213 -27.54 6.61 12.73
N PRO B 214 -28.39 6.89 11.72
CA PRO B 214 -28.27 8.10 10.89
C PRO B 214 -28.87 9.31 11.59
N GLY B 215 -28.27 9.66 12.70
CA GLY B 215 -28.60 10.84 13.46
C GLY B 215 -27.85 10.81 14.77
N LEU B 216 -28.34 11.59 15.72
CA LEU B 216 -27.81 11.59 17.07
C LEU B 216 -28.12 10.29 17.77
N SER B 217 -27.16 9.80 18.53
CA SER B 217 -27.38 8.60 19.35
C SER B 217 -28.38 8.86 20.47
N THR B 218 -28.47 10.11 20.91
CA THR B 218 -29.36 10.48 22.02
C THR B 218 -30.58 11.30 21.61
N ALA B 219 -30.96 11.25 20.34
CA ALA B 219 -32.02 12.08 19.77
C ALA B 219 -33.30 11.93 20.62
N GLU B 220 -33.64 10.70 20.93
CA GLU B 220 -34.90 10.36 21.63
C GLU B 220 -34.66 10.37 23.12
N LEU B 221 -33.51 9.84 23.52
CA LEU B 221 -33.18 9.71 24.93
C LEU B 221 -33.00 11.05 25.63
N LEU B 222 -32.37 12.00 24.96
CA LEU B 222 -32.05 13.30 25.54
C LEU B 222 -32.74 14.49 24.92
N ALA B 223 -33.09 14.40 23.63
CA ALA B 223 -33.63 15.49 22.84
C ALA B 223 -32.87 16.78 23.20
N PRO B 224 -31.54 16.75 22.99
CA PRO B 224 -30.74 17.88 23.40
C PRO B 224 -31.09 19.18 22.69
N ASP B 225 -30.87 20.29 23.37
CA ASP B 225 -31.13 21.60 22.79
C ASP B 225 -30.06 21.96 21.75
N VAL B 226 -28.87 21.45 21.98
CA VAL B 226 -27.70 21.73 21.08
C VAL B 226 -26.98 20.40 20.97
N TRP B 227 -26.49 20.10 19.78
CA TRP B 227 -25.70 18.90 19.56
C TRP B 227 -24.40 19.28 18.86
N VAL B 228 -23.44 18.37 19.01
CA VAL B 228 -22.13 18.46 18.30
C VAL B 228 -21.82 17.09 17.73
N VAL B 229 -21.40 17.02 16.47
CA VAL B 229 -20.88 15.79 15.90
C VAL B 229 -19.55 16.06 15.17
N ALA B 230 -18.84 15.00 14.86
CA ALA B 230 -17.58 15.12 14.10
C ALA B 230 -17.03 13.83 13.52
N LYS B 231 -16.72 12.88 14.39
CA LYS B 231 -16.01 11.68 13.94
C LYS B 231 -16.78 10.91 12.92
N GLY B 232 -18.11 10.99 12.97
CA GLY B 232 -18.94 10.23 12.04
C GLY B 232 -19.25 10.87 10.70
N MET B 233 -18.83 12.12 10.48
CA MET B 233 -19.31 12.89 9.36
C MET B 233 -18.48 12.91 8.08
N ALA B 234 -17.21 12.48 8.14
CA ALA B 234 -16.35 12.72 6.97
C ALA B 234 -15.26 11.68 6.73
N ASN B 235 -15.51 10.47 7.23
CA ASN B 235 -14.56 9.38 7.21
C ASN B 235 -13.15 9.83 7.55
N GLY B 236 -13.04 10.64 8.59
CA GLY B 236 -11.72 11.04 9.13
C GLY B 236 -11.19 12.42 8.77
N HIS B 237 -11.78 13.05 7.76
CA HIS B 237 -11.43 14.37 7.36
C HIS B 237 -11.78 15.48 8.36
N ALA B 238 -11.12 16.64 8.18
CA ALA B 238 -11.00 17.63 9.23
C ALA B 238 -12.20 18.58 9.31
N VAL B 239 -13.31 18.05 9.84
CA VAL B 239 -14.56 18.81 9.96
C VAL B 239 -15.35 18.30 11.14
N SER B 240 -16.09 19.21 11.73
CA SER B 240 -17.03 18.95 12.82
C SER B 240 -18.24 19.87 12.65
N ALA B 241 -19.31 19.65 13.43
CA ALA B 241 -20.53 20.42 13.23
C ALA B 241 -21.29 20.58 14.56
N VAL B 242 -21.97 21.71 14.67
CA VAL B 242 -22.85 22.02 15.82
C VAL B 242 -24.23 22.35 15.27
N GLY B 243 -25.26 22.05 16.04
CA GLY B 243 -26.57 22.52 15.61
C GLY B 243 -27.51 22.55 16.79
N GLY B 244 -28.63 23.21 16.57
CA GLY B 244 -29.65 23.42 17.62
C GLY B 244 -30.39 24.72 17.38
N SER B 245 -30.90 25.35 18.45
CA SER B 245 -31.81 26.49 18.25
C SER B 245 -31.08 27.73 17.76
N ARG B 246 -31.77 28.45 16.88
CA ARG B 246 -31.32 29.76 16.42
C ARG B 246 -30.95 30.69 17.57
N ARG B 247 -31.82 30.79 18.58
CA ARG B 247 -31.57 31.62 19.74
CA ARG B 247 -31.55 31.64 19.73
C ARG B 247 -30.30 31.21 20.51
N LEU B 248 -30.16 29.91 20.78
CA LEU B 248 -29.05 29.44 21.61
C LEU B 248 -27.72 29.58 20.86
N LEU B 249 -27.79 29.50 19.55
CA LEU B 249 -26.56 29.49 18.71
C LEU B 249 -26.33 30.79 17.98
N LYS B 250 -27.13 31.80 18.28
CA LYS B 250 -26.97 33.10 17.64
C LYS B 250 -25.54 33.64 17.81
N PRO B 251 -24.88 33.38 18.95
CA PRO B 251 -23.53 33.93 19.04
C PRO B 251 -22.56 33.37 17.98
N LEU B 252 -22.95 32.27 17.33
CA LEU B 252 -22.07 31.67 16.29
C LEU B 252 -21.98 32.51 15.04
N LYS B 253 -22.83 33.51 14.92
CA LYS B 253 -22.75 34.42 13.80
C LYS B 253 -21.38 35.12 13.75
N GLU B 254 -20.67 35.15 14.87
CA GLU B 254 -19.37 35.80 14.95
C GLU B 254 -18.23 34.89 14.46
N VAL B 255 -18.51 33.63 14.12
CA VAL B 255 -17.48 32.68 13.68
C VAL B 255 -17.27 32.75 12.18
N SER B 256 -16.00 32.87 11.76
CA SER B 256 -15.58 32.66 10.41
C SER B 256 -14.13 32.18 10.51
N PHE B 257 -13.75 31.34 9.58
CA PHE B 257 -12.37 30.90 9.48
C PHE B 257 -11.95 30.71 8.02
N THR B 258 -10.65 30.88 7.81
CA THR B 258 -10.10 31.06 6.46
C THR B 258 -10.40 29.88 5.52
N SER B 259 -10.26 28.66 6.04
CA SER B 259 -10.37 27.44 5.24
C SER B 259 -11.81 26.91 5.09
N PHE B 260 -12.79 27.72 5.51
CA PHE B 260 -14.19 27.26 5.61
C PHE B 260 -14.66 26.59 4.33
N PHE B 261 -14.25 27.14 3.19
CA PHE B 261 -14.74 26.69 1.91
C PHE B 261 -13.85 25.64 1.21
N GLU B 262 -12.83 25.15 1.92
CA GLU B 262 -11.87 24.21 1.33
C GLU B 262 -12.64 23.00 0.71
N PRO B 263 -12.45 22.77 -0.59
CA PRO B 263 -13.45 21.85 -1.21
C PRO B 263 -13.18 20.38 -0.97
N THR B 264 -11.93 19.98 -0.72
CA THR B 264 -11.72 18.56 -0.41
C THR B 264 -12.47 18.07 0.83
N ILE B 265 -12.55 18.93 1.85
CA ILE B 265 -13.21 18.54 3.08
C ILE B 265 -14.70 18.50 2.86
N LEU B 266 -15.22 19.44 2.08
CA LEU B 266 -16.65 19.41 1.76
C LEU B 266 -16.98 18.17 0.96
N ALA B 267 -16.09 17.82 0.04
CA ALA B 267 -16.29 16.63 -0.77
C ALA B 267 -16.38 15.38 0.09
N ALA B 268 -15.44 15.22 1.01
CA ALA B 268 -15.43 14.05 1.88
C ALA B 268 -16.64 14.00 2.82
N ALA B 269 -17.00 15.13 3.38
CA ALA B 269 -18.22 15.19 4.20
C ALA B 269 -19.47 14.82 3.41
N ASP B 270 -19.61 15.42 2.24
CA ASP B 270 -20.81 15.18 1.41
C ASP B 270 -20.89 13.68 1.08
N ALA B 271 -19.76 13.10 0.66
CA ALA B 271 -19.75 11.68 0.31
C ALA B 271 -20.01 10.75 1.49
N ALA B 272 -19.39 11.03 2.62
CA ALA B 272 -19.56 10.19 3.77
C ALA B 272 -20.97 10.33 4.31
N LEU B 273 -21.50 11.55 4.33
CA LEU B 273 -22.82 11.74 4.94
C LEU B 273 -23.90 11.11 4.04
N ALA B 274 -23.64 11.05 2.75
CA ALA B 274 -24.58 10.37 1.84
C ALA B 274 -24.69 8.88 2.22
N ARG B 275 -23.57 8.28 2.57
CA ARG B 275 -23.56 6.92 3.09
CA ARG B 275 -23.64 6.91 3.06
C ARG B 275 -24.20 6.80 4.48
N VAL B 276 -23.77 7.67 5.39
CA VAL B 276 -24.33 7.72 6.73
C VAL B 276 -25.88 7.82 6.72
N ALA B 277 -26.42 8.58 5.79
CA ALA B 277 -27.85 8.89 5.77
C ALA B 277 -28.69 7.64 5.54
N THR B 278 -28.13 6.69 4.80
CA THR B 278 -28.83 5.42 4.48
C THR B 278 -28.94 4.51 5.69
N GLY B 279 -28.08 4.71 6.69
CA GLY B 279 -27.94 3.79 7.82
C GLY B 279 -27.22 2.48 7.59
N GLU B 280 -26.72 2.24 6.38
CA GLU B 280 -26.09 0.99 6.01
C GLU B 280 -24.73 0.80 6.69
N PRO B 281 -23.85 1.81 6.61
CA PRO B 281 -22.55 1.56 7.28
C PRO B 281 -22.67 1.32 8.78
N GLN B 282 -23.60 2.02 9.44
CA GLN B 282 -23.82 1.84 10.85
C GLN B 282 -24.27 0.41 11.15
N ARG B 283 -25.19 -0.10 10.32
CA ARG B 283 -25.62 -1.48 10.48
C ARG B 283 -24.50 -2.47 10.20
N ALA B 284 -23.70 -2.19 9.16
CA ALA B 284 -22.61 -3.09 8.78
C ALA B 284 -21.61 -3.19 9.92
N VAL B 285 -21.32 -2.03 10.52
CA VAL B 285 -20.37 -1.95 11.63
C VAL B 285 -20.90 -2.68 12.85
N ARG B 286 -22.16 -2.42 13.21
CA ARG B 286 -22.73 -3.14 14.36
C ARG B 286 -22.65 -4.64 14.14
N GLU B 287 -23.00 -5.08 12.95
CA GLU B 287 -23.09 -6.53 12.63
C GLU B 287 -21.70 -7.22 12.63
N ALA B 288 -20.75 -6.58 11.96
CA ALA B 288 -19.37 -7.03 11.96
C ALA B 288 -18.76 -7.09 13.33
N GLY B 289 -18.89 -6.01 14.10
CA GLY B 289 -18.36 -5.97 15.44
C GLY B 289 -19.05 -6.98 16.34
N ASP B 290 -20.36 -7.16 16.18
CA ASP B 290 -21.08 -8.13 17.01
C ASP B 290 -20.63 -9.52 16.67
N ARG B 291 -20.37 -9.80 15.39
CA ARG B 291 -19.75 -11.07 15.00
C ARG B 291 -18.39 -11.27 15.66
N PHE B 292 -17.51 -10.28 15.53
CA PHE B 292 -16.24 -10.38 16.21
C PHE B 292 -16.37 -10.63 17.72
N LEU B 293 -17.35 -9.99 18.36
CA LEU B 293 -17.59 -10.15 19.80
C LEU B 293 -18.11 -11.52 20.21
N ARG B 294 -19.04 -12.09 19.43
CA ARG B 294 -19.51 -13.45 19.72
C ARG B 294 -18.27 -14.33 19.78
N HIS B 295 -17.39 -14.17 18.79
CA HIS B 295 -16.20 -14.98 18.74
C HIS B 295 -15.21 -14.69 19.87
N ALA B 296 -14.94 -13.42 20.14
CA ALA B 296 -13.94 -13.06 21.12
C ALA B 296 -14.44 -13.52 22.52
N ARG B 297 -15.72 -13.32 22.78
CA ARG B 297 -16.25 -13.70 24.10
C ARG B 297 -16.08 -15.19 24.30
N LYS B 298 -16.41 -15.95 23.26
CA LYS B 298 -16.25 -17.40 23.30
C LYS B 298 -14.79 -17.81 23.51
N ALA B 299 -13.89 -17.20 22.76
CA ALA B 299 -12.48 -17.56 22.88
C ALA B 299 -11.94 -17.24 24.28
N LEU B 300 -12.32 -16.09 24.86
CA LEU B 300 -11.87 -15.74 26.21
C LEU B 300 -12.43 -16.75 27.25
N ASP B 301 -13.69 -17.14 27.07
CA ASP B 301 -14.37 -18.08 27.99
C ASP B 301 -13.75 -19.49 27.89
N ASP B 302 -13.59 -19.98 26.66
CA ASP B 302 -12.92 -21.27 26.42
C ASP B 302 -11.50 -21.32 26.97
N ALA B 303 -10.78 -20.19 26.97
CA ALA B 303 -9.44 -20.15 27.55
C ALA B 303 -9.37 -19.81 29.05
N SER B 304 -10.53 -19.67 29.71
CA SER B 304 -10.62 -19.25 31.11
C SER B 304 -9.94 -17.91 31.45
N LEU B 305 -10.06 -16.93 30.54
CA LEU B 305 -9.35 -15.68 30.76
C LEU B 305 -10.35 -14.70 31.37
N PRO B 306 -10.02 -14.09 32.51
CA PRO B 306 -10.96 -13.16 33.12
C PRO B 306 -10.88 -11.77 32.47
N VAL B 307 -11.54 -11.67 31.32
CA VAL B 307 -11.66 -10.44 30.54
C VAL B 307 -13.10 -10.35 30.09
N GLU B 308 -13.81 -9.30 30.53
CA GLU B 308 -15.16 -9.05 30.05
C GLU B 308 -15.06 -8.14 28.85
N ILE B 309 -16.14 -8.05 28.11
CA ILE B 309 -16.26 -7.04 27.05
C ILE B 309 -17.51 -6.19 27.23
N ALA B 310 -17.28 -4.89 27.42
CA ALA B 310 -18.35 -3.90 27.49
C ALA B 310 -18.69 -3.43 26.09
N GLY B 311 -19.94 -3.02 25.89
CA GLY B 311 -20.37 -2.44 24.64
C GLY B 311 -20.87 -3.47 23.65
N ASP B 312 -20.75 -3.13 22.36
CA ASP B 312 -21.34 -3.95 21.32
C ASP B 312 -20.55 -3.65 20.07
N GLY B 313 -21.04 -4.12 18.92
CA GLY B 313 -20.33 -4.01 17.65
C GLY B 313 -19.96 -2.58 17.22
N THR B 314 -20.75 -1.60 17.68
CA THR B 314 -20.53 -0.24 17.28
C THR B 314 -19.26 0.30 17.98
N PHE B 315 -19.17 0.02 19.26
CA PHE B 315 -18.03 0.35 20.12
C PHE B 315 -18.00 -0.63 21.29
N PHE B 316 -16.87 -1.32 21.46
CA PHE B 316 -16.66 -2.27 22.54
C PHE B 316 -15.33 -2.01 23.22
N GLN B 317 -15.22 -2.47 24.45
CA GLN B 317 -14.04 -2.29 25.26
C GLN B 317 -13.72 -3.57 26.03
N PHE B 318 -12.47 -4.02 25.92
CA PHE B 318 -11.98 -5.09 26.80
C PHE B 318 -11.91 -4.60 28.24
N VAL B 319 -12.37 -5.45 29.16
CA VAL B 319 -12.33 -5.14 30.58
C VAL B 319 -11.66 -6.29 31.33
N PRO B 320 -10.34 -6.29 31.35
CA PRO B 320 -9.59 -7.37 32.00
C PRO B 320 -9.59 -7.19 33.52
N ALA B 321 -9.42 -8.30 34.22
CA ALA B 321 -9.47 -8.33 35.69
C ALA B 321 -8.35 -7.57 36.33
N THR B 322 -7.18 -7.53 35.69
CA THR B 322 -6.04 -6.76 36.19
C THR B 322 -5.29 -5.93 35.15
N GLU B 323 -4.57 -4.92 35.61
CA GLU B 323 -3.77 -4.07 34.74
C GLU B 323 -2.66 -4.86 34.07
N GLU B 324 -2.15 -5.88 34.73
CA GLU B 324 -1.05 -6.67 34.15
C GLU B 324 -1.59 -7.57 33.02
N LEU B 325 -2.80 -8.08 33.21
CA LEU B 325 -3.47 -8.84 32.16
C LEU B 325 -3.86 -7.91 31.00
N GLU B 326 -4.33 -6.71 31.32
CA GLU B 326 -4.66 -5.76 30.27
C GLU B 326 -3.41 -5.49 29.43
N GLU B 327 -2.29 -5.22 30.08
CA GLU B 327 -1.02 -5.08 29.38
C GLU B 327 -0.68 -6.28 28.48
N ALA B 328 -0.85 -7.49 29.00
CA ALA B 328 -0.44 -8.67 28.29
C ALA B 328 -1.38 -8.93 27.08
N LEU B 329 -2.64 -8.57 27.28
CA LEU B 329 -3.66 -8.63 26.19
C LEU B 329 -3.24 -7.81 24.95
N TYR B 330 -2.90 -6.54 25.17
CA TYR B 330 -2.53 -5.67 24.03
C TYR B 330 -1.16 -6.07 23.50
N GLY B 331 -0.24 -6.48 24.36
CA GLY B 331 1.01 -7.08 23.85
C GLY B 331 0.81 -8.27 22.90
N ALA B 332 -0.11 -9.13 23.25
CA ALA B 332 -0.42 -10.30 22.45
C ALA B 332 -1.12 -9.92 21.15
N ALA B 333 -2.09 -9.03 21.28
CA ALA B 333 -2.79 -8.50 20.07
C ALA B 333 -1.82 -7.85 19.12
N ASN B 334 -0.90 -7.03 19.65
CA ASN B 334 0.12 -6.42 18.79
C ASN B 334 0.97 -7.48 18.09
N ALA B 335 1.32 -8.54 18.79
CA ALA B 335 2.13 -9.61 18.18
C ALA B 335 1.40 -10.28 17.02
N GLU B 336 0.09 -10.35 17.12
CA GLU B 336 -0.76 -10.99 16.11
C GLU B 336 -1.30 -10.01 15.04
N GLY B 337 -0.91 -8.74 15.12
CA GLY B 337 -1.37 -7.75 14.13
C GLY B 337 -2.83 -7.37 14.21
N LEU B 338 -3.34 -7.36 15.44
CA LEU B 338 -4.66 -6.76 15.72
C LEU B 338 -4.42 -5.43 16.39
N LEU B 339 -4.76 -4.34 15.70
CA LEU B 339 -4.46 -3.00 16.23
C LEU B 339 -5.66 -2.50 16.99
N PHE B 340 -5.61 -2.68 18.31
CA PHE B 340 -6.65 -2.13 19.16
C PHE B 340 -6.26 -0.74 19.64
N TYR B 341 -7.25 0.11 19.90
CA TYR B 341 -7.02 1.39 20.55
C TYR B 341 -6.80 1.07 22.05
N ALA B 342 -5.56 1.07 22.51
CA ALA B 342 -5.22 0.38 23.76
C ALA B 342 -5.98 0.99 24.92
N GLY B 343 -6.71 0.13 25.62
CA GLY B 343 -7.43 0.50 26.84
C GLY B 343 -8.74 1.19 26.65
N ASP B 344 -9.15 1.42 25.39
CA ASP B 344 -10.21 2.34 25.08
C ASP B 344 -11.25 1.59 24.27
N ASN B 345 -12.00 2.31 23.46
CA ASN B 345 -12.99 1.58 22.69
C ASN B 345 -12.55 1.21 21.29
N GLN B 346 -13.00 0.03 20.86
CA GLN B 346 -12.70 -0.49 19.56
C GLN B 346 -13.86 -0.19 18.67
N GLY B 347 -13.56 0.35 17.50
CA GLY B 347 -14.55 0.83 16.56
C GLY B 347 -14.26 0.36 15.16
N VAL B 348 -14.83 -0.79 14.82
CA VAL B 348 -14.61 -1.35 13.48
C VAL B 348 -15.22 -0.46 12.39
N SER B 349 -14.82 -0.67 11.14
CA SER B 349 -15.32 0.12 10.04
C SER B 349 -16.20 -0.76 9.14
N ALA B 350 -16.84 -0.14 8.19
CA ALA B 350 -17.66 -0.88 7.21
C ALA B 350 -16.84 -1.75 6.24
N ALA B 351 -15.53 -1.57 6.23
CA ALA B 351 -14.66 -2.41 5.44
C ALA B 351 -14.33 -3.75 6.09
N PHE B 352 -14.90 -4.03 7.24
CA PHE B 352 -14.75 -5.32 7.91
C PHE B 352 -15.71 -6.33 7.26
N ASP B 353 -15.26 -6.86 6.14
CA ASP B 353 -16.03 -7.84 5.36
C ASP B 353 -15.76 -9.25 5.89
N GLU B 354 -16.32 -10.27 5.24
CA GLU B 354 -16.16 -11.64 5.70
C GLU B 354 -14.70 -12.04 5.85
N ALA B 355 -13.90 -11.65 4.88
CA ALA B 355 -12.50 -12.09 4.85
C ALA B 355 -11.71 -11.44 6.01
N VAL B 356 -11.95 -10.16 6.24
CA VAL B 356 -11.33 -9.44 7.34
C VAL B 356 -11.76 -10.03 8.69
N LEU B 357 -13.05 -10.33 8.84
CA LEU B 357 -13.53 -10.91 10.07
C LEU B 357 -12.95 -12.29 10.36
N GLY B 358 -12.84 -13.11 9.34
CA GLY B 358 -12.27 -14.44 9.51
C GLY B 358 -10.84 -14.36 9.98
N GLU B 359 -10.05 -13.48 9.37
CA GLU B 359 -8.68 -13.27 9.77
C GLU B 359 -8.55 -12.69 11.18
N ALA B 360 -9.40 -11.71 11.52
CA ALA B 360 -9.34 -11.14 12.84
C ALA B 360 -9.70 -12.19 13.90
N GLU B 361 -10.64 -13.06 13.58
CA GLU B 361 -11.01 -14.15 14.48
C GLU B 361 -9.88 -15.12 14.67
N ARG B 362 -9.21 -15.52 13.60
CA ARG B 362 -8.04 -16.40 13.71
C ARG B 362 -6.94 -15.74 14.53
N ARG B 363 -6.70 -14.45 14.30
CA ARG B 363 -5.68 -13.72 15.08
C ARG B 363 -6.03 -13.65 16.56
N PHE B 364 -7.31 -13.39 16.85
CA PHE B 364 -7.78 -13.30 18.23
C PHE B 364 -7.70 -14.63 18.95
N ALA B 365 -8.00 -15.74 18.28
CA ALA B 365 -7.74 -17.07 18.85
C ALA B 365 -6.28 -17.23 19.26
N ARG B 366 -5.35 -16.76 18.42
CA ARG B 366 -3.96 -16.85 18.75
C ARG B 366 -3.57 -15.93 19.91
N VAL B 367 -4.18 -14.76 20.02
CA VAL B 367 -4.02 -13.87 21.17
C VAL B 367 -4.35 -14.69 22.43
N CYS B 368 -5.47 -15.41 22.37
CA CYS B 368 -5.93 -16.13 23.55
C CYS B 368 -4.94 -17.26 23.90
N GLU B 369 -4.32 -17.87 22.88
CA GLU B 369 -3.30 -18.90 23.13
C GLU B 369 -2.12 -18.29 23.84
N ARG B 370 -1.69 -17.09 23.41
CA ARG B 370 -0.54 -16.44 24.05
C ARG B 370 -0.78 -16.06 25.50
N LEU B 371 -2.05 -15.86 25.83
CA LEU B 371 -2.46 -15.45 27.16
C LEU B 371 -2.66 -16.63 28.12
N ALA B 372 -2.32 -17.84 27.66
CA ALA B 372 -2.43 -19.04 28.50
C ALA B 372 -1.94 -18.85 29.93
N PRO B 373 -0.81 -18.17 30.14
CA PRO B 373 -0.43 -18.09 31.55
C PRO B 373 -1.47 -17.51 32.51
N TYR B 374 -2.40 -16.68 31.99
CA TYR B 374 -3.42 -16.00 32.79
C TYR B 374 -4.71 -16.77 33.01
N ALA B 375 -4.81 -17.96 32.42
CA ALA B 375 -5.96 -18.84 32.55
C ALA B 375 -6.34 -19.07 34.02
N GLY B 376 -7.64 -19.04 34.30
CA GLY B 376 -8.17 -19.32 35.65
C GLY B 376 -8.04 -18.21 36.69
N GLY B 377 -7.55 -17.03 36.31
CA GLY B 377 -7.36 -15.94 37.27
C GLY B 377 -8.66 -15.46 37.89
N GLU B 378 -8.52 -14.74 39.01
CA GLU B 378 -9.67 -14.15 39.70
C GLU B 378 -10.51 -13.38 38.67
N PRO B 379 -11.83 -13.53 38.71
CA PRO B 379 -12.63 -12.85 37.71
C PRO B 379 -12.70 -11.35 37.92
N VAL B 380 -13.37 -10.71 36.96
CA VAL B 380 -13.41 -9.27 36.89
C VAL B 380 -14.25 -8.76 38.07
N GLY B 381 -13.66 -7.86 38.85
CA GLY B 381 -14.37 -7.16 39.93
C GLY B 381 -14.71 -5.73 39.57
N ASP B 382 -15.53 -5.11 40.41
CA ASP B 382 -16.02 -3.76 40.15
C ASP B 382 -14.92 -2.70 40.10
N ALA B 383 -13.85 -2.91 40.84
CA ALA B 383 -12.77 -1.93 40.86
C ALA B 383 -12.15 -1.82 39.43
N ALA B 384 -11.92 -2.97 38.82
CA ALA B 384 -11.45 -3.03 37.44
C ALA B 384 -12.46 -2.44 36.47
N ARG B 385 -13.75 -2.72 36.63
CA ARG B 385 -14.78 -2.15 35.76
C ARG B 385 -14.77 -0.63 35.81
N TYR B 386 -14.60 -0.08 37.01
CA TYR B 386 -14.57 1.37 37.15
C TYR B 386 -13.30 1.96 36.54
N ARG B 387 -12.16 1.32 36.77
CA ARG B 387 -10.90 1.86 36.24
C ARG B 387 -10.92 1.86 34.70
N VAL B 388 -11.39 0.78 34.11
CA VAL B 388 -11.34 0.65 32.65
C VAL B 388 -12.35 1.59 32.01
N ALA B 389 -13.56 1.65 32.58
CA ALA B 389 -14.51 2.62 32.07
C ALA B 389 -14.03 4.06 32.16
N TRP B 390 -13.32 4.42 33.22
CA TRP B 390 -12.82 5.79 33.28
C TRP B 390 -11.89 6.08 32.11
N ASN B 391 -11.20 5.06 31.66
CA ASN B 391 -10.22 5.26 30.60
C ASN B 391 -10.87 5.57 29.26
N VAL B 392 -12.16 5.24 29.11
CA VAL B 392 -12.89 5.63 27.90
C VAL B 392 -13.75 6.88 28.10
N MET B 393 -14.40 7.03 29.25
CA MET B 393 -15.38 8.10 29.42
C MET B 393 -14.91 9.26 30.29
N ASP B 394 -13.80 9.11 30.99
CA ASP B 394 -13.29 10.11 31.92
C ASP B 394 -14.30 10.45 33.02
N GLY B 395 -14.96 9.42 33.50
CA GLY B 395 -15.86 9.56 34.64
C GLY B 395 -16.38 8.19 34.95
N LEU B 396 -17.47 8.16 35.72
CA LEU B 396 -17.95 6.93 36.29
C LEU B 396 -19.00 6.19 35.44
N ARG B 397 -18.76 4.90 35.20
CA ARG B 397 -19.79 4.04 34.69
C ARG B 397 -21.00 3.99 35.63
N GLN B 398 -22.12 3.60 35.07
CA GLN B 398 -23.34 3.46 35.84
C GLN B 398 -23.32 2.16 36.63
N ALA B 399 -23.45 2.28 37.95
CA ALA B 399 -23.71 1.15 38.80
C ALA B 399 -24.22 1.65 40.14
N PRO B 400 -24.92 0.77 40.88
CA PRO B 400 -25.40 1.28 42.17
C PRO B 400 -24.25 1.59 43.12
N ARG B 401 -24.32 2.76 43.75
CA ARG B 401 -23.36 3.13 44.79
C ARG B 401 -23.95 4.18 45.71
N ASP B 402 -23.39 4.25 46.91
CA ASP B 402 -23.77 5.27 47.89
C ASP B 402 -22.84 6.46 47.76
N ARG B 403 -23.25 7.60 48.32
CA ARG B 403 -22.53 8.85 48.09
C ARG B 403 -21.07 8.72 48.51
N GLU B 404 -20.79 7.97 49.58
CA GLU B 404 -19.42 7.79 50.05
C GLU B 404 -18.56 6.92 49.13
N GLU B 405 -19.18 5.92 48.54
CA GLU B 405 -18.54 5.09 47.50
C GLU B 405 -18.16 5.97 46.30
N THR B 406 -19.09 6.83 45.85
CA THR B 406 -18.80 7.85 44.82
C THR B 406 -17.58 8.69 45.14
N THR B 407 -17.56 9.28 46.32
CA THR B 407 -16.42 10.10 46.74
C THR B 407 -15.08 9.33 46.71
N GLY B 408 -15.12 8.09 47.20
CA GLY B 408 -13.96 7.23 47.28
C GLY B 408 -13.43 6.86 45.90
N LEU B 409 -14.35 6.59 44.97
CA LEU B 409 -14.02 6.20 43.59
C LEU B 409 -13.41 7.40 42.88
N LEU B 410 -14.00 8.58 43.04
CA LEU B 410 -13.44 9.79 42.43
C LEU B 410 -12.03 10.02 42.94
N ALA B 411 -11.87 9.93 44.25
CA ALA B 411 -10.57 10.14 44.85
C ALA B 411 -9.51 9.17 44.30
N ARG B 412 -9.87 7.88 44.23
CA ARG B 412 -8.94 6.82 43.82
C ARG B 412 -8.65 6.96 42.34
N LEU B 413 -9.68 7.17 41.54
CA LEU B 413 -9.52 7.09 40.10
C LEU B 413 -8.70 8.29 39.63
N LEU B 414 -9.00 9.47 40.17
CA LEU B 414 -8.26 10.66 39.80
C LEU B 414 -6.82 10.65 40.30
N ASP B 415 -6.62 10.18 41.53
CA ASP B 415 -5.25 10.07 42.08
C ASP B 415 -4.35 9.16 41.25
N ASP B 416 -4.90 8.03 40.79
CA ASP B 416 -4.15 7.03 40.01
C ASP B 416 -3.81 7.47 38.59
N LEU B 417 -4.54 8.46 38.07
CA LEU B 417 -4.26 9.01 36.74
C LEU B 417 -3.33 10.23 36.76
N GLU B 418 -3.02 10.75 37.96
CA GLU B 418 -2.23 11.97 38.15
C GLU B 418 -0.99 11.98 37.28
N HIS B 419 -0.23 10.89 37.34
CA HIS B 419 1.09 10.85 36.73
C HIS B 419 1.10 9.85 35.57
N HIS B 420 0.00 9.82 34.81
CA HIS B 420 -0.06 9.08 33.55
C HIS B 420 -0.55 9.98 32.42
N HIS B 421 -0.04 9.71 31.22
CA HIS B 421 -0.53 10.32 29.98
C HIS B 421 -1.95 9.78 29.78
N HIS B 422 -2.84 10.61 29.23
CA HIS B 422 -4.16 10.13 28.81
C HIS B 422 -4.07 9.69 27.34
N HIS B 423 -5.16 9.19 26.77
CA HIS B 423 -5.11 8.73 25.39
C HIS B 423 -6.39 9.19 24.70
N HIS B 424 -6.63 10.49 24.74
CA HIS B 424 -7.86 11.06 24.19
C HIS B 424 -7.92 11.06 22.65
N SER C 6 -5.93 -39.37 -6.51
CA SER C 6 -6.15 -39.84 -7.91
C SER C 6 -6.14 -38.71 -8.95
N LEU C 7 -6.48 -37.47 -8.55
CA LEU C 7 -6.45 -36.35 -9.49
C LEU C 7 -5.03 -36.04 -10.01
N LEU C 8 -3.98 -36.26 -9.24
CA LEU C 8 -2.66 -35.76 -9.62
C LEU C 8 -2.04 -36.60 -10.73
N ALA C 9 -1.66 -35.93 -11.81
CA ALA C 9 -1.14 -36.61 -12.99
C ALA C 9 0.37 -36.86 -12.94
N GLU C 10 1.08 -36.11 -12.11
CA GLU C 10 2.48 -36.27 -11.86
C GLU C 10 2.72 -37.31 -10.77
N PHE C 11 3.98 -37.67 -10.57
CA PHE C 11 4.35 -38.54 -9.45
C PHE C 11 5.52 -37.84 -8.76
N PRO C 12 5.19 -36.90 -7.85
CA PRO C 12 6.21 -36.11 -7.19
C PRO C 12 7.03 -36.98 -6.25
N THR C 13 8.32 -36.72 -6.22
CA THR C 13 9.16 -37.30 -5.18
C THR C 13 8.81 -36.67 -3.84
N CYS C 14 8.48 -37.53 -2.87
CA CYS C 14 8.16 -37.07 -1.54
C CYS C 14 8.21 -38.26 -0.57
N PRO C 15 8.22 -37.98 0.74
CA PRO C 15 8.10 -39.06 1.71
C PRO C 15 6.81 -39.84 1.51
N ARG C 16 6.92 -41.17 1.41
CA ARG C 16 5.75 -42.02 1.21
C ARG C 16 5.79 -43.11 2.25
N ASP C 17 4.60 -43.57 2.61
CA ASP C 17 4.43 -44.61 3.61
C ASP C 17 4.56 -46.02 2.98
N GLU C 18 4.24 -47.04 3.78
CA GLU C 18 4.38 -48.45 3.37
C GLU C 18 3.52 -48.84 2.16
N LYS C 19 2.40 -48.15 1.97
CA LYS C 19 1.57 -48.29 0.77
C LYS C 19 1.94 -47.34 -0.37
N ASP C 20 3.10 -46.69 -0.27
CA ASP C 20 3.59 -45.71 -1.24
C ASP C 20 2.71 -44.47 -1.38
N ARG C 21 1.93 -44.17 -0.35
CA ARG C 21 1.08 -42.98 -0.36
C ARG C 21 1.87 -41.84 0.28
N PRO C 22 1.81 -40.64 -0.30
CA PRO C 22 2.47 -39.50 0.34
C PRO C 22 2.08 -39.32 1.82
N ARG C 23 3.08 -39.15 2.65
CA ARG C 23 2.87 -38.71 4.01
C ARG C 23 2.40 -37.27 4.00
N VAL C 24 1.47 -36.96 4.90
CA VAL C 24 0.89 -35.64 4.95
C VAL C 24 1.46 -34.86 6.13
N PHE C 25 2.13 -33.73 5.86
CA PHE C 25 2.70 -32.89 6.91
C PHE C 25 1.90 -31.62 7.09
N THR C 26 1.42 -31.37 8.29
CA THR C 26 0.56 -30.21 8.55
C THR C 26 1.33 -29.01 9.04
N ALA C 27 2.57 -29.21 9.50
CA ALA C 27 3.31 -28.10 10.09
C ALA C 27 4.79 -28.43 10.12
N ALA C 28 5.59 -27.38 10.12
CA ALA C 28 7.04 -27.53 10.14
C ALA C 28 7.71 -26.32 10.77
N SER C 29 8.77 -26.56 11.53
CA SER C 29 9.51 -25.48 12.11
C SER C 29 10.94 -25.96 12.42
N GLY C 30 11.93 -25.34 11.80
CA GLY C 30 13.33 -25.71 11.98
C GLY C 30 13.61 -27.12 11.43
N ALA C 31 13.97 -28.04 12.32
CA ALA C 31 14.26 -29.40 11.95
C ALA C 31 13.07 -30.30 12.09
N TRP C 32 11.95 -29.82 12.65
CA TRP C 32 10.79 -30.63 12.95
C TRP C 32 9.62 -30.54 12.00
N LEU C 33 9.05 -31.70 11.66
CA LEU C 33 7.74 -31.80 10.99
C LEU C 33 6.68 -32.44 11.87
N THR C 34 5.43 -32.03 11.72
CA THR C 34 4.30 -32.68 12.37
C THR C 34 3.46 -33.28 11.28
N ASP C 35 3.16 -34.58 11.34
CA ASP C 35 2.34 -35.19 10.31
C ASP C 35 0.89 -35.12 10.74
N GLU C 36 0.00 -35.62 9.89
CA GLU C 36 -1.44 -35.45 10.01
C GLU C 36 -1.95 -36.16 11.25
N SER C 37 -1.26 -37.20 11.69
CA SER C 37 -1.62 -37.93 12.90
CA SER C 37 -1.64 -37.92 12.91
C SER C 37 -1.06 -37.28 14.16
N GLY C 38 -0.43 -36.13 14.01
CA GLY C 38 0.28 -35.48 15.13
C GLY C 38 1.70 -35.92 15.48
N PHE C 39 2.18 -36.95 14.77
CA PHE C 39 3.50 -37.55 15.04
C PHE C 39 4.59 -36.59 14.55
N ARG C 40 5.61 -36.40 15.38
CA ARG C 40 6.62 -35.42 15.12
C ARG C 40 7.93 -36.02 14.63
N TRP C 41 8.46 -35.46 13.53
CA TRP C 41 9.60 -36.06 12.84
C TRP C 41 10.77 -35.11 12.81
N ILE C 42 11.99 -35.65 12.83
CA ILE C 42 13.19 -34.86 12.55
C ILE C 42 13.56 -35.07 11.07
N ASP C 43 13.74 -33.97 10.35
CA ASP C 43 13.75 -33.98 8.89
C ASP C 43 15.19 -33.98 8.41
N PHE C 44 15.60 -35.09 7.79
CA PHE C 44 16.89 -35.21 7.10
C PHE C 44 16.75 -35.11 5.59
N ASP C 45 15.52 -34.98 5.10
CA ASP C 45 15.23 -34.95 3.67
C ASP C 45 15.34 -33.47 3.25
N ASN C 46 14.56 -32.63 3.93
CA ASN C 46 14.62 -31.18 3.78
C ASN C 46 14.43 -30.71 2.35
N ALA C 47 13.31 -31.15 1.79
CA ALA C 47 12.97 -30.92 0.39
C ALA C 47 14.20 -31.25 -0.49
N ARG C 48 14.76 -32.44 -0.24
CA ARG C 48 15.75 -33.08 -1.11
C ARG C 48 16.98 -32.21 -1.08
N GLY C 49 17.17 -31.57 0.06
CA GLY C 49 18.37 -30.78 0.35
C GLY C 49 18.27 -29.32 -0.05
N SER C 50 17.04 -28.85 -0.32
CA SER C 50 16.85 -27.45 -0.63
C SER C 50 16.52 -26.54 0.58
N ILE C 51 16.37 -27.13 1.75
CA ILE C 51 16.12 -26.38 2.97
C ILE C 51 17.40 -26.36 3.80
N LEU C 52 18.28 -25.48 3.41
CA LEU C 52 19.58 -25.36 4.05
C LEU C 52 19.45 -24.71 5.43
N LEU C 53 18.48 -23.80 5.59
CA LEU C 53 18.38 -22.99 6.81
C LEU C 53 17.43 -23.55 7.84
N GLY C 54 16.43 -24.29 7.38
CA GLY C 54 15.42 -24.90 8.22
C GLY C 54 14.05 -24.40 7.84
N HIS C 55 13.03 -25.17 8.17
CA HIS C 55 11.66 -24.83 7.80
C HIS C 55 11.19 -23.59 8.55
N GLY C 56 10.51 -22.72 7.79
CA GLY C 56 9.93 -21.50 8.34
C GLY C 56 10.98 -20.61 8.94
N ASP C 57 12.15 -20.56 8.32
CA ASP C 57 13.22 -19.71 8.81
C ASP C 57 12.67 -18.29 8.99
N PRO C 58 12.81 -17.73 10.20
CA PRO C 58 12.11 -16.47 10.51
C PRO C 58 12.50 -15.26 9.68
N VAL C 59 13.78 -15.09 9.38
CA VAL C 59 14.20 -13.97 8.59
C VAL C 59 13.68 -14.09 7.14
N VAL C 60 13.77 -15.27 6.55
CA VAL C 60 13.22 -15.45 5.19
C VAL C 60 11.73 -15.21 5.26
N ALA C 61 11.08 -15.79 6.25
CA ALA C 61 9.61 -15.67 6.37
C ALA C 61 9.18 -14.22 6.47
N GLU C 62 9.87 -13.43 7.26
CA GLU C 62 9.57 -12.03 7.37
C GLU C 62 9.78 -11.27 6.10
N ALA C 63 10.85 -11.59 5.38
CA ALA C 63 11.11 -10.95 4.09
C ALA C 63 10.03 -11.31 3.07
N VAL C 64 9.61 -12.57 3.09
CA VAL C 64 8.55 -13.02 2.20
C VAL C 64 7.19 -12.36 2.52
N ALA C 65 6.90 -12.29 3.81
CA ALA C 65 5.67 -11.63 4.25
C ALA C 65 5.62 -10.15 3.83
N ARG C 66 6.72 -9.39 4.02
CA ARG C 66 6.81 -8.02 3.58
C ARG C 66 6.65 -7.88 2.07
N ALA C 67 7.29 -8.77 1.30
CA ALA C 67 7.26 -8.66 -0.15
C ALA C 67 5.84 -9.00 -0.67
N ALA C 68 5.11 -9.78 0.10
CA ALA C 68 3.71 -10.10 -0.21
C ALA C 68 2.73 -8.92 -0.16
N THR C 69 3.12 -7.84 0.51
CA THR C 69 2.31 -6.63 0.59
C THR C 69 2.47 -5.65 -0.53
N GLY C 70 3.47 -5.85 -1.39
CA GLY C 70 3.85 -4.89 -2.41
C GLY C 70 4.91 -3.87 -1.99
N ALA C 71 5.36 -3.94 -0.73
CA ALA C 71 6.32 -2.98 -0.21
C ALA C 71 7.74 -3.08 -0.79
N ASP C 72 8.04 -4.20 -1.44
CA ASP C 72 9.31 -4.34 -2.17
C ASP C 72 9.22 -4.24 -3.69
N GLY C 73 8.02 -3.90 -4.18
CA GLY C 73 7.78 -3.87 -5.61
C GLY C 73 6.74 -4.85 -6.06
N THR C 74 6.74 -5.06 -7.37
CA THR C 74 5.61 -5.69 -8.07
C THR C 74 6.11 -6.70 -9.06
N ALA C 75 5.30 -7.75 -9.26
CA ALA C 75 5.53 -8.71 -10.31
C ALA C 75 5.42 -8.04 -11.69
N THR C 76 4.86 -6.83 -11.77
CA THR C 76 4.79 -6.17 -13.04
C THR C 76 6.17 -5.84 -13.61
N GLY C 77 7.14 -5.57 -12.76
CA GLY C 77 8.42 -5.25 -13.35
C GLY C 77 9.55 -5.14 -12.36
N TRP C 78 10.64 -4.57 -12.89
CA TRP C 78 11.94 -4.57 -12.22
C TRP C 78 11.90 -3.98 -10.84
N SER C 79 12.67 -4.58 -9.94
CA SER C 79 12.86 -4.06 -8.59
C SER C 79 14.35 -4.18 -8.31
N ARG C 80 14.81 -3.38 -7.37
CA ARG C 80 16.24 -3.44 -7.07
C ARG C 80 16.67 -4.77 -6.43
N ARG C 81 15.72 -5.56 -5.96
CA ARG C 81 16.06 -6.89 -5.53
C ARG C 81 16.46 -7.83 -6.64
N VAL C 82 16.08 -7.54 -7.88
CA VAL C 82 16.59 -8.31 -9.02
C VAL C 82 18.12 -8.14 -9.07
N ASP C 83 18.54 -6.89 -9.06
CA ASP C 83 19.98 -6.59 -9.06
C ASP C 83 20.72 -7.25 -7.91
N ALA C 84 20.16 -7.19 -6.71
CA ALA C 84 20.82 -7.75 -5.52
C ALA C 84 21.01 -9.25 -5.69
N VAL C 85 19.98 -9.97 -6.14
CA VAL C 85 20.09 -11.38 -6.37
C VAL C 85 21.15 -11.72 -7.46
N LEU C 86 21.11 -11.01 -8.56
CA LEU C 86 22.06 -11.27 -9.64
C LEU C 86 23.48 -10.98 -9.15
N GLU C 87 23.63 -9.88 -8.46
CA GLU C 87 24.97 -9.50 -7.98
C GLU C 87 25.50 -10.53 -7.01
N ARG C 88 24.64 -11.00 -6.12
CA ARG C 88 25.04 -12.00 -5.13
C ARG C 88 25.46 -13.31 -5.77
N LEU C 89 24.71 -13.78 -6.76
CA LEU C 89 25.03 -15.01 -7.42
C LEU C 89 26.35 -14.89 -8.18
N HIS C 90 26.53 -13.75 -8.82
CA HIS C 90 27.74 -13.47 -9.63
C HIS C 90 28.98 -13.44 -8.74
N ALA C 91 28.82 -12.90 -7.54
CA ALA C 91 29.93 -12.81 -6.58
C ALA C 91 30.32 -14.17 -6.00
N LEU C 92 29.31 -15.02 -5.74
CA LEU C 92 29.53 -16.33 -5.21
C LEU C 92 30.09 -17.33 -6.24
N CYS C 93 29.62 -17.27 -7.48
CA CYS C 93 29.84 -18.41 -8.38
C CYS C 93 30.68 -18.01 -9.57
N GLY C 94 30.83 -16.72 -9.81
CA GLY C 94 31.65 -16.20 -10.90
C GLY C 94 30.99 -16.31 -12.25
N GLY C 95 31.79 -16.09 -13.28
CA GLY C 95 31.28 -15.99 -14.64
C GLY C 95 31.02 -14.55 -14.99
N GLU C 96 30.54 -14.32 -16.20
CA GLU C 96 30.26 -12.98 -16.70
C GLU C 96 28.79 -12.58 -16.57
N VAL C 97 27.90 -13.53 -16.79
CA VAL C 97 26.45 -13.26 -16.70
C VAL C 97 25.71 -14.28 -15.85
N VAL C 98 24.47 -13.93 -15.51
CA VAL C 98 23.62 -14.77 -14.68
C VAL C 98 22.20 -14.73 -15.29
N GLY C 99 21.56 -15.89 -15.32
CA GLY C 99 20.11 -15.97 -15.62
C GLY C 99 19.37 -16.61 -14.49
N LEU C 100 18.07 -16.32 -14.37
CA LEU C 100 17.26 -16.89 -13.34
C LEU C 100 16.14 -17.69 -13.99
N PHE C 101 15.80 -18.81 -13.38
CA PHE C 101 14.76 -19.71 -13.89
C PHE C 101 13.86 -20.22 -12.75
N ARG C 102 12.85 -21.00 -13.09
CA ARG C 102 11.85 -21.39 -12.07
C ARG C 102 11.97 -22.81 -11.51
N SER C 103 12.88 -23.60 -12.05
CA SER C 103 13.17 -24.94 -11.53
C SER C 103 14.60 -25.29 -11.97
N GLY C 104 15.20 -26.26 -11.31
CA GLY C 104 16.49 -26.78 -11.79
C GLY C 104 16.43 -27.40 -13.16
N THR C 105 15.31 -28.06 -13.45
CA THR C 105 15.07 -28.69 -14.71
C THR C 105 15.09 -27.62 -15.80
N ALA C 106 14.36 -26.52 -15.57
CA ALA C 106 14.30 -25.44 -16.56
C ALA C 106 15.69 -24.88 -16.79
N ALA C 107 16.40 -24.67 -15.71
CA ALA C 107 17.72 -24.05 -15.77
C ALA C 107 18.77 -24.86 -16.52
N VAL C 108 18.87 -26.13 -16.19
CA VAL C 108 19.86 -26.99 -16.89
C VAL C 108 19.50 -27.14 -18.38
N ARG C 109 18.22 -27.35 -18.70
CA ARG C 109 17.83 -27.42 -20.09
C ARG C 109 18.21 -26.15 -20.84
N ALA C 110 17.91 -24.97 -20.28
CA ALA C 110 18.18 -23.74 -21.02
C ALA C 110 19.70 -23.59 -21.18
N ALA C 111 20.43 -23.95 -20.12
CA ALA C 111 21.89 -23.80 -20.14
C ALA C 111 22.53 -24.65 -21.25
N VAL C 112 22.15 -25.92 -21.33
CA VAL C 112 22.85 -26.81 -22.26
C VAL C 112 22.43 -26.47 -23.69
N LEU C 113 21.14 -26.17 -23.87
CA LEU C 113 20.68 -25.66 -25.19
C LEU C 113 21.40 -24.40 -25.67
N ALA C 114 21.68 -23.47 -24.75
CA ALA C 114 22.48 -22.30 -25.03
C ALA C 114 23.87 -22.68 -25.54
N VAL C 115 24.52 -23.59 -24.83
CA VAL C 115 25.89 -24.01 -25.19
C VAL C 115 25.92 -24.70 -26.55
N ARG C 116 24.93 -25.55 -26.78
CA ARG C 116 24.76 -26.19 -28.08
C ARG C 116 24.62 -25.20 -29.24
N GLU C 117 23.75 -24.22 -29.02
CA GLU C 117 23.59 -23.10 -29.97
C GLU C 117 24.88 -22.31 -30.14
N ALA C 118 25.53 -21.91 -29.06
CA ALA C 118 26.70 -21.09 -29.18
C ALA C 118 27.85 -21.83 -29.87
N THR C 119 28.04 -23.12 -29.56
CA THR C 119 29.17 -23.87 -30.14
C THR C 119 28.86 -24.42 -31.54
N GLY C 120 27.58 -24.56 -31.85
CA GLY C 120 27.06 -25.18 -33.08
C GLY C 120 27.29 -26.68 -33.19
N ARG C 121 27.54 -27.35 -32.08
CA ARG C 121 27.84 -28.78 -32.09
C ARG C 121 26.69 -29.54 -31.44
N PRO C 122 26.37 -30.74 -31.92
CA PRO C 122 25.10 -31.38 -31.59
C PRO C 122 25.07 -32.18 -30.27
N LEU C 123 26.20 -32.70 -29.85
CA LEU C 123 26.18 -33.70 -28.78
C LEU C 123 26.38 -33.11 -27.40
N LEU C 124 25.64 -33.66 -26.42
CA LEU C 124 25.99 -33.42 -25.01
C LEU C 124 26.37 -34.74 -24.36
N LEU C 125 27.53 -34.78 -23.69
CA LEU C 125 27.99 -35.95 -22.94
C LEU C 125 27.62 -35.70 -21.46
N SER C 126 26.77 -36.55 -20.91
CA SER C 126 26.17 -36.28 -19.61
C SER C 126 26.58 -37.31 -18.57
N ALA C 127 26.78 -36.87 -17.32
CA ALA C 127 26.71 -37.81 -16.20
C ALA C 127 25.78 -37.23 -15.10
N GLY C 128 24.92 -38.04 -14.52
CA GLY C 128 24.07 -37.55 -13.43
C GLY C 128 22.71 -37.06 -13.86
N TYR C 129 21.91 -36.69 -12.87
CA TYR C 129 20.53 -36.30 -13.10
C TYR C 129 20.49 -34.81 -13.35
N HIS C 130 19.69 -34.42 -14.35
CA HIS C 130 19.60 -33.03 -14.73
C HIS C 130 18.19 -32.43 -14.73
N GLY C 131 17.22 -33.21 -14.25
CA GLY C 131 15.85 -32.79 -14.20
C GLY C 131 14.89 -33.70 -14.92
N TYR C 132 13.61 -33.33 -14.84
CA TYR C 132 12.56 -34.21 -15.30
C TYR C 132 12.33 -34.18 -16.79
N ASP C 133 12.94 -33.25 -17.49
CA ASP C 133 12.52 -32.99 -18.89
C ASP C 133 12.85 -34.19 -19.81
N PRO C 134 11.99 -34.47 -20.81
CA PRO C 134 12.21 -35.61 -21.73
C PRO C 134 13.51 -35.60 -22.52
N MET C 135 14.17 -34.46 -22.61
CA MET C 135 15.46 -34.39 -23.26
C MET C 135 16.51 -35.32 -22.66
N TRP C 136 16.36 -35.67 -21.39
CA TRP C 136 17.32 -36.51 -20.68
C TRP C 136 16.95 -37.99 -20.62
N TYR C 137 15.83 -38.35 -21.23
CA TYR C 137 15.35 -39.73 -21.21
C TYR C 137 16.41 -40.64 -21.84
N PRO C 138 16.52 -41.88 -21.33
CA PRO C 138 17.64 -42.73 -21.74
C PRO C 138 17.58 -43.14 -23.21
N SER C 139 18.75 -43.22 -23.84
CA SER C 139 18.82 -43.73 -25.19
C SER C 139 18.45 -45.22 -25.26
N GLU C 140 18.25 -45.68 -26.48
CA GLU C 140 17.83 -47.05 -26.72
C GLU C 140 19.05 -47.92 -26.46
N ALA C 141 20.19 -47.53 -27.01
CA ALA C 141 21.46 -48.23 -26.84
C ALA C 141 22.41 -47.49 -25.90
N PRO C 142 23.00 -48.20 -24.94
CA PRO C 142 24.02 -47.52 -24.12
C PRO C 142 25.20 -46.98 -24.93
N LEU C 143 25.73 -45.85 -24.48
CA LEU C 143 26.80 -45.11 -25.16
C LEU C 143 26.45 -44.54 -26.54
N GLU C 144 25.20 -44.64 -26.98
CA GLU C 144 24.73 -43.90 -28.15
C GLU C 144 23.81 -42.74 -27.74
N PRO C 145 23.72 -41.70 -28.57
CA PRO C 145 22.86 -40.54 -28.29
C PRO C 145 21.38 -40.89 -28.18
N ASN C 146 20.66 -40.29 -27.21
CA ASN C 146 19.21 -40.37 -27.23
C ASN C 146 18.68 -39.46 -28.33
N ALA C 147 17.34 -39.33 -28.40
CA ALA C 147 16.68 -38.53 -29.43
C ALA C 147 17.03 -37.03 -29.42
N ASP C 148 17.61 -36.55 -28.32
CA ASP C 148 17.91 -35.15 -28.15
C ASP C 148 19.41 -34.96 -28.10
N GLY C 149 20.15 -35.91 -28.65
CA GLY C 149 21.61 -35.75 -28.75
C GLY C 149 22.42 -35.86 -27.48
N VAL C 150 21.88 -36.54 -26.47
CA VAL C 150 22.58 -36.67 -25.21
C VAL C 150 23.13 -38.10 -25.10
N VAL C 151 24.44 -38.20 -24.83
CA VAL C 151 25.11 -39.45 -24.52
C VAL C 151 25.48 -39.51 -23.05
N ASP C 152 24.88 -40.48 -22.36
CA ASP C 152 25.19 -40.78 -20.94
C ASP C 152 26.45 -41.60 -20.79
N PHE C 153 27.41 -41.09 -20.07
CA PHE C 153 28.63 -41.84 -19.71
C PHE C 153 28.72 -42.33 -18.27
N PHE C 154 27.71 -42.06 -17.46
CA PHE C 154 27.60 -42.70 -16.16
C PHE C 154 28.77 -42.48 -15.19
N PHE C 155 29.45 -41.34 -15.32
CA PHE C 155 30.58 -40.90 -14.49
C PHE C 155 31.84 -41.80 -14.68
N ASP C 156 31.82 -42.64 -15.70
CA ASP C 156 33.01 -43.41 -16.06
C ASP C 156 33.92 -42.64 -17.01
N LEU C 157 35.09 -42.28 -16.51
CA LEU C 157 36.02 -41.51 -17.28
C LEU C 157 36.72 -42.28 -18.42
N GLY C 158 36.89 -43.59 -18.27
CA GLY C 158 37.20 -44.48 -19.43
C GLY C 158 36.23 -44.25 -20.56
N LEU C 159 34.94 -44.31 -20.27
CA LEU C 159 33.95 -44.18 -21.31
C LEU C 159 33.94 -42.75 -21.89
N LEU C 160 34.13 -41.76 -21.03
CA LEU C 160 34.22 -40.39 -21.48
C LEU C 160 35.42 -40.21 -22.42
N ARG C 161 36.57 -40.73 -22.00
CA ARG C 161 37.77 -40.68 -22.84
C ARG C 161 37.48 -41.26 -24.23
N GLU C 162 36.72 -42.35 -24.33
CA GLU C 162 36.37 -42.92 -25.62
C GLU C 162 35.52 -41.94 -26.44
N LEU C 163 34.47 -41.43 -25.81
CA LEU C 163 33.62 -40.42 -26.43
C LEU C 163 34.37 -39.15 -26.86
N LEU C 164 35.43 -38.75 -26.17
CA LEU C 164 36.12 -37.53 -26.51
C LEU C 164 37.19 -37.77 -27.59
N ARG C 165 37.35 -39.01 -28.05
CA ARG C 165 38.39 -39.32 -29.07
C ARG C 165 38.14 -38.50 -30.33
N ALA C 166 36.88 -38.42 -30.76
CA ALA C 166 36.47 -37.49 -31.83
C ALA C 166 35.58 -36.40 -31.23
N PRO C 167 36.20 -35.34 -30.70
CA PRO C 167 35.44 -34.37 -29.89
C PRO C 167 34.71 -33.30 -30.70
N GLU C 168 34.75 -33.38 -32.02
CA GLU C 168 34.36 -32.26 -32.89
C GLU C 168 32.85 -31.99 -32.78
N ARG C 169 32.10 -33.06 -32.52
CA ARG C 169 30.66 -32.99 -32.42
C ARG C 169 30.14 -32.75 -31.01
N VAL C 170 31.02 -32.55 -30.04
CA VAL C 170 30.64 -32.40 -28.63
C VAL C 170 30.56 -30.92 -28.25
N ALA C 171 29.32 -30.48 -28.03
CA ALA C 171 29.03 -29.14 -27.49
C ALA C 171 29.50 -28.97 -26.05
N ALA C 172 29.24 -29.97 -25.22
CA ALA C 172 29.58 -29.87 -23.82
C ALA C 172 29.54 -31.24 -23.14
N VAL C 173 30.29 -31.30 -22.06
CA VAL C 173 30.17 -32.32 -21.03
C VAL C 173 29.42 -31.69 -19.86
N VAL C 174 28.38 -32.37 -19.39
CA VAL C 174 27.49 -31.79 -18.38
C VAL C 174 27.40 -32.79 -17.23
N VAL C 175 27.90 -32.41 -16.06
CA VAL C 175 28.08 -33.34 -14.95
C VAL C 175 27.38 -32.81 -13.70
N SER C 176 26.60 -33.66 -13.05
CA SER C 176 26.07 -33.35 -11.72
C SER C 176 27.00 -33.92 -10.62
N PRO C 177 27.75 -33.08 -9.92
CA PRO C 177 28.71 -33.64 -8.96
C PRO C 177 28.10 -34.47 -7.86
N ASP C 178 28.89 -35.43 -7.39
CA ASP C 178 28.56 -36.11 -6.15
C ASP C 178 29.85 -36.16 -5.38
N HIS C 179 29.83 -35.66 -4.16
CA HIS C 179 31.05 -35.66 -3.35
C HIS C 179 31.09 -36.79 -2.31
N MET C 180 30.11 -37.66 -2.35
CA MET C 180 30.12 -38.91 -1.58
C MET C 180 30.86 -40.03 -2.31
N HIS C 181 30.75 -40.06 -3.62
CA HIS C 181 31.10 -41.26 -4.37
C HIS C 181 32.19 -40.98 -5.40
N LEU C 182 32.56 -39.72 -5.59
CA LEU C 182 33.66 -39.33 -6.50
C LEU C 182 34.68 -38.52 -5.75
N SER C 183 35.96 -38.84 -5.92
CA SER C 183 37.03 -38.20 -5.16
C SER C 183 37.48 -36.92 -5.83
N PRO C 184 38.20 -36.05 -5.11
CA PRO C 184 38.76 -34.91 -5.81
C PRO C 184 39.55 -35.25 -7.07
N GLY C 185 40.35 -36.31 -7.05
CA GLY C 185 41.05 -36.77 -8.25
C GLY C 185 40.22 -37.11 -9.46
N TRP C 186 39.00 -37.58 -9.23
CA TRP C 186 38.08 -37.82 -10.33
C TRP C 186 37.78 -36.49 -11.04
N TYR C 187 37.58 -35.41 -10.29
CA TYR C 187 37.27 -34.10 -10.88
C TYR C 187 38.49 -33.53 -11.63
N ARG C 188 39.67 -33.66 -11.03
CA ARG C 188 40.88 -33.29 -11.76
C ARG C 188 41.00 -33.97 -13.11
N GLU C 189 40.73 -35.27 -13.16
CA GLU C 189 40.83 -36.00 -14.42
C GLU C 189 39.74 -35.53 -15.36
N LEU C 190 38.51 -35.35 -14.86
CA LEU C 190 37.45 -34.78 -15.71
C LEU C 190 37.87 -33.45 -16.35
N ARG C 191 38.40 -32.57 -15.53
CA ARG C 191 38.79 -31.24 -15.98
C ARG C 191 39.88 -31.39 -17.07
N ARG C 192 40.87 -32.23 -16.77
CA ARG C 192 41.97 -32.47 -17.72
C ARG C 192 41.45 -32.97 -19.06
N LEU C 193 40.55 -33.96 -19.04
CA LEU C 193 40.01 -34.54 -20.25
C LEU C 193 39.25 -33.48 -21.06
N CYS C 194 38.43 -32.66 -20.41
CA CYS C 194 37.66 -31.62 -21.12
C CYS C 194 38.55 -30.55 -21.74
N SER C 195 39.57 -30.12 -21.00
CA SER C 195 40.53 -29.13 -21.45
C SER C 195 41.34 -29.65 -22.65
N ALA C 196 41.82 -30.89 -22.55
CA ALA C 196 42.53 -31.50 -23.69
C ALA C 196 41.65 -31.66 -24.94
N ALA C 197 40.39 -32.00 -24.75
CA ALA C 197 39.51 -32.20 -25.87
C ALA C 197 38.96 -30.88 -26.44
N GLY C 198 39.23 -29.77 -25.77
CA GLY C 198 38.68 -28.45 -26.15
C GLY C 198 37.16 -28.40 -26.10
N VAL C 199 36.56 -29.03 -25.09
CA VAL C 199 35.08 -29.07 -24.99
C VAL C 199 34.66 -28.22 -23.78
N VAL C 200 33.49 -27.59 -23.89
CA VAL C 200 32.88 -26.84 -22.77
C VAL C 200 32.49 -27.79 -21.62
N LEU C 201 32.69 -27.35 -20.38
CA LEU C 201 32.26 -28.11 -19.22
C LEU C 201 31.16 -27.35 -18.47
N VAL C 202 30.00 -27.99 -18.37
CA VAL C 202 28.86 -27.46 -17.58
C VAL C 202 28.74 -28.23 -16.25
N ALA C 203 28.83 -27.50 -15.13
CA ALA C 203 28.63 -28.10 -13.81
C ALA C 203 27.17 -27.88 -13.41
N ASP C 204 26.39 -28.96 -13.40
CA ASP C 204 25.01 -28.96 -12.90
C ASP C 204 25.08 -29.07 -11.38
N GLU C 205 25.26 -27.91 -10.74
CA GLU C 205 25.30 -27.82 -9.30
C GLU C 205 23.94 -27.46 -8.68
N VAL C 206 22.86 -27.89 -9.33
CA VAL C 206 21.53 -27.66 -8.78
C VAL C 206 21.46 -28.15 -7.33
N LYS C 207 21.95 -29.36 -7.08
CA LYS C 207 21.94 -29.88 -5.71
C LYS C 207 23.08 -29.36 -4.85
N VAL C 208 24.32 -29.48 -5.32
CA VAL C 208 25.47 -29.18 -4.42
C VAL C 208 25.93 -27.73 -4.39
N GLY C 209 25.48 -26.90 -5.34
CA GLY C 209 25.90 -25.51 -5.39
C GLY C 209 25.50 -24.75 -4.16
N LEU C 210 26.44 -24.04 -3.57
CA LEU C 210 26.20 -23.19 -2.42
C LEU C 210 26.06 -23.93 -1.08
N ARG C 211 26.14 -25.25 -1.10
CA ARG C 211 25.94 -26.05 0.11
C ARG C 211 27.22 -26.47 0.81
N TYR C 212 28.28 -26.71 0.03
CA TYR C 212 29.58 -27.11 0.58
C TYR C 212 30.41 -25.93 1.01
N ALA C 213 30.17 -24.79 0.37
CA ALA C 213 30.93 -23.56 0.59
C ALA C 213 30.01 -22.44 0.11
N PRO C 214 30.41 -21.18 0.34
CA PRO C 214 29.74 -20.07 -0.36
C PRO C 214 30.30 -19.98 -1.77
N GLY C 215 29.83 -20.88 -2.60
CA GLY C 215 30.11 -20.91 -4.01
C GLY C 215 29.86 -22.29 -4.57
N LEU C 216 30.42 -22.51 -5.76
CA LEU C 216 30.33 -23.79 -6.45
C LEU C 216 31.21 -24.81 -5.73
N SER C 217 30.69 -26.02 -5.58
CA SER C 217 31.46 -27.10 -4.94
C SER C 217 32.67 -27.47 -5.79
N THR C 218 32.58 -27.26 -7.09
CA THR C 218 33.65 -27.63 -8.01
C THR C 218 34.41 -26.43 -8.58
N ALA C 219 34.37 -25.27 -7.91
CA ALA C 219 34.93 -24.05 -8.45
C ALA C 219 36.43 -24.28 -8.76
N GLU C 220 37.12 -24.90 -7.80
CA GLU C 220 38.58 -25.11 -7.88
C GLU C 220 38.95 -26.34 -8.72
N LEU C 221 38.18 -27.41 -8.58
CA LEU C 221 38.44 -28.69 -9.22
C LEU C 221 38.10 -28.60 -10.71
N LEU C 222 36.95 -27.99 -11.01
CA LEU C 222 36.47 -28.05 -12.37
C LEU C 222 36.55 -26.74 -13.13
N ALA C 223 36.46 -25.61 -12.43
CA ALA C 223 36.49 -24.27 -13.01
C ALA C 223 35.59 -24.24 -14.23
N PRO C 224 34.29 -24.55 -14.01
CA PRO C 224 33.50 -24.90 -15.18
C PRO C 224 33.14 -23.66 -15.99
N ASP C 225 32.87 -23.83 -17.28
CA ASP C 225 32.59 -22.69 -18.16
C ASP C 225 31.18 -22.15 -17.91
N VAL C 226 30.29 -23.07 -17.58
CA VAL C 226 28.91 -22.74 -17.19
C VAL C 226 28.55 -23.48 -15.92
N TRP C 227 27.82 -22.79 -15.06
CA TRP C 227 27.29 -23.42 -13.84
C TRP C 227 25.77 -23.27 -13.73
N VAL C 228 25.18 -24.17 -12.96
CA VAL C 228 23.75 -24.05 -12.61
C VAL C 228 23.63 -24.30 -11.11
N VAL C 229 22.87 -23.49 -10.38
CA VAL C 229 22.58 -23.78 -8.97
C VAL C 229 21.07 -23.61 -8.79
N ALA C 230 20.58 -24.14 -7.69
CA ALA C 230 19.16 -23.99 -7.34
C ALA C 230 18.85 -24.28 -5.88
N LYS C 231 19.12 -25.50 -5.43
CA LYS C 231 18.61 -25.93 -4.13
C LYS C 231 19.17 -25.11 -2.97
N GLY C 232 20.38 -24.62 -3.16
CA GLY C 232 21.01 -23.82 -2.13
C GLY C 232 20.63 -22.33 -2.04
N MET C 233 19.90 -21.78 -3.01
CA MET C 233 19.81 -20.32 -3.19
C MET C 233 18.64 -19.59 -2.51
N ALA C 234 17.63 -20.33 -2.03
CA ALA C 234 16.40 -19.66 -1.58
C ALA C 234 15.60 -20.38 -0.49
N ASN C 235 16.28 -21.19 0.31
CA ASN C 235 15.65 -22.00 1.33
C ASN C 235 14.32 -22.65 0.91
N GLY C 236 14.33 -23.18 -0.33
CA GLY C 236 13.25 -23.99 -0.83
C GLY C 236 12.35 -23.32 -1.87
N HIS C 237 12.45 -22.02 -1.99
CA HIS C 237 11.54 -21.28 -2.89
C HIS C 237 11.92 -21.49 -4.34
N ALA C 238 10.99 -21.15 -5.23
CA ALA C 238 10.97 -21.66 -6.61
C ALA C 238 11.86 -20.85 -7.54
N VAL C 239 13.17 -21.04 -7.41
CA VAL C 239 14.10 -20.28 -8.25
C VAL C 239 15.35 -21.10 -8.46
N SER C 240 15.98 -20.88 -9.62
CA SER C 240 17.24 -21.53 -9.96
C SER C 240 18.05 -20.49 -10.76
N ALA C 241 19.36 -20.75 -10.98
CA ALA C 241 20.18 -19.78 -11.67
C ALA C 241 21.26 -20.49 -12.53
N VAL C 242 21.60 -19.83 -13.62
CA VAL C 242 22.65 -20.25 -14.56
C VAL C 242 23.65 -19.10 -14.66
N GLY C 243 24.94 -19.41 -14.79
CA GLY C 243 25.90 -18.40 -15.07
C GLY C 243 27.11 -18.93 -15.82
N GLY C 244 27.87 -18.00 -16.35
CA GLY C 244 29.13 -18.30 -17.05
C GLY C 244 29.37 -17.28 -18.14
N SER C 245 29.96 -17.70 -19.24
CA SER C 245 30.36 -16.69 -20.22
C SER C 245 29.23 -16.06 -20.99
N ARG C 246 29.41 -14.77 -21.30
CA ARG C 246 28.54 -14.08 -22.21
C ARG C 246 28.37 -14.81 -23.52
N ARG C 247 29.46 -15.35 -24.08
CA ARG C 247 29.42 -16.01 -25.37
C ARG C 247 28.61 -17.31 -25.36
N LEU C 248 28.86 -18.14 -24.36
CA LEU C 248 28.15 -19.42 -24.27
C LEU C 248 26.66 -19.26 -23.92
N LEU C 249 26.35 -18.19 -23.21
CA LEU C 249 24.98 -17.97 -22.69
C LEU C 249 24.23 -16.87 -23.43
N LYS C 250 24.81 -16.34 -24.51
CA LYS C 250 24.12 -15.38 -25.35
C LYS C 250 22.73 -15.84 -25.76
N PRO C 251 22.55 -17.15 -26.05
CA PRO C 251 21.19 -17.58 -26.41
C PRO C 251 20.11 -17.42 -25.34
N LEU C 252 20.52 -17.25 -24.09
CA LEU C 252 19.55 -16.98 -22.99
C LEU C 252 18.85 -15.61 -23.13
N LYS C 253 19.34 -14.77 -24.03
CA LYS C 253 18.61 -13.52 -24.30
C LYS C 253 17.15 -13.80 -24.73
N GLU C 254 16.88 -14.99 -25.22
CA GLU C 254 15.56 -15.29 -25.74
C GLU C 254 14.65 -15.72 -24.60
N VAL C 255 15.16 -15.78 -23.38
CA VAL C 255 14.32 -16.24 -22.26
C VAL C 255 13.59 -15.09 -21.56
N SER C 256 12.26 -15.23 -21.41
CA SER C 256 11.44 -14.39 -20.55
C SER C 256 10.34 -15.31 -20.10
N PHE C 257 9.90 -15.05 -18.87
CA PHE C 257 8.72 -15.75 -18.34
C PHE C 257 7.93 -14.79 -17.45
N THR C 258 6.62 -15.04 -17.37
CA THR C 258 5.67 -14.09 -16.79
C THR C 258 5.99 -13.73 -15.32
N SER C 259 6.32 -14.73 -14.51
CA SER C 259 6.50 -14.53 -13.08
C SER C 259 7.91 -14.05 -12.70
N PHE C 260 8.72 -13.65 -13.69
CA PHE C 260 10.13 -13.32 -13.42
C PHE C 260 10.36 -12.33 -12.27
N PHE C 261 9.48 -11.34 -12.13
CA PHE C 261 9.66 -10.28 -11.13
C PHE C 261 8.87 -10.49 -9.83
N GLU C 262 8.32 -11.67 -9.64
CA GLU C 262 7.46 -11.96 -8.47
C GLU C 262 8.30 -11.68 -7.21
N PRO C 263 7.80 -10.80 -6.34
CA PRO C 263 8.69 -10.29 -5.26
C PRO C 263 8.94 -11.26 -4.13
N THR C 264 8.04 -12.19 -3.84
CA THR C 264 8.31 -13.10 -2.73
C THR C 264 9.50 -14.03 -2.95
N ILE C 265 9.60 -14.56 -4.17
CA ILE C 265 10.74 -15.40 -4.52
C ILE C 265 12.04 -14.59 -4.45
N LEU C 266 12.05 -13.37 -4.97
CA LEU C 266 13.27 -12.54 -4.91
C LEU C 266 13.65 -12.26 -3.45
N ALA C 267 12.65 -12.02 -2.59
CA ALA C 267 12.92 -11.81 -1.19
C ALA C 267 13.57 -13.00 -0.50
N ALA C 268 13.03 -14.19 -0.77
CA ALA C 268 13.56 -15.41 -0.25
C ALA C 268 14.98 -15.67 -0.72
N ALA C 269 15.22 -15.51 -2.01
CA ALA C 269 16.59 -15.68 -2.56
C ALA C 269 17.57 -14.70 -1.95
N ASP C 270 17.21 -13.42 -1.92
CA ASP C 270 18.08 -12.41 -1.35
C ASP C 270 18.39 -12.72 0.11
N ALA C 271 17.39 -13.06 0.93
CA ALA C 271 17.68 -13.36 2.33
C ALA C 271 18.52 -14.61 2.57
N ALA C 272 18.21 -15.66 1.84
CA ALA C 272 18.95 -16.90 1.92
C ALA C 272 20.39 -16.73 1.40
N LEU C 273 20.54 -16.04 0.29
CA LEU C 273 21.90 -15.89 -0.29
C LEU C 273 22.79 -15.05 0.63
N ALA C 274 22.20 -14.10 1.35
CA ALA C 274 22.95 -13.28 2.31
C ALA C 274 23.55 -14.17 3.37
N ARG C 275 22.75 -15.12 3.86
CA ARG C 275 23.27 -16.09 4.80
C ARG C 275 24.31 -17.04 4.22
N VAL C 276 23.99 -17.63 3.07
CA VAL C 276 24.93 -18.47 2.33
C VAL C 276 26.30 -17.83 2.11
N ALA C 277 26.31 -16.52 1.82
CA ALA C 277 27.53 -15.80 1.51
C ALA C 277 28.51 -15.83 2.68
N THR C 278 28.00 -15.93 3.90
CA THR C 278 28.86 -15.87 5.09
C THR C 278 29.58 -17.17 5.35
N GLY C 279 29.04 -18.26 4.82
CA GLY C 279 29.60 -19.60 5.02
C GLY C 279 29.19 -20.31 6.28
N GLU C 280 28.40 -19.62 7.10
CA GLU C 280 27.95 -20.13 8.40
C GLU C 280 26.98 -21.30 8.34
N PRO C 281 25.91 -21.18 7.53
CA PRO C 281 25.05 -22.34 7.47
C PRO C 281 25.72 -23.57 6.93
N GLN C 282 26.63 -23.43 5.95
CA GLN C 282 27.25 -24.61 5.36
C GLN C 282 28.15 -25.27 6.42
N ARG C 283 28.86 -24.47 7.18
CA ARG C 283 29.68 -25.00 8.31
C ARG C 283 28.84 -25.63 9.42
N ALA C 284 27.72 -25.01 9.77
CA ALA C 284 26.82 -25.56 10.77
C ALA C 284 26.23 -26.87 10.32
N VAL C 285 25.88 -26.95 9.03
CA VAL C 285 25.36 -28.19 8.48
C VAL C 285 26.42 -29.30 8.51
N ARG C 286 27.60 -29.01 7.97
CA ARG C 286 28.68 -29.98 7.98
C ARG C 286 28.95 -30.49 9.41
N GLU C 287 29.02 -29.55 10.35
CA GLU C 287 29.36 -29.89 11.74
C GLU C 287 28.29 -30.74 12.38
N ALA C 288 27.02 -30.39 12.15
CA ALA C 288 25.90 -31.12 12.70
C ALA C 288 25.79 -32.52 12.12
N GLY C 289 25.85 -32.62 10.79
CA GLY C 289 25.79 -33.92 10.16
C GLY C 289 26.98 -34.81 10.55
N ASP C 290 28.16 -34.21 10.69
CA ASP C 290 29.38 -34.93 11.10
C ASP C 290 29.18 -35.53 12.49
N ARG C 291 28.65 -34.73 13.40
CA ARG C 291 28.30 -35.22 14.73
C ARG C 291 27.27 -36.36 14.71
N PHE C 292 26.20 -36.21 13.94
CA PHE C 292 25.25 -37.28 13.80
C PHE C 292 25.88 -38.57 13.24
N LEU C 293 26.77 -38.41 12.26
CA LEU C 293 27.48 -39.55 11.66
C LEU C 293 28.41 -40.34 12.60
N ARG C 294 29.14 -39.65 13.46
CA ARG C 294 29.99 -40.30 14.45
C ARG C 294 29.13 -41.20 15.33
N HIS C 295 28.02 -40.65 15.82
CA HIS C 295 27.08 -41.44 16.56
C HIS C 295 26.45 -42.58 15.78
N ALA C 296 25.98 -42.30 14.56
CA ALA C 296 25.34 -43.31 13.77
C ALA C 296 26.32 -44.45 13.37
N ARG C 297 27.56 -44.12 13.04
CA ARG C 297 28.52 -45.17 12.65
C ARG C 297 28.87 -46.15 13.79
N LYS C 298 29.13 -45.58 14.95
CA LYS C 298 29.29 -46.36 16.18
C LYS C 298 28.06 -47.18 16.59
N ALA C 299 26.86 -46.64 16.44
CA ALA C 299 25.68 -47.39 16.79
C ALA C 299 25.52 -48.61 15.88
N LEU C 300 25.77 -48.46 14.58
CA LEU C 300 25.65 -49.60 13.65
C LEU C 300 26.67 -50.69 13.95
N ASP C 301 27.85 -50.25 14.37
CA ASP C 301 29.00 -51.12 14.58
C ASP C 301 28.81 -51.94 15.86
N ASP C 302 28.50 -51.26 16.96
CA ASP C 302 28.10 -51.89 18.22
C ASP C 302 26.94 -52.84 18.06
N ALA C 303 26.06 -52.58 17.11
CA ALA C 303 24.96 -53.51 16.84
C ALA C 303 25.34 -54.59 15.83
N SER C 304 26.59 -54.60 15.36
CA SER C 304 27.02 -55.53 14.30
C SER C 304 26.15 -55.51 13.03
N LEU C 305 25.67 -54.33 12.65
CA LEU C 305 24.82 -54.25 11.48
C LEU C 305 25.69 -53.91 10.25
N PRO C 306 25.51 -54.65 9.15
CA PRO C 306 26.25 -54.43 7.92
C PRO C 306 25.66 -53.28 7.09
N VAL C 307 25.95 -52.07 7.55
CA VAL C 307 25.50 -50.83 6.91
C VAL C 307 26.66 -49.87 6.97
N GLU C 308 27.23 -49.51 5.82
CA GLU C 308 28.24 -48.46 5.77
C GLU C 308 27.56 -47.10 5.53
N ILE C 309 28.27 -46.03 5.80
CA ILE C 309 27.83 -44.66 5.48
C ILE C 309 28.78 -43.93 4.55
N ALA C 310 28.27 -43.59 3.36
CA ALA C 310 29.03 -42.77 2.43
C ALA C 310 28.79 -41.28 2.69
N GLY C 311 29.79 -40.49 2.36
CA GLY C 311 29.68 -39.05 2.39
C GLY C 311 29.99 -38.48 3.74
N ASP C 312 29.38 -37.33 4.06
CA ASP C 312 29.79 -36.52 5.22
C ASP C 312 28.61 -35.68 5.71
N GLY C 313 28.84 -34.78 6.66
CA GLY C 313 27.76 -34.01 7.28
C GLY C 313 26.92 -33.21 6.28
N THR C 314 27.50 -32.87 5.14
CA THR C 314 26.81 -32.02 4.15
C THR C 314 25.78 -32.86 3.44
N PHE C 315 26.17 -34.08 3.06
CA PHE C 315 25.27 -35.06 2.44
C PHE C 315 25.88 -36.43 2.73
N PHE C 316 25.11 -37.30 3.34
CA PHE C 316 25.51 -38.70 3.57
C PHE C 316 24.48 -39.70 3.11
N GLN C 317 24.93 -40.93 2.90
CA GLN C 317 24.04 -41.98 2.46
C GLN C 317 24.35 -43.33 3.15
N PHE C 318 23.30 -43.97 3.68
CA PHE C 318 23.41 -45.33 4.20
C PHE C 318 23.55 -46.29 3.03
N VAL C 319 24.46 -47.25 3.21
CA VAL C 319 24.80 -48.25 2.21
C VAL C 319 24.62 -49.60 2.91
N PRO C 320 23.39 -50.14 2.90
CA PRO C 320 23.16 -51.46 3.53
C PRO C 320 23.61 -52.64 2.66
N ALA C 321 23.97 -53.76 3.29
CA ALA C 321 24.51 -54.92 2.57
C ALA C 321 23.48 -55.57 1.65
N THR C 322 22.21 -55.48 2.01
CA THR C 322 21.11 -56.11 1.26
C THR C 322 19.94 -55.16 1.15
N GLU C 323 19.12 -55.36 0.11
CA GLU C 323 17.90 -54.60 -0.06
C GLU C 323 16.92 -54.82 1.10
N GLU C 324 16.80 -56.07 1.52
CA GLU C 324 15.95 -56.45 2.66
C GLU C 324 16.25 -55.58 3.87
N LEU C 325 17.54 -55.41 4.17
CA LEU C 325 17.96 -54.63 5.31
C LEU C 325 17.75 -53.15 5.06
N GLU C 326 18.02 -52.69 3.85
CA GLU C 326 17.71 -51.30 3.51
C GLU C 326 16.25 -50.98 3.84
N GLU C 327 15.34 -51.84 3.43
CA GLU C 327 13.93 -51.62 3.72
C GLU C 327 13.69 -51.60 5.22
N ALA C 328 14.36 -52.47 5.96
CA ALA C 328 14.13 -52.53 7.40
C ALA C 328 14.69 -51.31 8.12
N LEU C 329 15.86 -50.83 7.68
CA LEU C 329 16.43 -49.60 8.19
C LEU C 329 15.49 -48.38 8.09
N TYR C 330 14.88 -48.15 6.92
CA TYR C 330 13.96 -47.03 6.76
C TYR C 330 12.66 -47.28 7.52
N GLY C 331 12.19 -48.52 7.56
CA GLY C 331 10.97 -48.85 8.30
C GLY C 331 11.17 -48.54 9.78
N ALA C 332 12.34 -48.92 10.30
CA ALA C 332 12.78 -48.60 11.66
C ALA C 332 12.91 -47.11 11.92
N ALA C 333 13.59 -46.38 11.02
CA ALA C 333 13.66 -44.93 11.14
C ALA C 333 12.29 -44.26 11.19
N ASN C 334 11.37 -44.73 10.37
CA ASN C 334 10.03 -44.17 10.29
C ASN C 334 9.26 -44.36 11.60
N ALA C 335 9.45 -45.53 12.20
CA ALA C 335 8.83 -45.84 13.49
C ALA C 335 9.38 -44.93 14.56
N GLU C 336 10.64 -44.52 14.46
CA GLU C 336 11.21 -43.60 15.44
C GLU C 336 11.12 -42.11 15.08
N GLY C 337 10.49 -41.77 13.96
CA GLY C 337 10.33 -40.36 13.60
C GLY C 337 11.61 -39.69 13.16
N LEU C 338 12.48 -40.47 12.51
CA LEU C 338 13.59 -39.92 11.73
C LEU C 338 13.20 -40.03 10.26
N LEU C 339 12.96 -38.87 9.64
CA LEU C 339 12.60 -38.83 8.22
C LEU C 339 13.83 -38.75 7.33
N PHE C 340 14.22 -39.90 6.81
CA PHE C 340 15.31 -39.96 5.82
C PHE C 340 14.73 -39.91 4.42
N TYR C 341 15.53 -39.38 3.50
CA TYR C 341 15.20 -39.38 2.08
C TYR C 341 15.64 -40.81 1.67
N ALA C 342 14.66 -41.68 1.51
CA ALA C 342 14.87 -43.12 1.47
C ALA C 342 15.76 -43.49 0.31
N GLY C 343 16.86 -44.13 0.67
CA GLY C 343 17.86 -44.67 -0.24
C GLY C 343 18.76 -43.67 -0.90
N ASP C 344 18.60 -42.38 -0.57
CA ASP C 344 19.28 -41.31 -1.24
C ASP C 344 20.18 -40.61 -0.24
N ASN C 345 20.49 -39.33 -0.47
CA ASN C 345 21.31 -38.59 0.45
C ASN C 345 20.53 -37.82 1.50
N GLN C 346 21.13 -37.81 2.70
CA GLN C 346 20.58 -37.11 3.86
C GLN C 346 21.29 -35.78 3.98
N GLY C 347 20.49 -34.72 4.10
CA GLY C 347 21.01 -33.38 4.11
C GLY C 347 20.38 -32.59 5.23
N VAL C 348 21.09 -32.52 6.35
CA VAL C 348 20.60 -31.75 7.49
C VAL C 348 20.62 -30.27 7.21
N SER C 349 19.82 -29.53 8.00
CA SER C 349 19.79 -28.07 7.90
C SER C 349 20.50 -27.42 9.06
N ALA C 350 20.66 -26.10 8.93
CA ALA C 350 21.25 -25.29 9.99
C ALA C 350 20.42 -25.20 11.27
N ALA C 351 19.19 -25.67 11.24
CA ALA C 351 18.34 -25.71 12.43
C ALA C 351 18.58 -26.96 13.25
N PHE C 352 19.53 -27.79 12.86
CA PHE C 352 19.96 -28.95 13.65
C PHE C 352 20.84 -28.50 14.83
N ASP C 353 20.19 -28.00 15.87
CA ASP C 353 20.92 -27.47 17.03
C ASP C 353 21.24 -28.61 18.00
N GLU C 354 21.83 -28.29 19.15
CA GLU C 354 22.15 -29.30 20.17
C GLU C 354 20.96 -30.18 20.54
N ALA C 355 19.82 -29.55 20.80
CA ALA C 355 18.62 -30.24 21.22
C ALA C 355 18.16 -31.22 20.15
N VAL C 356 18.17 -30.79 18.89
CA VAL C 356 17.80 -31.65 17.77
C VAL C 356 18.74 -32.84 17.62
N LEU C 357 20.04 -32.59 17.69
CA LEU C 357 21.04 -33.62 17.49
C LEU C 357 20.96 -34.66 18.58
N GLY C 358 20.80 -34.22 19.83
CA GLY C 358 20.60 -35.13 20.96
C GLY C 358 19.47 -36.10 20.73
N GLU C 359 18.32 -35.57 20.32
CA GLU C 359 17.15 -36.38 20.11
C GLU C 359 17.32 -37.28 18.88
N ALA C 360 18.00 -36.79 17.85
CA ALA C 360 18.19 -37.61 16.65
C ALA C 360 19.10 -38.82 16.95
N GLU C 361 20.11 -38.60 17.78
CA GLU C 361 21.01 -39.66 18.24
C GLU C 361 20.27 -40.70 19.05
N ARG C 362 19.46 -40.24 20.00
CA ARG C 362 18.60 -41.16 20.74
C ARG C 362 17.68 -41.95 19.86
N ARG C 363 17.06 -41.28 18.90
CA ARG C 363 16.18 -41.98 17.99
C ARG C 363 16.94 -43.01 17.14
N PHE C 364 18.15 -42.67 16.72
CA PHE C 364 18.86 -43.58 15.80
C PHE C 364 19.38 -44.81 16.57
N ALA C 365 19.73 -44.60 17.83
CA ALA C 365 20.03 -45.74 18.71
C ALA C 365 18.85 -46.70 18.82
N ARG C 366 17.64 -46.17 18.94
CA ARG C 366 16.48 -47.00 18.94
C ARG C 366 16.23 -47.69 17.60
N VAL C 367 16.51 -46.98 16.50
CA VAL C 367 16.55 -47.64 15.19
C VAL C 367 17.42 -48.90 15.21
N CYS C 368 18.64 -48.77 15.69
CA CYS C 368 19.57 -49.90 15.68
C CYS C 368 19.05 -51.05 16.57
N GLU C 369 18.30 -50.73 17.62
CA GLU C 369 17.74 -51.79 18.47
C GLU C 369 16.70 -52.58 17.71
N ARG C 370 15.86 -51.88 16.94
CA ARG C 370 14.82 -52.55 16.18
C ARG C 370 15.45 -53.41 15.10
N LEU C 371 16.65 -53.05 14.68
CA LEU C 371 17.34 -53.83 13.65
C LEU C 371 18.15 -55.02 14.18
N ALA C 372 18.04 -55.33 15.47
CA ALA C 372 18.73 -56.49 16.05
C ALA C 372 18.67 -57.79 15.25
N PRO C 373 17.53 -58.12 14.64
CA PRO C 373 17.53 -59.36 13.87
C PRO C 373 18.49 -59.42 12.69
N TYR C 374 19.09 -58.29 12.32
CA TYR C 374 20.00 -58.23 11.18
C TYR C 374 21.46 -58.26 11.64
N ALA C 375 21.69 -58.31 12.96
CA ALA C 375 23.05 -58.31 13.51
C ALA C 375 23.92 -59.45 12.97
N GLY C 376 25.19 -59.15 12.70
CA GLY C 376 26.16 -60.13 12.19
C GLY C 376 25.98 -60.60 10.77
N GLY C 377 25.13 -59.93 9.99
CA GLY C 377 24.92 -60.30 8.59
C GLY C 377 26.21 -60.17 7.78
N GLU C 378 26.30 -60.86 6.64
CA GLU C 378 27.48 -60.71 5.76
C GLU C 378 27.75 -59.24 5.44
N PRO C 379 29.02 -58.78 5.53
CA PRO C 379 29.29 -57.38 5.25
C PRO C 379 28.98 -56.93 3.82
N VAL C 380 28.92 -55.60 3.74
CA VAL C 380 28.59 -54.90 2.51
C VAL C 380 29.62 -55.27 1.46
N GLY C 381 29.14 -55.71 0.29
CA GLY C 381 30.01 -55.95 -0.87
C GLY C 381 29.87 -54.84 -1.91
N ASP C 382 30.68 -54.91 -2.97
CA ASP C 382 30.65 -53.93 -4.05
C ASP C 382 29.35 -53.89 -4.82
N ALA C 383 28.66 -55.01 -4.91
CA ALA C 383 27.43 -55.02 -5.67
C ALA C 383 26.41 -54.08 -4.99
N ALA C 384 26.30 -54.17 -3.67
CA ALA C 384 25.54 -53.21 -2.83
C ALA C 384 26.02 -51.76 -2.94
N ARG C 385 27.33 -51.53 -2.85
CA ARG C 385 27.85 -50.20 -3.02
C ARG C 385 27.40 -49.59 -4.34
N TYR C 386 27.38 -50.38 -5.41
CA TYR C 386 27.16 -49.85 -6.75
C TYR C 386 25.68 -49.54 -6.88
N ARG C 387 24.84 -50.46 -6.41
CA ARG C 387 23.38 -50.29 -6.45
C ARG C 387 23.00 -49.00 -5.67
N VAL C 388 23.57 -48.83 -4.48
CA VAL C 388 23.10 -47.75 -3.61
C VAL C 388 23.56 -46.42 -4.19
N ALA C 389 24.85 -46.32 -4.56
CA ALA C 389 25.32 -45.15 -5.26
C ALA C 389 24.51 -44.85 -6.52
N TRP C 390 24.14 -45.86 -7.28
CA TRP C 390 23.35 -45.58 -8.49
C TRP C 390 22.06 -44.82 -8.13
N ASN C 391 21.46 -45.17 -7.01
CA ASN C 391 20.21 -44.55 -6.61
C ASN C 391 20.33 -43.05 -6.35
N VAL C 392 21.47 -42.61 -5.85
CA VAL C 392 21.69 -41.19 -5.66
C VAL C 392 22.25 -40.48 -6.89
N MET C 393 23.10 -41.13 -7.68
CA MET C 393 23.80 -40.38 -8.70
C MET C 393 23.43 -40.72 -10.14
N ASP C 394 22.56 -41.73 -10.35
CA ASP C 394 22.18 -42.29 -11.65
C ASP C 394 23.41 -42.62 -12.50
N GLY C 395 24.44 -43.15 -11.86
CA GLY C 395 25.64 -43.59 -12.56
C GLY C 395 26.55 -44.32 -11.58
N LEU C 396 27.80 -44.52 -11.98
CA LEU C 396 28.76 -45.33 -11.23
C LEU C 396 29.64 -44.55 -10.26
N ARG C 397 29.67 -45.00 -9.00
CA ARG C 397 30.62 -44.53 -8.05
C ARG C 397 32.02 -44.82 -8.56
N GLN C 398 32.98 -44.05 -8.09
CA GLN C 398 34.35 -44.25 -8.52
C GLN C 398 34.94 -45.43 -7.76
N ALA C 399 35.57 -46.35 -8.51
CA ALA C 399 36.42 -47.40 -7.97
C ALA C 399 37.22 -47.96 -9.14
N PRO C 400 38.30 -48.71 -8.87
CA PRO C 400 39.08 -49.22 -10.00
C PRO C 400 38.28 -50.24 -10.77
N ARG C 401 38.27 -50.05 -12.09
CA ARG C 401 37.49 -50.85 -13.01
C ARG C 401 38.31 -51.04 -14.27
N ASP C 402 38.28 -52.26 -14.78
CA ASP C 402 38.56 -52.48 -16.18
C ASP C 402 37.23 -52.30 -16.96
N ARG C 403 37.31 -52.16 -18.27
CA ARG C 403 36.12 -51.84 -19.06
C ARG C 403 35.04 -52.92 -19.01
N GLU C 404 35.44 -54.19 -18.91
CA GLU C 404 34.46 -55.27 -18.83
C GLU C 404 33.62 -55.14 -17.57
N GLU C 405 34.23 -54.69 -16.48
CA GLU C 405 33.50 -54.52 -15.22
C GLU C 405 32.44 -53.44 -15.41
N THR C 406 32.86 -52.32 -15.99
CA THR C 406 32.01 -51.15 -16.26
C THR C 406 30.84 -51.53 -17.12
N THR C 407 31.10 -52.18 -18.26
CA THR C 407 30.04 -52.71 -19.11
C THR C 407 29.08 -53.65 -18.40
N GLY C 408 29.62 -54.59 -17.62
CA GLY C 408 28.78 -55.51 -16.86
C GLY C 408 27.91 -54.84 -15.79
N LEU C 409 28.49 -53.88 -15.06
CA LEU C 409 27.74 -53.11 -14.06
C LEU C 409 26.61 -52.33 -14.69
N LEU C 410 26.91 -51.69 -15.81
CA LEU C 410 25.90 -50.93 -16.51
C LEU C 410 24.75 -51.82 -16.95
N ALA C 411 25.05 -52.95 -17.56
CA ALA C 411 24.00 -53.90 -17.95
C ALA C 411 23.11 -54.35 -16.78
N ARG C 412 23.74 -54.66 -15.66
CA ARG C 412 23.02 -55.11 -14.46
C ARG C 412 22.09 -54.01 -13.94
N LEU C 413 22.67 -52.83 -13.74
CA LEU C 413 21.98 -51.68 -13.16
C LEU C 413 20.94 -51.07 -14.11
N LEU C 414 21.19 -51.14 -15.42
CA LEU C 414 20.20 -50.74 -16.41
C LEU C 414 19.20 -51.82 -16.82
N ASP C 415 19.07 -52.93 -16.09
CA ASP C 415 17.92 -53.85 -16.28
C ASP C 415 16.68 -53.25 -15.65
N LYS D 3 20.57 2.75 -15.39
CA LYS D 3 21.43 2.01 -16.38
C LYS D 3 21.10 0.50 -16.43
N ASN D 4 21.31 -0.13 -17.58
CA ASN D 4 20.92 -1.55 -17.72
C ASN D 4 21.79 -2.45 -16.87
N SER D 5 21.20 -3.56 -16.41
CA SER D 5 22.00 -4.64 -15.79
C SER D 5 23.09 -5.11 -16.74
N SER D 6 24.33 -5.17 -16.28
CA SER D 6 25.34 -5.80 -17.13
C SER D 6 25.38 -7.32 -16.90
N LEU D 7 24.71 -7.81 -15.85
CA LEU D 7 24.82 -9.21 -15.45
C LEU D 7 23.75 -10.10 -16.06
N LEU D 8 22.56 -9.54 -16.26
CA LEU D 8 21.43 -10.40 -16.64
C LEU D 8 21.56 -10.94 -18.06
N ALA D 9 21.51 -12.26 -18.15
CA ALA D 9 21.75 -12.99 -19.40
C ALA D 9 20.49 -13.03 -20.24
N GLU D 10 19.37 -12.90 -19.55
CA GLU D 10 18.05 -12.99 -20.18
C GLU D 10 17.58 -11.62 -20.62
N PHE D 11 16.50 -11.55 -21.40
CA PHE D 11 15.84 -10.29 -21.77
C PHE D 11 14.35 -10.34 -21.39
N PRO D 12 14.06 -10.06 -20.13
CA PRO D 12 12.70 -10.19 -19.62
C PRO D 12 11.76 -9.15 -20.18
N THR D 13 10.54 -9.58 -20.48
CA THR D 13 9.49 -8.66 -20.86
C THR D 13 9.09 -7.92 -19.59
N CYS D 14 9.13 -6.59 -19.68
CA CYS D 14 8.75 -5.72 -18.58
C CYS D 14 8.54 -4.30 -19.10
N PRO D 15 7.88 -3.44 -18.27
CA PRO D 15 7.78 -2.05 -18.65
C PRO D 15 9.18 -1.42 -18.78
N ARG D 16 9.42 -0.73 -19.88
CA ARG D 16 10.75 -0.17 -20.16
C ARG D 16 10.58 1.29 -20.58
N ASP D 17 11.59 2.10 -20.28
CA ASP D 17 11.47 3.52 -20.46
C ASP D 17 11.84 3.90 -21.89
N GLU D 18 11.93 5.20 -22.16
CA GLU D 18 12.13 5.69 -23.50
C GLU D 18 13.54 5.37 -23.99
N LYS D 19 14.44 4.92 -23.11
CA LYS D 19 15.72 4.36 -23.51
C LYS D 19 15.79 2.83 -23.42
N ASP D 20 14.62 2.22 -23.28
CA ASP D 20 14.49 0.78 -23.22
C ASP D 20 15.07 0.08 -21.98
N ARG D 21 15.31 0.84 -20.91
CA ARG D 21 15.75 0.30 -19.65
C ARG D 21 14.52 -0.03 -18.83
N PRO D 22 14.54 -1.20 -18.19
CA PRO D 22 13.43 -1.53 -17.27
C PRO D 22 13.08 -0.40 -16.29
N ARG D 23 11.78 -0.11 -16.19
CA ARG D 23 11.28 0.73 -15.13
C ARG D 23 11.40 0.04 -13.78
N VAL D 24 11.82 0.81 -12.78
CA VAL D 24 12.06 0.23 -11.48
C VAL D 24 10.93 0.66 -10.55
N PHE D 25 10.21 -0.33 -10.00
CA PHE D 25 9.07 -0.03 -9.12
C PHE D 25 9.43 -0.45 -7.73
N THR D 26 9.19 0.44 -6.76
CA THR D 26 9.55 0.23 -5.38
C THR D 26 8.40 -0.08 -4.47
N ALA D 27 7.19 0.06 -4.97
CA ALA D 27 6.01 -0.23 -4.15
C ALA D 27 4.78 -0.40 -5.03
N ALA D 28 3.79 -1.13 -4.50
CA ALA D 28 2.60 -1.50 -5.29
C ALA D 28 1.46 -1.77 -4.35
N SER D 29 0.29 -1.21 -4.64
CA SER D 29 -0.90 -1.41 -3.84
CA SER D 29 -0.92 -1.48 -3.85
C SER D 29 -2.14 -1.41 -4.74
N GLY D 30 -2.80 -2.53 -4.85
CA GLY D 30 -4.04 -2.58 -5.67
C GLY D 30 -3.68 -2.37 -7.13
N ALA D 31 -4.15 -1.29 -7.70
CA ALA D 31 -3.88 -0.88 -9.07
C ALA D 31 -2.77 0.11 -9.18
N TRP D 32 -2.21 0.55 -8.05
CA TRP D 32 -1.27 1.66 -8.06
C TRP D 32 0.18 1.16 -7.92
N LEU D 33 1.08 1.75 -8.71
CA LEU D 33 2.51 1.52 -8.55
C LEU D 33 3.23 2.81 -8.21
N THR D 34 4.37 2.65 -7.52
CA THR D 34 5.29 3.78 -7.30
C THR D 34 6.65 3.42 -7.92
N ASP D 35 7.16 4.24 -8.81
CA ASP D 35 8.47 3.92 -9.37
C ASP D 35 9.56 4.54 -8.50
N GLU D 36 10.80 4.26 -8.87
CA GLU D 36 11.96 4.67 -8.07
C GLU D 36 12.12 6.20 -7.96
N SER D 37 11.65 6.92 -8.96
CA SER D 37 11.59 8.39 -8.93
CA SER D 37 11.59 8.38 -8.93
C SER D 37 10.49 8.96 -8.05
N GLY D 38 9.56 8.13 -7.61
CA GLY D 38 8.44 8.56 -6.80
C GLY D 38 7.15 8.83 -7.55
N PHE D 39 7.13 8.49 -8.83
CA PHE D 39 6.00 8.77 -9.73
C PHE D 39 4.96 7.67 -9.53
N ARG D 40 3.68 8.05 -9.47
CA ARG D 40 2.55 7.14 -9.31
C ARG D 40 1.93 6.74 -10.67
N TRP D 41 1.84 5.41 -10.87
CA TRP D 41 1.25 4.80 -12.07
C TRP D 41 -0.04 4.09 -11.73
N ILE D 42 -0.94 3.99 -12.72
CA ILE D 42 -2.03 3.05 -12.71
C ILE D 42 -1.65 1.87 -13.63
N ASP D 43 -1.64 0.67 -13.09
CA ASP D 43 -1.12 -0.51 -13.76
C ASP D 43 -2.25 -1.17 -14.58
N PHE D 44 -2.07 -1.16 -15.90
CA PHE D 44 -2.92 -1.94 -16.84
C PHE D 44 -2.20 -3.20 -17.32
N ASP D 45 -0.93 -3.33 -16.90
CA ASP D 45 -0.08 -4.43 -17.33
C ASP D 45 -0.31 -5.63 -16.42
N ASN D 46 -0.10 -5.43 -15.12
CA ASN D 46 -0.46 -6.37 -14.08
C ASN D 46 0.20 -7.73 -14.28
N ALA D 47 1.51 -7.67 -14.46
CA ALA D 47 2.33 -8.82 -14.77
C ALA D 47 1.74 -9.62 -15.95
N ARG D 48 1.43 -8.88 -17.00
CA ARG D 48 1.01 -9.43 -18.28
C ARG D 48 -0.31 -10.17 -18.11
N GLY D 49 -1.14 -9.64 -17.21
CA GLY D 49 -2.47 -10.17 -16.88
C GLY D 49 -2.50 -11.27 -15.84
N SER D 50 -1.40 -11.48 -15.12
CA SER D 50 -1.38 -12.46 -14.06
C SER D 50 -1.75 -11.92 -12.68
N ILE D 51 -1.90 -10.60 -12.55
CA ILE D 51 -2.40 -10.01 -11.30
C ILE D 51 -3.90 -9.73 -11.44
N LEU D 52 -4.74 -10.75 -11.25
CA LEU D 52 -6.18 -10.58 -11.39
C LEU D 52 -6.80 -9.82 -10.23
N LEU D 53 -6.21 -9.93 -9.03
CA LEU D 53 -6.86 -9.40 -7.87
C LEU D 53 -6.35 -8.02 -7.46
N GLY D 54 -5.06 -7.78 -7.69
CA GLY D 54 -4.43 -6.49 -7.38
C GLY D 54 -3.16 -6.76 -6.58
N HIS D 55 -2.26 -5.79 -6.57
CA HIS D 55 -0.95 -5.99 -5.95
C HIS D 55 -1.12 -5.92 -4.44
N GLY D 56 -0.48 -6.88 -3.78
CA GLY D 56 -0.52 -6.98 -2.33
C GLY D 56 -1.86 -7.28 -1.75
N ASP D 57 -2.71 -7.96 -2.54
CA ASP D 57 -4.04 -8.37 -2.05
C ASP D 57 -3.92 -8.99 -0.64
N PRO D 58 -4.75 -8.52 0.33
CA PRO D 58 -4.57 -8.92 1.71
C PRO D 58 -4.85 -10.38 1.98
N VAL D 59 -5.83 -10.95 1.29
CA VAL D 59 -6.08 -12.35 1.58
C VAL D 59 -4.92 -13.22 1.08
N VAL D 60 -4.48 -12.96 -0.15
CA VAL D 60 -3.36 -13.72 -0.68
C VAL D 60 -2.11 -13.46 0.17
N ALA D 61 -1.91 -12.19 0.49
CA ALA D 61 -0.71 -11.83 1.26
C ALA D 61 -0.64 -12.54 2.63
N GLU D 62 -1.75 -12.68 3.34
CA GLU D 62 -1.73 -13.30 4.64
C GLU D 62 -1.56 -14.80 4.51
N ALA D 63 -2.15 -15.37 3.46
CA ALA D 63 -2.00 -16.79 3.21
C ALA D 63 -0.53 -17.11 2.94
N VAL D 64 0.11 -16.27 2.13
CA VAL D 64 1.54 -16.42 1.82
C VAL D 64 2.38 -16.23 3.08
N ALA D 65 2.10 -15.17 3.83
CA ALA D 65 2.86 -14.90 5.08
C ALA D 65 2.81 -16.06 6.05
N ARG D 66 1.60 -16.55 6.33
CA ARG D 66 1.42 -17.69 7.24
C ARG D 66 2.18 -18.93 6.74
N ALA D 67 2.04 -19.22 5.44
CA ALA D 67 2.66 -20.39 4.86
C ALA D 67 4.19 -20.29 4.91
N ALA D 68 4.73 -19.10 4.84
CA ALA D 68 6.17 -18.89 4.95
C ALA D 68 6.72 -19.28 6.33
N THR D 69 5.86 -19.35 7.35
CA THR D 69 6.30 -19.73 8.71
C THR D 69 6.39 -21.23 8.92
N GLY D 70 5.84 -22.03 8.02
CA GLY D 70 5.71 -23.47 8.23
C GLY D 70 4.37 -23.93 8.79
N ALA D 71 3.51 -22.99 9.13
CA ALA D 71 2.25 -23.31 9.77
C ALA D 71 1.29 -24.13 8.94
N ASP D 72 1.48 -24.13 7.61
CA ASP D 72 0.56 -24.83 6.68
C ASP D 72 1.18 -26.08 6.04
N GLY D 73 2.36 -26.43 6.51
CA GLY D 73 3.11 -27.51 5.87
C GLY D 73 4.47 -27.08 5.37
N THR D 74 5.07 -28.00 4.64
CA THR D 74 6.51 -28.02 4.44
C THR D 74 6.76 -28.31 2.98
N ALA D 75 7.83 -27.75 2.43
CA ALA D 75 8.32 -28.12 1.13
C ALA D 75 8.85 -29.56 1.03
N THR D 76 9.06 -30.25 2.16
CA THR D 76 9.46 -31.66 2.16
C THR D 76 8.41 -32.60 1.59
N GLY D 77 7.13 -32.28 1.75
CA GLY D 77 6.14 -33.13 1.13
C GLY D 77 4.70 -32.70 1.26
N TRP D 78 3.83 -33.66 1.03
CA TRP D 78 2.41 -33.42 0.85
C TRP D 78 1.75 -32.62 1.98
N SER D 79 0.84 -31.73 1.60
CA SER D 79 -0.05 -31.07 2.54
C SER D 79 -1.47 -31.05 1.99
N ARG D 80 -2.43 -30.77 2.86
CA ARG D 80 -3.81 -30.68 2.42
C ARG D 80 -4.03 -29.58 1.38
N ARG D 81 -3.17 -28.58 1.37
CA ARG D 81 -3.27 -27.56 0.34
C ARG D 81 -3.03 -28.11 -1.06
N VAL D 82 -2.22 -29.17 -1.16
CA VAL D 82 -2.02 -29.82 -2.46
C VAL D 82 -3.37 -30.31 -2.96
N ASP D 83 -4.10 -31.04 -2.10
CA ASP D 83 -5.43 -31.55 -2.50
C ASP D 83 -6.40 -30.41 -2.83
N ALA D 84 -6.35 -29.35 -2.05
CA ALA D 84 -7.25 -28.22 -2.20
C ALA D 84 -7.05 -27.57 -3.57
N VAL D 85 -5.80 -27.33 -3.96
CA VAL D 85 -5.52 -26.69 -5.24
C VAL D 85 -5.93 -27.60 -6.41
N LEU D 86 -5.61 -28.88 -6.32
CA LEU D 86 -5.92 -29.81 -7.40
C LEU D 86 -7.42 -29.89 -7.52
N GLU D 87 -8.13 -29.99 -6.39
CA GLU D 87 -9.60 -30.17 -6.50
C GLU D 87 -10.27 -28.94 -7.11
N ARG D 88 -9.76 -27.75 -6.75
CA ARG D 88 -10.33 -26.49 -7.19
C ARG D 88 -10.12 -26.37 -8.69
N LEU D 89 -8.91 -26.72 -9.19
CA LEU D 89 -8.62 -26.67 -10.61
C LEU D 89 -9.49 -27.68 -11.36
N HIS D 90 -9.59 -28.88 -10.82
CA HIS D 90 -10.44 -29.92 -11.44
C HIS D 90 -11.90 -29.46 -11.51
N ALA D 91 -12.38 -28.82 -10.45
CA ALA D 91 -13.75 -28.34 -10.45
C ALA D 91 -13.98 -27.24 -11.45
N LEU D 92 -13.01 -26.34 -11.59
CA LEU D 92 -13.21 -25.21 -12.47
C LEU D 92 -13.02 -25.56 -13.94
N CYS D 93 -12.04 -26.39 -14.26
CA CYS D 93 -11.63 -26.61 -15.64
C CYS D 93 -12.00 -27.97 -16.20
N GLY D 94 -12.43 -28.90 -15.37
CA GLY D 94 -12.77 -30.25 -15.82
C GLY D 94 -11.60 -31.13 -16.22
N GLY D 95 -11.89 -32.26 -16.85
CA GLY D 95 -10.85 -33.25 -17.07
C GLY D 95 -10.85 -34.26 -15.96
N GLU D 96 -10.03 -35.28 -16.12
CA GLU D 96 -9.89 -36.36 -15.15
C GLU D 96 -8.77 -36.08 -14.16
N VAL D 97 -7.65 -35.55 -14.66
CA VAL D 97 -6.45 -35.31 -13.83
C VAL D 97 -5.89 -33.91 -14.01
N VAL D 98 -4.95 -33.56 -13.12
CA VAL D 98 -4.38 -32.21 -13.08
C VAL D 98 -2.91 -32.35 -12.73
N GLY D 99 -2.05 -31.57 -13.36
CA GLY D 99 -0.64 -31.48 -12.95
C GLY D 99 -0.32 -30.02 -12.66
N LEU D 100 0.70 -29.79 -11.85
CA LEU D 100 1.14 -28.45 -11.53
C LEU D 100 2.59 -28.28 -12.01
N PHE D 101 2.90 -27.07 -12.47
CA PHE D 101 4.24 -26.73 -13.01
C PHE D 101 4.64 -25.33 -12.56
N ARG D 102 5.84 -24.92 -12.90
CA ARG D 102 6.43 -23.72 -12.34
C ARG D 102 6.42 -22.52 -13.28
N SER D 103 5.91 -22.70 -14.49
CA SER D 103 5.76 -21.62 -15.46
C SER D 103 4.77 -22.08 -16.50
N GLY D 104 4.25 -21.14 -17.26
CA GLY D 104 3.37 -21.52 -18.38
C GLY D 104 4.18 -22.26 -19.43
N THR D 105 5.41 -21.83 -19.65
CA THR D 105 6.30 -22.52 -20.60
C THR D 105 6.50 -23.99 -20.26
N ALA D 106 6.83 -24.29 -19.00
CA ALA D 106 7.03 -25.68 -18.56
C ALA D 106 5.76 -26.49 -18.77
N ALA D 107 4.63 -25.91 -18.39
CA ALA D 107 3.34 -26.60 -18.46
C ALA D 107 2.95 -26.94 -19.89
N VAL D 108 3.06 -25.99 -20.81
CA VAL D 108 2.65 -26.28 -22.19
C VAL D 108 3.60 -27.30 -22.83
N ARG D 109 4.91 -27.17 -22.60
CA ARG D 109 5.84 -28.14 -23.13
C ARG D 109 5.53 -29.54 -22.61
N ALA D 110 5.32 -29.67 -21.31
CA ALA D 110 5.05 -30.99 -20.77
C ALA D 110 3.71 -31.55 -21.29
N ALA D 111 2.72 -30.71 -21.39
CA ALA D 111 1.40 -31.18 -21.88
C ALA D 111 1.50 -31.70 -23.32
N VAL D 112 2.16 -30.97 -24.21
CA VAL D 112 2.20 -31.39 -25.61
C VAL D 112 3.08 -32.60 -25.84
N LEU D 113 4.18 -32.68 -25.10
CA LEU D 113 5.06 -33.83 -25.19
C LEU D 113 4.35 -35.05 -24.64
N ALA D 114 3.56 -34.91 -23.57
CA ALA D 114 2.71 -36.01 -23.11
C ALA D 114 1.73 -36.49 -24.18
N VAL D 115 1.09 -35.55 -24.84
CA VAL D 115 0.15 -35.90 -25.91
C VAL D 115 0.90 -36.56 -27.08
N ARG D 116 2.07 -36.04 -27.44
CA ARG D 116 2.91 -36.68 -28.47
C ARG D 116 3.21 -38.13 -28.11
N GLU D 117 3.60 -38.34 -26.84
CA GLU D 117 3.90 -39.68 -26.35
C GLU D 117 2.68 -40.59 -26.34
N ALA D 118 1.54 -40.12 -25.84
CA ALA D 118 0.38 -40.95 -25.68
C ALA D 118 -0.19 -41.35 -27.04
N THR D 119 -0.14 -40.43 -28.00
CA THR D 119 -0.73 -40.71 -29.33
C THR D 119 0.25 -41.46 -30.25
N GLY D 120 1.54 -41.29 -30.00
CA GLY D 120 2.57 -41.88 -30.84
C GLY D 120 2.80 -41.17 -32.16
N ARG D 121 2.21 -39.97 -32.30
CA ARG D 121 2.32 -39.24 -33.56
C ARG D 121 3.24 -38.04 -33.45
N PRO D 122 3.93 -37.69 -34.55
CA PRO D 122 5.10 -36.82 -34.35
C PRO D 122 4.85 -35.30 -34.34
N LEU D 123 3.74 -34.84 -34.92
CA LEU D 123 3.56 -33.43 -35.28
C LEU D 123 2.59 -32.70 -34.37
N LEU D 124 2.96 -31.47 -34.04
CA LEU D 124 2.11 -30.57 -33.30
C LEU D 124 1.78 -29.42 -34.25
N LEU D 125 0.51 -29.16 -34.46
CA LEU D 125 0.07 -28.01 -35.24
C LEU D 125 -0.31 -26.87 -34.28
N SER D 126 0.42 -25.76 -34.37
CA SER D 126 0.33 -24.71 -33.35
C SER D 126 -0.16 -23.36 -33.85
N ALA D 127 -0.93 -22.67 -33.02
CA ALA D 127 -1.21 -21.24 -33.25
C ALA D 127 -1.03 -20.51 -31.91
N GLY D 128 -0.33 -19.39 -31.97
CA GLY D 128 -0.09 -18.55 -30.80
C GLY D 128 1.20 -18.86 -30.07
N TYR D 129 1.40 -18.12 -28.99
CA TYR D 129 2.60 -18.18 -28.18
C TYR D 129 2.41 -19.20 -27.07
N HIS D 130 3.42 -20.04 -26.89
CA HIS D 130 3.36 -21.10 -25.90
C HIS D 130 4.45 -21.06 -24.87
N GLY D 131 5.26 -20.01 -24.92
CA GLY D 131 6.33 -19.87 -23.93
C GLY D 131 7.70 -19.78 -24.56
N TYR D 132 8.73 -19.66 -23.73
CA TYR D 132 10.06 -19.28 -24.23
C TYR D 132 10.90 -20.42 -24.79
N ASP D 133 10.47 -21.66 -24.58
CA ASP D 133 11.35 -22.83 -24.79
C ASP D 133 11.71 -22.98 -26.28
N PRO D 134 12.95 -23.35 -26.59
CA PRO D 134 13.33 -23.44 -28.02
C PRO D 134 12.51 -24.40 -28.89
N MET D 135 11.74 -25.30 -28.28
CA MET D 135 10.88 -26.19 -29.08
C MET D 135 9.90 -25.42 -29.99
N TRP D 136 9.55 -24.20 -29.59
CA TRP D 136 8.63 -23.36 -30.37
C TRP D 136 9.31 -22.46 -31.38
N TYR D 137 10.64 -22.47 -31.46
CA TYR D 137 11.34 -21.57 -32.38
C TYR D 137 10.85 -21.80 -33.83
N PRO D 138 10.82 -20.74 -34.64
CA PRO D 138 10.18 -20.92 -35.94
C PRO D 138 10.97 -21.83 -36.92
N SER D 139 10.26 -22.49 -37.83
CA SER D 139 10.88 -23.35 -38.83
C SER D 139 11.61 -22.52 -39.88
N GLU D 140 12.43 -23.18 -40.69
CA GLU D 140 13.10 -22.50 -41.79
C GLU D 140 12.09 -21.98 -42.81
N ALA D 141 11.16 -22.84 -43.24
CA ALA D 141 10.19 -22.53 -44.29
C ALA D 141 8.75 -22.47 -43.75
N PRO D 142 7.87 -21.69 -44.41
CA PRO D 142 6.53 -21.30 -43.91
C PRO D 142 5.67 -22.38 -43.24
N LEU D 143 5.36 -23.46 -43.95
CA LEU D 143 4.39 -24.47 -43.49
C LEU D 143 5.08 -25.80 -43.20
N GLU D 144 6.36 -25.73 -42.88
CA GLU D 144 7.16 -26.91 -42.59
C GLU D 144 7.41 -27.01 -41.09
N PRO D 145 7.67 -28.24 -40.62
CA PRO D 145 7.96 -28.42 -39.20
C PRO D 145 9.29 -27.80 -38.83
N ASN D 146 9.37 -27.30 -37.59
CA ASN D 146 10.65 -26.94 -37.06
C ASN D 146 11.38 -28.19 -36.57
N ALA D 147 12.53 -28.00 -35.93
CA ALA D 147 13.32 -29.15 -35.51
C ALA D 147 12.62 -30.05 -34.49
N ASP D 148 11.61 -29.52 -33.78
CA ASP D 148 10.92 -30.26 -32.74
C ASP D 148 9.50 -30.65 -33.17
N GLY D 149 9.28 -30.71 -34.48
CA GLY D 149 8.06 -31.25 -35.02
C GLY D 149 6.82 -30.39 -34.87
N VAL D 150 7.03 -29.07 -34.77
CA VAL D 150 5.96 -28.11 -34.62
C VAL D 150 5.74 -27.37 -35.94
N VAL D 151 4.47 -27.36 -36.37
CA VAL D 151 4.07 -26.60 -37.53
C VAL D 151 3.10 -25.53 -37.10
N ASP D 152 3.46 -24.28 -37.37
CA ASP D 152 2.67 -23.09 -37.06
C ASP D 152 1.68 -22.80 -38.19
N PHE D 153 0.41 -22.71 -37.86
CA PHE D 153 -0.65 -22.31 -38.79
C PHE D 153 -1.20 -20.91 -38.60
N PHE D 154 -0.65 -20.17 -37.62
CA PHE D 154 -0.95 -18.73 -37.53
C PHE D 154 -2.44 -18.35 -37.41
N PHE D 155 -3.24 -19.26 -36.82
CA PHE D 155 -4.67 -19.12 -36.58
C PHE D 155 -5.50 -19.13 -37.87
N ASP D 156 -4.87 -19.53 -38.97
CA ASP D 156 -5.51 -19.54 -40.29
C ASP D 156 -6.02 -20.97 -40.54
N LEU D 157 -7.32 -21.07 -40.52
CA LEU D 157 -7.98 -22.37 -40.61
C LEU D 157 -7.97 -22.94 -42.03
N GLY D 158 -7.67 -22.11 -43.03
CA GLY D 158 -7.32 -22.58 -44.36
C GLY D 158 -6.04 -23.38 -44.33
N LEU D 159 -4.99 -22.80 -43.73
CA LEU D 159 -3.74 -23.51 -43.55
C LEU D 159 -3.96 -24.74 -42.69
N LEU D 160 -4.83 -24.65 -41.69
CA LEU D 160 -4.99 -25.77 -40.76
C LEU D 160 -5.54 -26.96 -41.58
N ARG D 161 -6.50 -26.67 -42.45
CA ARG D 161 -7.09 -27.72 -43.31
C ARG D 161 -6.05 -28.44 -44.14
N GLU D 162 -5.14 -27.71 -44.76
CA GLU D 162 -4.06 -28.35 -45.54
C GLU D 162 -3.20 -29.28 -44.71
N LEU D 163 -2.93 -28.86 -43.48
CA LEU D 163 -2.18 -29.67 -42.57
C LEU D 163 -2.99 -30.88 -42.06
N LEU D 164 -4.32 -30.77 -42.02
CA LEU D 164 -5.15 -31.84 -41.50
C LEU D 164 -5.51 -32.87 -42.58
N ARG D 165 -4.94 -32.70 -43.77
CA ARG D 165 -5.07 -33.68 -44.86
C ARG D 165 -4.47 -35.06 -44.53
N ALA D 166 -3.32 -35.02 -43.87
CA ALA D 166 -2.62 -36.19 -43.35
C ALA D 166 -2.68 -36.24 -41.82
N PRO D 167 -3.90 -36.42 -41.25
CA PRO D 167 -4.02 -36.27 -39.82
C PRO D 167 -3.35 -37.37 -39.02
N GLU D 168 -3.05 -38.51 -39.65
CA GLU D 168 -2.34 -39.61 -38.96
C GLU D 168 -0.95 -39.23 -38.44
N ARG D 169 -0.36 -38.15 -38.97
CA ARG D 169 0.93 -37.64 -38.51
C ARG D 169 0.81 -36.66 -37.31
N VAL D 170 -0.41 -36.30 -36.95
CA VAL D 170 -0.65 -35.14 -36.07
C VAL D 170 -1.04 -35.60 -34.65
N ALA D 171 -0.14 -35.38 -33.69
CA ALA D 171 -0.45 -35.66 -32.28
C ALA D 171 -1.52 -34.74 -31.75
N ALA D 172 -1.41 -33.44 -32.01
CA ALA D 172 -2.37 -32.47 -31.50
C ALA D 172 -2.30 -31.18 -32.29
N VAL D 173 -3.41 -30.47 -32.19
CA VAL D 173 -3.49 -29.02 -32.40
C VAL D 173 -3.44 -28.27 -31.07
N VAL D 174 -2.54 -27.30 -30.98
CA VAL D 174 -2.29 -26.56 -29.72
C VAL D 174 -2.52 -25.07 -30.02
N VAL D 175 -3.50 -24.49 -29.34
CA VAL D 175 -3.95 -23.13 -29.66
CA VAL D 175 -3.93 -23.12 -29.65
C VAL D 175 -4.03 -22.24 -28.42
N SER D 176 -3.45 -21.05 -28.53
CA SER D 176 -3.59 -20.00 -27.52
C SER D 176 -4.69 -19.00 -27.87
N PRO D 177 -5.85 -19.06 -27.18
CA PRO D 177 -6.98 -18.21 -27.52
C PRO D 177 -6.71 -16.71 -27.44
N ASP D 178 -7.34 -15.97 -28.34
CA ASP D 178 -7.45 -14.53 -28.20
C ASP D 178 -8.89 -14.22 -28.46
N HIS D 179 -9.56 -13.57 -27.52
CA HIS D 179 -10.96 -13.26 -27.67
C HIS D 179 -11.21 -11.85 -28.12
N MET D 180 -10.13 -11.14 -28.49
CA MET D 180 -10.24 -9.79 -29.04
C MET D 180 -10.30 -9.92 -30.55
N HIS D 181 -9.61 -10.92 -31.12
CA HIS D 181 -9.36 -10.92 -32.55
C HIS D 181 -9.91 -12.16 -33.25
N LEU D 182 -10.49 -13.07 -32.50
CA LEU D 182 -11.10 -14.28 -33.05
C LEU D 182 -12.48 -14.34 -32.46
N SER D 183 -13.46 -14.62 -33.30
CA SER D 183 -14.84 -14.67 -32.82
C SER D 183 -15.21 -16.08 -32.38
N PRO D 184 -16.28 -16.21 -31.61
CA PRO D 184 -16.73 -17.52 -31.19
C PRO D 184 -16.82 -18.56 -32.33
N GLY D 185 -17.26 -18.14 -33.53
CA GLY D 185 -17.40 -19.05 -34.70
C GLY D 185 -16.10 -19.62 -35.21
N TRP D 186 -15.01 -18.84 -35.03
CA TRP D 186 -13.67 -19.35 -35.32
C TRP D 186 -13.37 -20.58 -34.48
N TYR D 187 -13.65 -20.48 -33.18
CA TYR D 187 -13.41 -21.57 -32.22
C TYR D 187 -14.29 -22.78 -32.55
N ARG D 188 -15.53 -22.49 -32.77
CA ARG D 188 -16.44 -23.60 -33.20
C ARG D 188 -15.90 -24.34 -34.41
N GLU D 189 -15.49 -23.60 -35.43
CA GLU D 189 -14.88 -24.22 -36.60
C GLU D 189 -13.65 -25.02 -36.27
N LEU D 190 -12.73 -24.45 -35.50
CA LEU D 190 -11.55 -25.18 -35.17
C LEU D 190 -11.91 -26.50 -34.51
N ARG D 191 -12.92 -26.49 -33.64
CA ARG D 191 -13.26 -27.70 -32.90
C ARG D 191 -13.81 -28.75 -33.89
N ARG D 192 -14.68 -28.32 -34.79
CA ARG D 192 -15.19 -29.27 -35.81
C ARG D 192 -14.11 -29.81 -36.72
N LEU D 193 -13.18 -28.96 -37.16
CA LEU D 193 -12.05 -29.50 -37.91
C LEU D 193 -11.23 -30.56 -37.17
N CYS D 194 -10.87 -30.26 -35.92
CA CYS D 194 -10.13 -31.17 -35.10
C CYS D 194 -10.90 -32.49 -34.92
N SER D 195 -12.18 -32.42 -34.58
CA SER D 195 -13.00 -33.61 -34.33
C SER D 195 -13.12 -34.48 -35.60
N ALA D 196 -13.43 -33.85 -36.73
CA ALA D 196 -13.48 -34.54 -38.02
C ALA D 196 -12.18 -35.26 -38.35
N ALA D 197 -11.02 -34.64 -38.07
CA ALA D 197 -9.72 -35.25 -38.34
C ALA D 197 -9.26 -36.24 -37.26
N GLY D 198 -9.98 -36.29 -36.15
CA GLY D 198 -9.67 -37.18 -35.03
C GLY D 198 -8.35 -36.83 -34.35
N VAL D 199 -8.08 -35.53 -34.25
CA VAL D 199 -6.82 -35.10 -33.63
C VAL D 199 -7.13 -34.47 -32.27
N VAL D 200 -6.20 -34.63 -31.34
CA VAL D 200 -6.35 -34.07 -30.00
C VAL D 200 -6.27 -32.53 -30.10
N LEU D 201 -7.11 -31.86 -29.31
CA LEU D 201 -7.09 -30.41 -29.18
C LEU D 201 -6.63 -29.95 -27.78
N VAL D 202 -5.53 -29.23 -27.76
CA VAL D 202 -4.93 -28.67 -26.52
C VAL D 202 -5.19 -27.14 -26.51
N ALA D 203 -5.90 -26.63 -25.51
CA ALA D 203 -6.12 -25.21 -25.33
C ALA D 203 -5.07 -24.67 -24.34
N ASP D 204 -4.16 -23.87 -24.87
CA ASP D 204 -3.15 -23.17 -24.03
C ASP D 204 -3.83 -21.91 -23.50
N GLU D 205 -4.52 -22.06 -22.37
CA GLU D 205 -5.21 -20.98 -21.70
C GLU D 205 -4.33 -20.40 -20.57
N VAL D 206 -3.01 -20.40 -20.78
CA VAL D 206 -2.13 -19.79 -19.78
C VAL D 206 -2.57 -18.36 -19.51
N LYS D 207 -2.82 -17.58 -20.55
CA LYS D 207 -3.27 -16.20 -20.38
C LYS D 207 -4.77 -16.08 -20.05
N VAL D 208 -5.64 -16.71 -20.83
CA VAL D 208 -7.08 -16.43 -20.71
C VAL D 208 -7.86 -17.30 -19.71
N GLY D 209 -7.27 -18.42 -19.30
CA GLY D 209 -7.97 -19.32 -18.39
C GLY D 209 -8.28 -18.66 -17.07
N LEU D 210 -9.52 -18.81 -16.60
CA LEU D 210 -9.93 -18.35 -15.29
C LEU D 210 -10.20 -16.83 -15.19
N ARG D 211 -10.03 -16.13 -16.30
CA ARG D 211 -10.12 -14.70 -16.33
C ARG D 211 -11.42 -14.21 -16.89
N TYR D 212 -11.98 -14.94 -17.87
CA TYR D 212 -13.27 -14.53 -18.46
C TYR D 212 -14.45 -15.02 -17.65
N ALA D 213 -14.18 -16.09 -16.92
CA ALA D 213 -15.18 -16.84 -16.15
C ALA D 213 -14.43 -17.69 -15.14
N PRO D 214 -15.12 -18.31 -14.18
CA PRO D 214 -14.53 -19.31 -13.27
C PRO D 214 -14.39 -20.65 -13.97
N GLY D 215 -13.61 -20.65 -15.03
CA GLY D 215 -13.16 -21.81 -15.73
C GLY D 215 -12.42 -21.42 -17.00
N LEU D 216 -12.37 -22.34 -17.95
CA LEU D 216 -11.73 -22.10 -19.22
C LEU D 216 -12.58 -21.22 -20.10
N SER D 217 -11.93 -20.33 -20.81
CA SER D 217 -12.67 -19.39 -21.68
C SER D 217 -13.27 -20.15 -22.86
N THR D 218 -12.67 -21.30 -23.18
CA THR D 218 -13.13 -22.10 -24.33
C THR D 218 -13.80 -23.40 -23.92
N ALA D 219 -14.24 -23.49 -22.67
CA ALA D 219 -14.83 -24.72 -22.12
C ALA D 219 -15.91 -25.24 -23.09
N GLU D 220 -16.82 -24.37 -23.48
CA GLU D 220 -17.91 -24.74 -24.40
C GLU D 220 -17.50 -24.60 -25.88
N LEU D 221 -16.77 -23.54 -26.24
CA LEU D 221 -16.39 -23.34 -27.64
C LEU D 221 -15.49 -24.46 -28.18
N LEU D 222 -14.54 -24.94 -27.38
CA LEU D 222 -13.57 -25.92 -27.83
C LEU D 222 -13.67 -27.28 -27.17
N ALA D 223 -14.17 -27.33 -25.94
CA ALA D 223 -14.18 -28.56 -25.16
C ALA D 223 -12.87 -29.31 -25.36
N PRO D 224 -11.74 -28.66 -25.08
CA PRO D 224 -10.44 -29.21 -25.36
C PRO D 224 -10.19 -30.49 -24.58
N ASP D 225 -9.40 -31.39 -25.20
CA ASP D 225 -9.00 -32.64 -24.57
C ASP D 225 -8.01 -32.38 -23.42
N VAL D 226 -7.18 -31.37 -23.62
CA VAL D 226 -6.14 -31.02 -22.63
C VAL D 226 -6.21 -29.49 -22.50
N TRP D 227 -6.10 -29.00 -21.26
CA TRP D 227 -6.07 -27.56 -21.01
C TRP D 227 -4.80 -27.22 -20.25
N VAL D 228 -4.38 -25.97 -20.39
CA VAL D 228 -3.28 -25.38 -19.57
C VAL D 228 -3.77 -24.01 -19.08
N VAL D 229 -3.57 -23.71 -17.79
CA VAL D 229 -3.87 -22.35 -17.24
C VAL D 229 -2.67 -21.95 -16.38
N ALA D 230 -2.54 -20.66 -16.11
CA ALA D 230 -1.45 -20.19 -15.21
C ALA D 230 -1.69 -18.79 -14.67
N LYS D 231 -1.86 -17.81 -15.55
CA LYS D 231 -1.89 -16.43 -15.13
C LYS D 231 -3.05 -16.11 -14.23
N GLY D 232 -4.13 -16.85 -14.40
CA GLY D 232 -5.30 -16.59 -13.56
C GLY D 232 -5.33 -17.26 -12.21
N MET D 233 -4.37 -18.14 -11.91
CA MET D 233 -4.52 -19.02 -10.75
C MET D 233 -3.96 -18.63 -9.38
N ALA D 234 -3.11 -17.61 -9.32
CA ALA D 234 -2.36 -17.39 -8.09
C ALA D 234 -1.93 -15.93 -7.85
N ASN D 235 -2.64 -14.99 -8.48
CA ASN D 235 -2.35 -13.59 -8.35
C ASN D 235 -0.86 -13.27 -8.54
N GLY D 236 -0.31 -13.95 -9.55
CA GLY D 236 1.10 -13.72 -9.98
C GLY D 236 2.17 -14.66 -9.50
N HIS D 237 1.84 -15.48 -8.51
CA HIS D 237 2.80 -16.47 -7.98
C HIS D 237 3.14 -17.57 -8.98
N ALA D 238 4.29 -18.21 -8.76
CA ALA D 238 4.96 -19.01 -9.77
C ALA D 238 4.38 -20.41 -9.90
N VAL D 239 3.20 -20.51 -10.50
CA VAL D 239 2.59 -21.80 -10.68
C VAL D 239 1.71 -21.77 -11.93
N SER D 240 1.61 -22.95 -12.54
CA SER D 240 0.79 -23.22 -13.70
C SER D 240 0.16 -24.61 -13.56
N ALA D 241 -0.82 -24.92 -14.39
CA ALA D 241 -1.50 -26.21 -14.28
C ALA D 241 -1.93 -26.76 -15.63
N VAL D 242 -1.92 -28.08 -15.74
CA VAL D 242 -2.35 -28.79 -16.96
C VAL D 242 -3.45 -29.75 -16.52
N GLY D 243 -4.49 -29.91 -17.33
CA GLY D 243 -5.42 -30.97 -17.02
C GLY D 243 -6.09 -31.54 -18.26
N GLY D 244 -6.86 -32.61 -18.05
CA GLY D 244 -7.41 -33.34 -19.19
C GLY D 244 -7.50 -34.83 -18.95
N SER D 245 -7.60 -35.62 -20.02
CA SER D 245 -7.77 -37.06 -19.85
C SER D 245 -6.55 -37.75 -19.28
N ARG D 246 -6.86 -38.71 -18.43
CA ARG D 246 -5.85 -39.59 -17.89
C ARG D 246 -5.05 -40.29 -18.96
N ARG D 247 -5.69 -40.72 -20.06
CA ARG D 247 -4.96 -41.32 -21.16
C ARG D 247 -3.89 -40.41 -21.78
N LEU D 248 -4.26 -39.18 -22.08
CA LEU D 248 -3.40 -38.30 -22.82
C LEU D 248 -2.27 -37.76 -21.95
N LEU D 249 -2.52 -37.69 -20.66
CA LEU D 249 -1.57 -37.10 -19.71
C LEU D 249 -0.88 -38.13 -18.83
N LYS D 250 -1.08 -39.43 -19.10
CA LYS D 250 -0.28 -40.44 -18.43
C LYS D 250 1.24 -40.20 -18.38
N PRO D 251 1.87 -39.74 -19.48
CA PRO D 251 3.31 -39.55 -19.41
C PRO D 251 3.80 -38.48 -18.43
N LEU D 252 2.89 -37.65 -17.94
CA LEU D 252 3.22 -36.70 -16.84
C LEU D 252 3.58 -37.39 -15.53
N LYS D 253 3.32 -38.69 -15.41
CA LYS D 253 3.86 -39.42 -14.26
C LYS D 253 5.38 -39.34 -14.17
N GLU D 254 6.08 -39.03 -15.26
CA GLU D 254 7.52 -38.88 -15.15
C GLU D 254 7.96 -37.54 -14.58
N VAL D 255 7.02 -36.63 -14.36
CA VAL D 255 7.36 -35.30 -13.88
C VAL D 255 7.46 -35.25 -12.35
N SER D 256 8.60 -34.76 -11.85
CA SER D 256 8.72 -34.33 -10.45
C SER D 256 9.75 -33.24 -10.44
N PHE D 257 9.53 -32.24 -9.59
CA PHE D 257 10.49 -31.18 -9.36
C PHE D 257 10.59 -30.82 -7.86
N THR D 258 11.76 -30.37 -7.48
CA THR D 258 12.12 -30.22 -6.10
C THR D 258 11.16 -29.32 -5.29
N SER D 259 10.78 -28.17 -5.86
CA SER D 259 9.99 -27.18 -5.14
C SER D 259 8.48 -27.45 -5.18
N PHE D 260 8.10 -28.64 -5.60
CA PHE D 260 6.70 -28.98 -5.87
C PHE D 260 5.82 -28.65 -4.68
N PHE D 261 6.33 -28.87 -3.46
CA PHE D 261 5.48 -28.70 -2.27
C PHE D 261 5.64 -27.37 -1.58
N GLU D 262 6.33 -26.46 -2.24
CA GLU D 262 6.60 -25.15 -1.62
C GLU D 262 5.29 -24.52 -1.12
N PRO D 263 5.22 -24.24 0.17
CA PRO D 263 3.90 -23.89 0.71
C PRO D 263 3.38 -22.51 0.36
N THR D 264 4.24 -21.54 0.12
CA THR D 264 3.77 -20.19 -0.17
C THR D 264 3.02 -20.12 -1.50
N ILE D 265 3.52 -20.84 -2.50
CA ILE D 265 2.85 -20.88 -3.80
C ILE D 265 1.51 -21.63 -3.70
N LEU D 266 1.48 -22.70 -2.93
CA LEU D 266 0.21 -23.40 -2.72
C LEU D 266 -0.79 -22.51 -2.04
N ALA D 267 -0.33 -21.76 -1.05
CA ALA D 267 -1.19 -20.84 -0.36
C ALA D 267 -1.76 -19.75 -1.25
N ALA D 268 -0.94 -19.17 -2.13
CA ALA D 268 -1.40 -18.15 -3.05
C ALA D 268 -2.44 -18.73 -4.01
N ALA D 269 -2.17 -19.91 -4.51
CA ALA D 269 -3.06 -20.51 -5.50
C ALA D 269 -4.40 -20.84 -4.82
N ASP D 270 -4.35 -21.41 -3.63
CA ASP D 270 -5.58 -21.78 -2.92
C ASP D 270 -6.41 -20.52 -2.65
N ALA D 271 -5.78 -19.45 -2.17
CA ALA D 271 -6.51 -18.20 -1.93
C ALA D 271 -7.08 -17.57 -3.20
N ALA D 272 -6.27 -17.48 -4.25
CA ALA D 272 -6.72 -16.85 -5.51
C ALA D 272 -7.82 -17.66 -6.18
N LEU D 273 -7.64 -18.97 -6.19
CA LEU D 273 -8.59 -19.86 -6.87
C LEU D 273 -9.94 -19.86 -6.12
N ALA D 274 -9.91 -19.69 -4.81
CA ALA D 274 -11.17 -19.55 -4.07
C ALA D 274 -11.95 -18.33 -4.56
N ARG D 275 -11.25 -17.21 -4.81
CA ARG D 275 -11.96 -16.03 -5.27
CA ARG D 275 -11.89 -15.99 -5.28
C ARG D 275 -12.35 -16.19 -6.72
N VAL D 276 -11.47 -16.75 -7.52
CA VAL D 276 -11.78 -17.07 -8.92
C VAL D 276 -13.08 -17.88 -9.05
N ALA D 277 -13.27 -18.85 -8.17
CA ALA D 277 -14.45 -19.76 -8.25
C ALA D 277 -15.77 -18.99 -8.09
N THR D 278 -15.75 -17.86 -7.38
CA THR D 278 -16.97 -17.07 -7.14
C THR D 278 -17.45 -16.30 -8.38
N GLY D 279 -16.58 -16.14 -9.37
CA GLY D 279 -16.82 -15.30 -10.54
C GLY D 279 -16.77 -13.81 -10.29
N GLU D 280 -16.54 -13.40 -9.04
CA GLU D 280 -16.60 -11.98 -8.69
C GLU D 280 -15.43 -11.18 -9.27
N PRO D 281 -14.18 -11.66 -9.10
CA PRO D 281 -13.13 -10.80 -9.68
C PRO D 281 -13.22 -10.63 -11.22
N GLN D 282 -13.63 -11.67 -11.91
CA GLN D 282 -13.77 -11.63 -13.34
C GLN D 282 -14.85 -10.63 -13.74
N ARG D 283 -15.98 -10.62 -13.02
CA ARG D 283 -16.95 -9.58 -13.21
C ARG D 283 -16.45 -8.19 -12.92
N ALA D 284 -15.77 -8.02 -11.80
CA ALA D 284 -15.21 -6.71 -11.41
C ALA D 284 -14.26 -6.17 -12.48
N VAL D 285 -13.42 -7.05 -13.01
CA VAL D 285 -12.45 -6.74 -14.07
C VAL D 285 -13.19 -6.35 -15.35
N ARG D 286 -14.18 -7.16 -15.75
CA ARG D 286 -14.91 -6.79 -16.94
C ARG D 286 -15.59 -5.43 -16.79
N GLU D 287 -16.30 -5.25 -15.66
CA GLU D 287 -17.07 -4.04 -15.46
C GLU D 287 -16.16 -2.83 -15.39
N ALA D 288 -15.06 -2.94 -14.69
CA ALA D 288 -14.11 -1.82 -14.58
C ALA D 288 -13.45 -1.52 -15.90
N GLY D 289 -12.97 -2.55 -16.60
CA GLY D 289 -12.38 -2.35 -17.89
C GLY D 289 -13.35 -1.68 -18.86
N ASP D 290 -14.61 -2.11 -18.82
CA ASP D 290 -15.63 -1.57 -19.74
C ASP D 290 -15.93 -0.11 -19.42
N ARG D 291 -15.90 0.24 -18.14
CA ARG D 291 -16.02 1.63 -17.73
C ARG D 291 -14.91 2.48 -18.29
N PHE D 292 -13.67 2.03 -18.09
CA PHE D 292 -12.54 2.70 -18.68
C PHE D 292 -12.73 2.84 -20.19
N LEU D 293 -13.10 1.76 -20.87
CA LEU D 293 -13.26 1.81 -22.32
C LEU D 293 -14.32 2.78 -22.80
N ARG D 294 -15.43 2.90 -22.08
CA ARG D 294 -16.48 3.83 -22.49
C ARG D 294 -15.91 5.24 -22.55
N HIS D 295 -15.22 5.64 -21.49
CA HIS D 295 -14.51 6.92 -21.49
C HIS D 295 -13.42 7.02 -22.57
N ALA D 296 -12.58 6.00 -22.70
CA ALA D 296 -11.43 6.09 -23.61
C ALA D 296 -11.91 6.23 -25.06
N ARG D 297 -12.93 5.46 -25.42
CA ARG D 297 -13.46 5.49 -26.79
C ARG D 297 -14.08 6.84 -27.07
N LYS D 298 -14.81 7.36 -26.10
CA LYS D 298 -15.36 8.70 -26.24
C LYS D 298 -14.27 9.76 -26.35
N ALA D 299 -13.29 9.71 -25.47
CA ALA D 299 -12.19 10.65 -25.54
C ALA D 299 -11.42 10.62 -26.86
N LEU D 300 -11.22 9.45 -27.44
CA LEU D 300 -10.45 9.37 -28.67
C LEU D 300 -11.30 9.94 -29.79
N ASP D 301 -12.59 9.64 -29.74
CA ASP D 301 -13.53 10.13 -30.76
C ASP D 301 -13.70 11.66 -30.68
N ASP D 302 -13.93 12.19 -29.48
CA ASP D 302 -13.95 13.66 -29.25
C ASP D 302 -12.70 14.36 -29.76
N ALA D 303 -11.53 13.71 -29.67
CA ALA D 303 -10.28 14.24 -30.18
C ALA D 303 -9.93 13.95 -31.66
N SER D 304 -10.84 13.28 -32.37
CA SER D 304 -10.63 12.83 -33.74
C SER D 304 -9.36 12.03 -33.97
N LEU D 305 -9.05 11.15 -33.02
CA LEU D 305 -7.84 10.36 -33.08
C LEU D 305 -8.22 9.01 -33.70
N PRO D 306 -7.49 8.60 -34.75
CA PRO D 306 -7.79 7.31 -35.37
C PRO D 306 -7.15 6.14 -34.65
N VAL D 307 -7.77 5.78 -33.53
CA VAL D 307 -7.38 4.65 -32.70
C VAL D 307 -8.63 3.87 -32.33
N GLU D 308 -8.72 2.64 -32.82
CA GLU D 308 -9.79 1.73 -32.44
C GLU D 308 -9.32 1.01 -31.22
N ILE D 309 -10.25 0.44 -30.44
CA ILE D 309 -9.88 -0.47 -29.38
C ILE D 309 -10.53 -1.83 -29.58
N ALA D 310 -9.71 -2.87 -29.71
CA ALA D 310 -10.14 -4.24 -29.81
C ALA D 310 -10.37 -4.77 -28.42
N GLY D 311 -11.29 -5.73 -28.31
CA GLY D 311 -11.47 -6.40 -27.05
C GLY D 311 -12.51 -5.72 -26.19
N ASP D 312 -12.42 -6.01 -24.90
CA ASP D 312 -13.37 -5.51 -23.93
C ASP D 312 -12.69 -5.36 -22.58
N GLY D 313 -13.46 -5.23 -21.51
CA GLY D 313 -12.89 -4.89 -20.19
C GLY D 313 -11.97 -5.97 -19.62
N THR D 314 -12.16 -7.22 -20.01
CA THR D 314 -11.33 -8.30 -19.58
C THR D 314 -9.91 -8.17 -20.19
N PHE D 315 -9.84 -7.91 -21.49
CA PHE D 315 -8.57 -7.69 -22.23
C PHE D 315 -8.90 -6.81 -23.42
N PHE D 316 -8.21 -5.67 -23.56
CA PHE D 316 -8.43 -4.75 -24.67
C PHE D 316 -7.09 -4.32 -25.24
N GLN D 317 -7.11 -3.82 -26.47
CA GLN D 317 -5.87 -3.45 -27.15
C GLN D 317 -6.13 -2.24 -28.03
N PHE D 318 -5.31 -1.21 -27.86
CA PHE D 318 -5.38 -0.06 -28.74
C PHE D 318 -4.85 -0.45 -30.12
N VAL D 319 -5.59 -0.04 -31.14
CA VAL D 319 -5.22 -0.29 -32.54
C VAL D 319 -5.14 1.05 -33.23
N PRO D 320 -3.95 1.68 -33.16
CA PRO D 320 -3.82 2.98 -33.85
C PRO D 320 -3.62 2.80 -35.33
N ALA D 321 -3.96 3.83 -36.09
CA ALA D 321 -3.91 3.76 -37.55
C ALA D 321 -2.49 3.71 -38.07
N THR D 322 -1.56 4.30 -37.32
CA THR D 322 -0.15 4.24 -37.70
C THR D 322 0.76 3.87 -36.54
N GLU D 323 1.92 3.32 -36.89
CA GLU D 323 2.95 2.99 -35.91
C GLU D 323 3.44 4.25 -35.23
N GLU D 324 3.48 5.35 -35.97
CA GLU D 324 3.82 6.65 -35.41
C GLU D 324 2.89 7.09 -34.29
N LEU D 325 1.58 7.02 -34.55
CA LEU D 325 0.59 7.32 -33.54
C LEU D 325 0.61 6.33 -32.36
N GLU D 326 0.93 5.07 -32.64
CA GLU D 326 1.05 4.08 -31.58
C GLU D 326 2.16 4.49 -30.61
N GLU D 327 3.32 4.83 -31.17
CA GLU D 327 4.41 5.33 -30.34
C GLU D 327 4.06 6.56 -29.53
N ALA D 328 3.38 7.53 -30.16
CA ALA D 328 2.97 8.76 -29.50
C ALA D 328 1.99 8.46 -28.38
N LEU D 329 1.13 7.47 -28.60
CA LEU D 329 0.09 7.12 -27.63
C LEU D 329 0.69 6.60 -26.34
N TYR D 330 1.63 5.67 -26.45
CA TYR D 330 2.27 5.08 -25.28
C TYR D 330 3.19 6.14 -24.66
N GLY D 331 3.85 6.97 -25.46
CA GLY D 331 4.68 8.05 -24.89
C GLY D 331 3.82 9.04 -24.06
N ALA D 332 2.65 9.40 -24.57
CA ALA D 332 1.71 10.23 -23.83
C ALA D 332 1.17 9.55 -22.56
N ALA D 333 0.84 8.27 -22.68
CA ALA D 333 0.36 7.54 -21.55
C ALA D 333 1.40 7.46 -20.43
N ASN D 334 2.64 7.22 -20.87
CA ASN D 334 3.73 7.12 -19.89
C ASN D 334 3.90 8.47 -19.19
N ALA D 335 3.80 9.57 -19.94
CA ALA D 335 3.92 10.90 -19.34
C ALA D 335 2.85 11.19 -18.32
N GLU D 336 1.65 10.60 -18.52
CA GLU D 336 0.53 10.77 -17.62
C GLU D 336 0.39 9.69 -16.56
N GLY D 337 1.29 8.72 -16.54
CA GLY D 337 1.28 7.69 -15.48
C GLY D 337 0.19 6.63 -15.67
N LEU D 338 -0.15 6.34 -16.92
CA LEU D 338 -0.94 5.14 -17.26
C LEU D 338 0.00 4.10 -17.83
N LEU D 339 0.22 3.03 -17.07
CA LEU D 339 1.17 1.98 -17.46
C LEU D 339 0.45 0.89 -18.28
N PHE D 340 0.52 1.07 -19.61
CA PHE D 340 -0.05 0.11 -20.53
C PHE D 340 1.04 -0.88 -20.87
N TYR D 341 0.64 -2.13 -21.15
CA TYR D 341 1.51 -3.15 -21.67
C TYR D 341 1.69 -2.79 -23.14
N ALA D 342 2.85 -2.23 -23.52
CA ALA D 342 2.97 -1.49 -24.75
C ALA D 342 2.70 -2.39 -25.97
N GLY D 343 1.72 -2.02 -26.77
CA GLY D 343 1.45 -2.67 -28.02
C GLY D 343 0.60 -3.92 -27.87
N ASP D 344 0.29 -4.30 -26.61
CA ASP D 344 -0.21 -5.60 -26.31
C ASP D 344 -1.60 -5.46 -25.66
N ASN D 345 -2.01 -6.45 -24.90
CA ASN D 345 -3.33 -6.37 -24.29
C ASN D 345 -3.28 -5.76 -22.91
N GLN D 346 -4.25 -4.90 -22.60
CA GLN D 346 -4.36 -4.30 -21.26
C GLN D 346 -5.29 -5.12 -20.44
N GLY D 347 -4.85 -5.46 -19.22
CA GLY D 347 -5.61 -6.31 -18.35
C GLY D 347 -5.78 -5.74 -16.98
N VAL D 348 -6.90 -5.06 -16.78
CA VAL D 348 -7.15 -4.43 -15.47
C VAL D 348 -7.33 -5.48 -14.38
N SER D 349 -7.15 -5.08 -13.11
CA SER D 349 -7.39 -5.98 -11.99
C SER D 349 -8.69 -5.65 -11.26
N ALA D 350 -9.06 -6.52 -10.32
CA ALA D 350 -10.24 -6.30 -9.51
C ALA D 350 -10.10 -5.15 -8.50
N ALA D 351 -8.89 -4.64 -8.35
CA ALA D 351 -8.60 -3.47 -7.53
C ALA D 351 -8.79 -2.13 -8.27
N PHE D 352 -9.34 -2.16 -9.47
CA PHE D 352 -9.68 -0.93 -10.23
C PHE D 352 -10.96 -0.34 -9.70
N ASP D 353 -10.85 0.33 -8.57
CA ASP D 353 -11.97 0.85 -7.84
C ASP D 353 -12.34 2.24 -8.34
N GLU D 354 -13.29 2.88 -7.69
CA GLU D 354 -13.79 4.15 -8.19
CA GLU D 354 -13.81 4.18 -8.17
C GLU D 354 -12.71 5.24 -8.25
N ALA D 355 -11.74 5.17 -7.36
CA ALA D 355 -10.66 6.17 -7.33
C ALA D 355 -9.67 5.92 -8.46
N VAL D 356 -9.39 4.65 -8.74
CA VAL D 356 -8.52 4.31 -9.84
C VAL D 356 -9.19 4.71 -11.13
N LEU D 357 -10.50 4.43 -11.26
CA LEU D 357 -11.16 4.73 -12.53
C LEU D 357 -11.29 6.24 -12.76
N GLY D 358 -11.56 7.01 -11.70
CA GLY D 358 -11.73 8.45 -11.84
C GLY D 358 -10.43 9.06 -12.26
N GLU D 359 -9.35 8.65 -11.59
CA GLU D 359 -8.03 9.10 -11.95
C GLU D 359 -7.57 8.66 -13.34
N ALA D 360 -7.87 7.42 -13.69
CA ALA D 360 -7.58 6.95 -15.06
C ALA D 360 -8.29 7.78 -16.12
N GLU D 361 -9.55 8.13 -15.89
CA GLU D 361 -10.27 9.03 -16.81
C GLU D 361 -9.59 10.37 -16.95
N ARG D 362 -9.18 10.99 -15.84
CA ARG D 362 -8.51 12.28 -15.94
C ARG D 362 -7.19 12.16 -16.70
N ARG D 363 -6.44 11.13 -16.37
CA ARG D 363 -5.18 10.93 -17.06
C ARG D 363 -5.35 10.61 -18.54
N PHE D 364 -6.35 9.80 -18.88
CA PHE D 364 -6.51 9.46 -20.29
C PHE D 364 -7.00 10.69 -21.09
N ALA D 365 -7.84 11.51 -20.49
CA ALA D 365 -8.17 12.80 -21.10
C ALA D 365 -6.95 13.64 -21.43
N ARG D 366 -6.01 13.73 -20.51
CA ARG D 366 -4.74 14.37 -20.79
C ARG D 366 -3.91 13.70 -21.85
N VAL D 367 -3.90 12.37 -21.89
CA VAL D 367 -3.26 11.69 -23.02
C VAL D 367 -3.83 12.21 -24.35
N CYS D 368 -5.14 12.29 -24.43
CA CYS D 368 -5.76 12.65 -25.72
C CYS D 368 -5.41 14.11 -26.06
N GLU D 369 -5.27 14.94 -25.03
CA GLU D 369 -4.80 16.32 -25.28
C GLU D 369 -3.39 16.35 -25.88
N ARG D 370 -2.47 15.53 -25.34
CA ARG D 370 -1.12 15.46 -25.84
C ARG D 370 -1.07 14.98 -27.29
N LEU D 371 -2.05 14.18 -27.68
CA LEU D 371 -2.11 13.65 -29.02
C LEU D 371 -2.79 14.57 -30.04
N ALA D 372 -3.15 15.78 -29.65
CA ALA D 372 -3.80 16.73 -30.60
C ALA D 372 -3.17 16.86 -32.00
N PRO D 373 -1.83 16.81 -32.14
CA PRO D 373 -1.22 16.85 -33.47
C PRO D 373 -1.67 15.78 -34.44
N TYR D 374 -2.20 14.68 -33.89
CA TYR D 374 -2.63 13.53 -34.66
C TYR D 374 -4.13 13.57 -34.99
N ALA D 375 -4.85 14.59 -34.55
CA ALA D 375 -6.27 14.80 -34.79
C ALA D 375 -6.57 14.81 -36.31
N GLY D 376 -7.60 14.08 -36.70
CA GLY D 376 -8.04 14.04 -38.09
C GLY D 376 -7.26 13.13 -39.00
N GLY D 377 -6.40 12.26 -38.46
CA GLY D 377 -5.65 11.32 -39.26
C GLY D 377 -6.58 10.37 -40.01
N GLU D 378 -6.07 9.80 -41.07
CA GLU D 378 -6.82 8.81 -41.86
C GLU D 378 -7.22 7.66 -40.92
N PRO D 379 -8.41 7.10 -41.12
CA PRO D 379 -8.83 6.06 -40.18
C PRO D 379 -8.03 4.77 -40.28
N VAL D 380 -8.20 3.98 -39.23
CA VAL D 380 -7.56 2.69 -39.11
C VAL D 380 -7.91 1.81 -40.33
N GLY D 381 -6.88 1.21 -40.91
CA GLY D 381 -7.02 0.22 -41.99
C GLY D 381 -6.57 -1.18 -41.60
N ASP D 382 -6.77 -2.12 -42.51
CA ASP D 382 -6.49 -3.49 -42.19
C ASP D 382 -5.02 -3.80 -41.95
N ALA D 383 -4.11 -3.12 -42.62
CA ALA D 383 -2.72 -3.44 -42.40
C ALA D 383 -2.37 -3.18 -40.92
N ALA D 384 -2.90 -2.10 -40.37
CA ALA D 384 -2.68 -1.75 -38.96
C ALA D 384 -3.32 -2.78 -38.08
N ARG D 385 -4.55 -3.18 -38.40
CA ARG D 385 -5.23 -4.16 -37.55
C ARG D 385 -4.44 -5.48 -37.53
N TYR D 386 -3.90 -5.91 -38.67
CA TYR D 386 -3.13 -7.15 -38.76
C TYR D 386 -1.82 -7.01 -37.97
N ARG D 387 -1.16 -5.88 -38.17
CA ARG D 387 0.14 -5.62 -37.47
C ARG D 387 -0.04 -5.64 -35.95
N VAL D 388 -0.98 -4.83 -35.47
CA VAL D 388 -1.29 -4.76 -34.03
C VAL D 388 -1.73 -6.08 -33.46
N ALA D 389 -2.67 -6.77 -34.10
CA ALA D 389 -3.06 -8.09 -33.61
C ALA D 389 -1.91 -9.09 -33.54
N TRP D 390 -1.01 -9.05 -34.53
CA TRP D 390 0.14 -9.94 -34.53
C TRP D 390 0.96 -9.76 -33.27
N ASN D 391 1.01 -8.51 -32.81
CA ASN D 391 1.81 -8.24 -31.61
C ASN D 391 1.22 -8.85 -30.36
N VAL D 392 -0.09 -9.10 -30.30
CA VAL D 392 -0.62 -9.75 -29.13
C VAL D 392 -0.72 -11.26 -29.35
N MET D 393 -1.00 -11.71 -30.57
CA MET D 393 -1.33 -13.13 -30.73
C MET D 393 -0.31 -13.96 -31.50
N ASP D 394 0.73 -13.36 -32.07
CA ASP D 394 1.72 -14.04 -32.88
C ASP D 394 1.09 -14.86 -34.00
N GLY D 395 0.05 -14.28 -34.60
CA GLY D 395 -0.61 -14.92 -35.75
C GLY D 395 -1.63 -13.95 -36.25
N LEU D 396 -2.56 -14.44 -37.10
CA LEU D 396 -3.49 -13.60 -37.83
C LEU D 396 -4.86 -13.50 -37.17
N ARG D 397 -5.29 -12.25 -37.00
CA ARG D 397 -6.62 -11.92 -36.57
C ARG D 397 -7.55 -12.52 -37.65
N GLN D 398 -8.77 -12.76 -37.23
CA GLN D 398 -9.79 -13.35 -38.12
C GLN D 398 -10.36 -12.27 -39.05
N ALA D 399 -10.33 -12.55 -40.34
CA ALA D 399 -10.95 -11.69 -41.35
C ALA D 399 -11.00 -12.47 -42.67
N PRO D 400 -11.84 -12.02 -43.62
CA PRO D 400 -11.83 -12.67 -44.94
C PRO D 400 -10.50 -12.55 -45.66
N ARG D 401 -9.95 -13.68 -46.11
CA ARG D 401 -8.76 -13.68 -46.96
C ARG D 401 -8.70 -14.93 -47.82
N ASP D 402 -7.89 -14.85 -48.87
CA ASP D 402 -7.53 -16.02 -49.64
C ASP D 402 -6.10 -16.38 -49.36
N ARG D 403 -5.65 -17.50 -49.91
CA ARG D 403 -4.37 -18.09 -49.53
C ARG D 403 -3.23 -17.17 -49.95
N GLU D 404 -3.42 -16.53 -51.10
CA GLU D 404 -2.49 -15.52 -51.59
C GLU D 404 -2.33 -14.41 -50.53
N GLU D 405 -3.44 -13.92 -50.02
CA GLU D 405 -3.40 -12.84 -49.00
C GLU D 405 -2.78 -13.33 -47.67
N THR D 406 -3.14 -14.55 -47.27
CA THR D 406 -2.56 -15.14 -46.06
C THR D 406 -1.03 -15.25 -46.19
N THR D 407 -0.54 -15.81 -47.29
CA THR D 407 0.89 -15.92 -47.56
C THR D 407 1.63 -14.61 -47.52
N GLY D 408 1.04 -13.58 -48.11
CA GLY D 408 1.67 -12.25 -48.17
C GLY D 408 1.74 -11.64 -46.77
N LEU D 409 0.68 -11.80 -46.00
CA LEU D 409 0.62 -11.27 -44.62
C LEU D 409 1.69 -11.91 -43.71
N LEU D 410 1.83 -13.24 -43.80
CA LEU D 410 2.90 -13.92 -43.08
C LEU D 410 4.27 -13.43 -43.49
N ALA D 411 4.52 -13.26 -44.78
CA ALA D 411 5.81 -12.76 -45.24
C ALA D 411 6.11 -11.37 -44.68
N ARG D 412 5.14 -10.47 -44.79
CA ARG D 412 5.30 -9.09 -44.28
C ARG D 412 5.50 -9.09 -42.77
N LEU D 413 4.63 -9.80 -42.05
CA LEU D 413 4.64 -9.69 -40.59
C LEU D 413 5.82 -10.38 -39.90
N LEU D 414 6.28 -11.49 -40.45
CA LEU D 414 7.48 -12.15 -39.95
C LEU D 414 8.78 -11.45 -40.37
N ASP D 415 8.80 -10.80 -41.53
CA ASP D 415 9.96 -10.03 -41.96
C ASP D 415 10.17 -8.83 -41.04
N ASP D 416 9.11 -8.09 -40.73
CA ASP D 416 9.22 -6.85 -39.94
C ASP D 416 9.55 -7.07 -38.44
N LEU D 417 9.29 -8.28 -37.95
CA LEU D 417 9.60 -8.63 -36.56
C LEU D 417 10.99 -9.24 -36.34
N GLU D 418 11.74 -9.51 -37.41
CA GLU D 418 12.86 -10.44 -37.31
C GLU D 418 14.03 -9.96 -36.44
N HIS D 419 14.37 -8.67 -36.52
CA HIS D 419 15.52 -8.12 -35.78
C HIS D 419 15.12 -7.31 -34.53
N HIS D 420 14.06 -7.78 -33.87
CA HIS D 420 13.34 -7.05 -32.82
C HIS D 420 12.98 -8.01 -31.69
N HIS D 421 13.31 -7.63 -30.46
CA HIS D 421 12.83 -8.37 -29.30
C HIS D 421 11.30 -8.42 -29.20
N HIS D 422 10.77 -9.63 -28.99
CA HIS D 422 9.33 -9.85 -28.83
C HIS D 422 8.96 -9.44 -27.39
N HIS D 423 7.71 -9.06 -27.18
CA HIS D 423 7.25 -8.60 -25.85
C HIS D 423 6.27 -9.61 -25.25
N HIS D 424 6.72 -10.87 -25.20
CA HIS D 424 5.92 -12.01 -24.73
C HIS D 424 5.81 -12.08 -23.21
N1 PMP E . -4.31 35.51 12.79
C2 PMP E . -4.20 36.30 11.72
C2A PMP E . -3.17 37.38 11.61
C3 PMP E . -5.15 36.18 10.61
O3 PMP E . -5.08 36.99 9.52
C4 PMP E . -6.17 35.11 10.71
C4A PMP E . -7.18 34.85 9.65
N4A PMP E . -6.98 35.79 8.60
C5 PMP E . -6.17 34.29 11.93
C6 PMP E . -5.24 34.53 12.92
C5A PMP E . -7.20 33.20 12.05
O4P PMP E . -6.90 32.19 11.09
P PMP E . -8.12 31.18 10.70
O1P PMP E . -9.01 32.01 9.82
O2P PMP E . -8.81 30.76 11.96
O3P PMP E . -7.42 30.12 9.91
C1 EDO F . 0.35 26.18 -10.97
O1 EDO F . -0.60 26.06 -9.89
C2 EDO F . 1.00 27.55 -10.87
O2 EDO F . 1.62 27.72 -9.56
N1 PMP G . -15.74 15.48 22.36
C2 PMP G . -15.73 14.14 22.48
C2A PMP G . -16.82 13.34 23.10
C3 PMP G . -14.63 13.36 21.90
O3 PMP G . -14.56 12.00 21.95
C4 PMP G . -13.56 14.12 21.27
C4A PMP G . -12.42 13.35 20.66
N4A PMP G . -11.60 12.78 21.69
C5 PMP G . -13.66 15.58 21.26
C6 PMP G . -14.74 16.23 21.82
C5A PMP G . -12.52 16.36 20.61
O4P PMP G . -12.56 16.19 19.22
P PMP G . -11.15 16.50 18.36
O1P PMP G . -10.70 17.85 18.85
O2P PMP G . -11.62 16.48 16.90
O3P PMP G . -10.25 15.40 18.81
N1 PMP H . 20.11 -31.28 -11.57
C2 PMP H . 20.51 -31.92 -10.45
C2A PMP H . 21.95 -32.31 -10.17
C3 PMP H . 19.48 -32.22 -9.42
O3 PMP H . 19.78 -32.87 -8.28
C4 PMP H . 18.09 -31.85 -9.68
C4A PMP H . 17.00 -32.09 -8.66
N4A PMP H . 17.36 -33.14 -7.72
C5 PMP H . 17.78 -31.17 -10.96
C6 PMP H . 18.83 -30.93 -11.84
C5A PMP H . 16.36 -30.75 -11.24
O4P PMP H . 15.95 -29.67 -10.39
P PMP H . 14.35 -29.44 -10.16
O1P PMP H . 14.48 -28.11 -9.40
O2P PMP H . 13.92 -30.63 -9.34
O3P PMP H . 13.71 -29.38 -11.50
NA NA I . 0.85 -2.60 -1.09
N1 PMP J . 1.23 -19.63 -23.28
C2 PMP J . 0.58 -18.46 -23.42
C2A PMP J . -0.69 -18.25 -24.20
C3 PMP J . 1.11 -17.21 -22.85
O3 PMP J . 0.47 -16.03 -23.03
C4 PMP J . 2.37 -17.32 -22.10
C4A PMP J . 2.98 -16.10 -21.46
N4A PMP J . 2.84 -14.95 -22.33
C5 PMP J . 2.98 -18.66 -22.00
C6 PMP J . 2.38 -19.77 -22.58
C5A PMP J . 4.25 -18.81 -21.22
O4P PMP J . 3.94 -18.62 -19.84
P PMP J . 5.21 -18.22 -18.86
O1P PMP J . 5.57 -16.82 -19.25
O2P PMP J . 6.28 -19.19 -19.18
O3P PMP J . 4.58 -18.37 -17.48
#